data_8TDT
# 
_entry.id   8TDT 
# 
_audit_conform.dict_name       mmcif_pdbx.dic 
_audit_conform.dict_version    5.383 
_audit_conform.dict_location   http://mmcif.pdb.org/dictionaries/ascii/mmcif_pdbx.dic 
# 
loop_
_database_2.database_id 
_database_2.database_code 
_database_2.pdbx_database_accession 
_database_2.pdbx_DOI 
PDB   8TDT         pdb_00008tdt 10.2210/pdb8tdt/pdb 
WWPDB D_1000275303 ?            ?                   
# 
_pdbx_database_status.status_code                     REL 
_pdbx_database_status.status_code_sf                  REL 
_pdbx_database_status.status_code_mr                  ? 
_pdbx_database_status.entry_id                        8TDT 
_pdbx_database_status.recvd_initial_deposition_date   2023-07-04 
_pdbx_database_status.SG_entry                        N 
_pdbx_database_status.deposit_site                    RCSB 
_pdbx_database_status.process_site                    RCSB 
_pdbx_database_status.status_code_cs                  ? 
_pdbx_database_status.status_code_nmr_data            ? 
_pdbx_database_status.methods_development_category    ? 
_pdbx_database_status.pdb_format_compatible           Y 
# 
loop_
_audit_author.name 
_audit_author.pdbx_ordinal 
_audit_author.identifier_ORCID 
'Simmons, C.R.'      1 0000-0002-2290-6132 
'MacCulloch, T.'     2 0000-0001-5875-3361 
'Stephanopoulos, N.' 3 0000-0001-7859-410X 
'Yan, H.'            4 0000-0001-7397-9852 
# 
_citation.abstract                  ? 
_citation.abstract_id_CAS           ? 
_citation.book_id_ISBN              ? 
_citation.book_publisher            ? 
_citation.book_publisher_city       ? 
_citation.book_title                ? 
_citation.coordinate_linkage        ? 
_citation.country                   US 
_citation.database_id_Medline       ? 
_citation.details                   ? 
_citation.id                        primary 
_citation.journal_abbrev            J.Am.Chem.Soc. 
_citation.journal_id_ASTM           JACSAT 
_citation.journal_id_CSD            ? 
_citation.journal_id_ISSN           1520-5126 
_citation.journal_full              ? 
_citation.journal_issue             ? 
_citation.journal_volume            145 
_citation.language                  ? 
_citation.page_first                26075 
_citation.page_last                 26085 
_citation.title                     
;Site-Specific Arrangement and Structure Determination of Minor Groove Binding Molecules in Self-Assembled Three-Dimensional DNA Crystals.
;
_citation.year                      2023 
_citation.database_id_CSD           ? 
_citation.pdbx_database_id_DOI      10.1021/jacs.3c07802 
_citation.pdbx_database_id_PubMed   37987645 
_citation.pdbx_database_id_patent   ? 
_citation.unpublished_flag          ? 
# 
loop_
_citation_author.citation_id 
_citation_author.name 
_citation_author.ordinal 
_citation_author.identifier_ORCID 
primary 'Simmons, C.R.'      1 0000-0002-2290-6132 
primary 'Buchberger, A.'     2 ?                   
primary 'Henry, S.J.W.'      3 0000-0002-5132-3948 
primary 'Novacek, A.'        4 ?                   
primary 'Fahmi, N.E.'        5 ?                   
primary 'MacCulloch, T.'     6 ?                   
primary 'Stephanopoulos, N.' 7 0000-0001-7859-410X 
primary 'Yan, H.'            8 0000-0001-7397-9852 
# 
_cell.angle_alpha                  90.00 
_cell.angle_alpha_esd              ? 
_cell.angle_beta                   90.00 
_cell.angle_beta_esd               ? 
_cell.angle_gamma                  120.00 
_cell.angle_gamma_esd              ? 
_cell.entry_id                     8TDT 
_cell.details                      ? 
_cell.formula_units_Z              ? 
_cell.length_a                     68.487 
_cell.length_a_esd                 ? 
_cell.length_b                     68.487 
_cell.length_b_esd                 ? 
_cell.length_c                     56.749 
_cell.length_c_esd                 ? 
_cell.volume                       ? 
_cell.volume_esd                   ? 
_cell.Z_PDB                        3 
_cell.reciprocal_angle_alpha       ? 
_cell.reciprocal_angle_beta        ? 
_cell.reciprocal_angle_gamma       ? 
_cell.reciprocal_angle_alpha_esd   ? 
_cell.reciprocal_angle_beta_esd    ? 
_cell.reciprocal_angle_gamma_esd   ? 
_cell.reciprocal_length_a          ? 
_cell.reciprocal_length_b          ? 
_cell.reciprocal_length_c          ? 
_cell.reciprocal_length_a_esd      ? 
_cell.reciprocal_length_b_esd      ? 
_cell.reciprocal_length_c_esd      ? 
_cell.pdbx_unique_axis             ? 
_cell.pdbx_esd_method              ? 
# 
_symmetry.entry_id                         8TDT 
_symmetry.cell_setting                     ? 
_symmetry.Int_Tables_number                145 
_symmetry.space_group_name_Hall            ? 
_symmetry.space_group_name_H-M             'P 32' 
_symmetry.pdbx_full_space_group_name_H-M   ? 
# 
loop_
_entity.id 
_entity.type 
_entity.src_method 
_entity.pdbx_description 
_entity.formula_weight 
_entity.pdbx_number_of_molecules 
_entity.pdbx_ec 
_entity.pdbx_mutation 
_entity.pdbx_fragment 
_entity.details 
1 polymer     syn 
;DNA (5'-D(*GP*AP*GP*CP*AP*GP*AP*CP*CP*TP*GP*AP*CP*GP*GP*AP*AP*AP*TP*TP*A)-3')
;
6505.238 1 ? ? ? ? 
2 polymer     syn 
;DNA (5'-D(P*CP*CP*GP*TP*CP*A)-3')
;
1769.193 1 ? ? ? ? 
3 polymer     syn 
;DNA (5'-D(*TP*CP*TP*AP*AP*TP*TP*T)-3')
;
2391.602 1 ? ? ? ? 
4 polymer     syn 
;DNA (5'-D(P*GP*GP*TP*CP*TP*GP*C)-3')
;
2129.409 1 ? ? ? ? 
5 non-polymer syn 'CACODYLATE ION'                                                                136.989  4 ? ? ? ? 
6 non-polymer syn 'MAGNESIUM ION'                                                                 24.305   2 ? ? ? ? 
7 non-polymer syn '6-AMIDINE-2-(4-AMIDINO-PHENYL)INDOLE'                                          277.324  1 ? ? ? ? 
8 water       nat water                                                                           18.015   3 ? ? ? ? 
# 
loop_
_entity_poly.entity_id 
_entity_poly.type 
_entity_poly.nstd_linkage 
_entity_poly.nstd_monomer 
_entity_poly.pdbx_seq_one_letter_code 
_entity_poly.pdbx_seq_one_letter_code_can 
_entity_poly.pdbx_strand_id 
_entity_poly.pdbx_target_identifier 
1 polydeoxyribonucleotide no no 
;(DG)(DA)(DG)(DC)(DA)(DG)(DA)(DC)(DC)(DT)(DG)(DA)(DC)(DG)(DG)(DA)(DA)(DA)(DT)(DT)
(DA)
;
GAGCAGACCTGACGGAAATTA A ? 
2 polydeoxyribonucleotide no no '(DC)(DC)(DG)(DT)(DC)(DA)'                                                              CCGTCA B ? 
3 polydeoxyribonucleotide no no '(DT)(DC)(DT)(DA)(DA)(DT)(DT)(DT)'                                                      TCTAATTT C 
? 
4 polydeoxyribonucleotide no no '(DG)(DG)(DT)(DC)(DT)(DG)(DC)'                                                          GGTCTGC D 
? 
# 
loop_
_entity_poly_seq.entity_id 
_entity_poly_seq.num 
_entity_poly_seq.mon_id 
_entity_poly_seq.hetero 
1 1  DG n 
1 2  DA n 
1 3  DG n 
1 4  DC n 
1 5  DA n 
1 6  DG n 
1 7  DA n 
1 8  DC n 
1 9  DC n 
1 10 DT n 
1 11 DG n 
1 12 DA n 
1 13 DC n 
1 14 DG n 
1 15 DG n 
1 16 DA n 
1 17 DA n 
1 18 DA n 
1 19 DT n 
1 20 DT n 
1 21 DA n 
2 1  DC n 
2 2  DC n 
2 3  DG n 
2 4  DT n 
2 5  DC n 
2 6  DA n 
3 1  DT n 
3 2  DC n 
3 3  DT n 
3 4  DA n 
3 5  DA n 
3 6  DT n 
3 7  DT n 
3 8  DT n 
4 1  DG n 
4 2  DG n 
4 3  DT n 
4 4  DC n 
4 5  DT n 
4 6  DG n 
4 7  DC n 
# 
loop_
_pdbx_entity_src_syn.entity_id 
_pdbx_entity_src_syn.pdbx_src_id 
_pdbx_entity_src_syn.pdbx_alt_source_flag 
_pdbx_entity_src_syn.pdbx_beg_seq_num 
_pdbx_entity_src_syn.pdbx_end_seq_num 
_pdbx_entity_src_syn.organism_scientific 
_pdbx_entity_src_syn.organism_common_name 
_pdbx_entity_src_syn.ncbi_taxonomy_id 
_pdbx_entity_src_syn.details 
1 1 sample 1 21 'synthetic construct' ? 32630 ? 
2 1 sample 1 6  'synthetic construct' ? 32630 ? 
3 1 sample 1 8  'synthetic construct' ? 32630 ? 
4 1 sample 1 7  'synthetic construct' ? 32630 ? 
# 
loop_
_struct_ref.id 
_struct_ref.db_name 
_struct_ref.db_code 
_struct_ref.pdbx_db_accession 
_struct_ref.pdbx_db_isoform 
_struct_ref.entity_id 
_struct_ref.pdbx_seq_one_letter_code 
_struct_ref.pdbx_align_begin 
1 PDB 8TDT 8TDT ? 1 ? 1 
2 PDB 8TDT 8TDT ? 2 ? 1 
3 PDB 8TDT 8TDT ? 3 ? 1 
4 PDB 8TDT 8TDT ? 4 ? 1 
# 
loop_
_struct_ref_seq.align_id 
_struct_ref_seq.ref_id 
_struct_ref_seq.pdbx_PDB_id_code 
_struct_ref_seq.pdbx_strand_id 
_struct_ref_seq.seq_align_beg 
_struct_ref_seq.pdbx_seq_align_beg_ins_code 
_struct_ref_seq.seq_align_end 
_struct_ref_seq.pdbx_seq_align_end_ins_code 
_struct_ref_seq.pdbx_db_accession 
_struct_ref_seq.db_align_beg 
_struct_ref_seq.pdbx_db_align_beg_ins_code 
_struct_ref_seq.db_align_end 
_struct_ref_seq.pdbx_db_align_end_ins_code 
_struct_ref_seq.pdbx_auth_seq_align_beg 
_struct_ref_seq.pdbx_auth_seq_align_end 
1 1 8TDT A 1 ? 21 ? 8TDT 1  ? 21 ? 1  21 
2 2 8TDT B 1 ? 6  ? 8TDT 0  ? 5  ? 0  5  
3 3 8TDT C 1 ? 8  ? 8TDT 1  ? 8  ? 1  8  
4 4 8TDT D 1 ? 7  ? 8TDT 10 ? 16 ? 10 16 
# 
loop_
_chem_comp.id 
_chem_comp.type 
_chem_comp.mon_nstd_flag 
_chem_comp.name 
_chem_comp.pdbx_synonyms 
_chem_comp.formula 
_chem_comp.formula_weight 
CAC non-polymer   . 'CACODYLATE ION'                       dimethylarsinate 'C2 H6 As O2 -1'  136.989 
DA  'DNA linking' y "2'-DEOXYADENOSINE-5'-MONOPHOSPHATE"   ?                'C10 H14 N5 O6 P' 331.222 
DAP non-polymer   . '6-AMIDINE-2-(4-AMIDINO-PHENYL)INDOLE' ?                'C16 H15 N5'      277.324 
DC  'DNA linking' y "2'-DEOXYCYTIDINE-5'-MONOPHOSPHATE"    ?                'C9 H14 N3 O7 P'  307.197 
DG  'DNA linking' y "2'-DEOXYGUANOSINE-5'-MONOPHOSPHATE"   ?                'C10 H14 N5 O7 P' 347.221 
DT  'DNA linking' y "THYMIDINE-5'-MONOPHOSPHATE"           ?                'C10 H15 N2 O8 P' 322.208 
HOH non-polymer   . WATER                                  ?                'H2 O'            18.015  
MG  non-polymer   . 'MAGNESIUM ION'                        ?                'Mg 2'            24.305  
# 
_exptl.absorpt_coefficient_mu     ? 
_exptl.absorpt_correction_T_max   ? 
_exptl.absorpt_correction_T_min   ? 
_exptl.absorpt_correction_type    ? 
_exptl.absorpt_process_details    ? 
_exptl.entry_id                   8TDT 
_exptl.crystals_number            1 
_exptl.details                    ? 
_exptl.method                     'X-RAY DIFFRACTION' 
_exptl.method_details             ? 
# 
_exptl_crystal.colour                       ? 
_exptl_crystal.density_diffrn               ? 
_exptl_crystal.density_Matthews             6.01 
_exptl_crystal.density_method               ? 
_exptl_crystal.density_percent_sol          79.52 
_exptl_crystal.description                  ? 
_exptl_crystal.F_000                        ? 
_exptl_crystal.id                           1 
_exptl_crystal.preparation                  ? 
_exptl_crystal.size_max                     ? 
_exptl_crystal.size_mid                     ? 
_exptl_crystal.size_min                     ? 
_exptl_crystal.size_rad                     ? 
_exptl_crystal.colour_lustre                ? 
_exptl_crystal.colour_modifier              ? 
_exptl_crystal.colour_primary               ? 
_exptl_crystal.density_meas                 ? 
_exptl_crystal.density_meas_esd             ? 
_exptl_crystal.density_meas_gt              ? 
_exptl_crystal.density_meas_lt              ? 
_exptl_crystal.density_meas_temp            ? 
_exptl_crystal.density_meas_temp_esd        ? 
_exptl_crystal.density_meas_temp_gt         ? 
_exptl_crystal.density_meas_temp_lt         ? 
_exptl_crystal.pdbx_crystal_image_url       ? 
_exptl_crystal.pdbx_crystal_image_format    ? 
_exptl_crystal.pdbx_mosaicity               ? 
_exptl_crystal.pdbx_mosaicity_esd           ? 
_exptl_crystal.pdbx_mosaic_method           ? 
_exptl_crystal.pdbx_mosaic_block_size       ? 
_exptl_crystal.pdbx_mosaic_block_size_esd   ? 
# 
_exptl_crystal_grow.apparatus       ? 
_exptl_crystal_grow.atmosphere      ? 
_exptl_crystal_grow.crystal_id      1 
_exptl_crystal_grow.details         ? 
_exptl_crystal_grow.method          'VAPOR DIFFUSION, SITTING DROP' 
_exptl_crystal_grow.method_ref      ? 
_exptl_crystal_grow.pH              ? 
_exptl_crystal_grow.pressure        ? 
_exptl_crystal_grow.pressure_esd    ? 
_exptl_crystal_grow.seeding         ? 
_exptl_crystal_grow.seeding_ref     ? 
_exptl_crystal_grow.temp_details    'temperature gradient generated from 60 to 25 C at 0.3 degrees per hour' 
_exptl_crystal_grow.temp_esd        ? 
_exptl_crystal_grow.time            ? 
_exptl_crystal_grow.pdbx_details    
;0.5 mL of 0.05 M Na Cacodylate pH 6.0 with 200 mM MgCl2 and 2.5 M KCl was added to the reservoir with 2 uL added to the drop containing 4 uL of DNA stock.
;
_exptl_crystal_grow.pdbx_pH_range   ? 
_exptl_crystal_grow.temp            298 
# 
_diffrn.ambient_environment              ? 
_diffrn.ambient_temp                     100 
_diffrn.ambient_temp_details             ? 
_diffrn.ambient_temp_esd                 ? 
_diffrn.crystal_id                       1 
_diffrn.crystal_support                  ? 
_diffrn.crystal_treatment                ? 
_diffrn.details                          ? 
_diffrn.id                               1 
_diffrn.ambient_pressure                 ? 
_diffrn.ambient_pressure_esd             ? 
_diffrn.ambient_pressure_gt              ? 
_diffrn.ambient_pressure_lt              ? 
_diffrn.ambient_temp_gt                  ? 
_diffrn.ambient_temp_lt                  ? 
_diffrn.pdbx_serial_crystal_experiment   N 
# 
_diffrn_detector.details                      ? 
_diffrn_detector.detector                     PIXEL 
_diffrn_detector.diffrn_id                    1 
_diffrn_detector.type                         'DECTRIS PILATUS3 6M' 
_diffrn_detector.area_resol_mean              ? 
_diffrn_detector.dtime                        ? 
_diffrn_detector.pdbx_frames_total            ? 
_diffrn_detector.pdbx_collection_time_total   ? 
_diffrn_detector.pdbx_collection_date         2022-09-17 
_diffrn_detector.pdbx_frequency               ? 
_diffrn_detector.id                           ? 
_diffrn_detector.number_of_axes               ? 
# 
_diffrn_radiation.collimation                      ? 
_diffrn_radiation.diffrn_id                        1 
_diffrn_radiation.filter_edge                      ? 
_diffrn_radiation.inhomogeneity                    ? 
_diffrn_radiation.monochromator                    ? 
_diffrn_radiation.polarisn_norm                    ? 
_diffrn_radiation.polarisn_ratio                   ? 
_diffrn_radiation.probe                            ? 
_diffrn_radiation.type                             ? 
_diffrn_radiation.xray_symbol                      ? 
_diffrn_radiation.wavelength_id                    1 
_diffrn_radiation.pdbx_monochromatic_or_laue_m_l   M 
_diffrn_radiation.pdbx_wavelength_list             ? 
_diffrn_radiation.pdbx_wavelength                  ? 
_diffrn_radiation.pdbx_diffrn_protocol             'SINGLE WAVELENGTH' 
_diffrn_radiation.pdbx_analyzer                    ? 
_diffrn_radiation.pdbx_scattering_type             x-ray 
# 
_diffrn_radiation_wavelength.id           1 
_diffrn_radiation_wavelength.wavelength   0.92 
_diffrn_radiation_wavelength.wt           1.0 
# 
_diffrn_source.current                     ? 
_diffrn_source.details                     ? 
_diffrn_source.diffrn_id                   1 
_diffrn_source.power                       ? 
_diffrn_source.size                        ? 
_diffrn_source.source                      SYNCHROTRON 
_diffrn_source.target                      ? 
_diffrn_source.type                        'APS BEAMLINE 19-ID' 
_diffrn_source.voltage                     ? 
_diffrn_source.take-off_angle              ? 
_diffrn_source.pdbx_wavelength_list        0.92 
_diffrn_source.pdbx_wavelength             ? 
_diffrn_source.pdbx_synchrotron_beamline   19-ID 
_diffrn_source.pdbx_synchrotron_site       APS 
# 
_reflns.B_iso_Wilson_estimate                          ? 
_reflns.entry_id                                       8TDT 
_reflns.data_reduction_details                         ? 
_reflns.data_reduction_method                          ? 
_reflns.d_resolution_high                              3.00 
_reflns.d_resolution_low                               50.00 
_reflns.details                                        ? 
_reflns.limit_h_max                                    ? 
_reflns.limit_h_min                                    ? 
_reflns.limit_k_max                                    ? 
_reflns.limit_k_min                                    ? 
_reflns.limit_l_max                                    ? 
_reflns.limit_l_min                                    ? 
_reflns.number_all                                     ? 
_reflns.number_obs                                     5644 
_reflns.observed_criterion                             ? 
_reflns.observed_criterion_F_max                       ? 
_reflns.observed_criterion_F_min                       ? 
_reflns.observed_criterion_I_max                       ? 
_reflns.observed_criterion_I_min                       ? 
_reflns.observed_criterion_sigma_F                     ? 
_reflns.observed_criterion_sigma_I                     ? 
_reflns.percent_possible_obs                           95.2 
_reflns.R_free_details                                 ? 
_reflns.Rmerge_F_all                                   ? 
_reflns.Rmerge_F_obs                                   ? 
_reflns.Friedel_coverage                               ? 
_reflns.number_gt                                      ? 
_reflns.threshold_expression                           ? 
_reflns.pdbx_redundancy                                8.2 
_reflns.pdbx_netI_over_av_sigmaI                       ? 
_reflns.pdbx_netI_over_sigmaI                          5.6 
_reflns.pdbx_res_netI_over_av_sigmaI_2                 ? 
_reflns.pdbx_res_netI_over_sigmaI_2                    ? 
_reflns.pdbx_chi_squared                               2.693 
_reflns.pdbx_scaling_rejects                           ? 
_reflns.pdbx_d_res_high_opt                            ? 
_reflns.pdbx_d_res_low_opt                             ? 
_reflns.pdbx_d_res_opt_method                          ? 
_reflns.phase_calculation_details                      ? 
_reflns.pdbx_Rrim_I_all                                0.177 
_reflns.pdbx_Rpim_I_all                                0.059 
_reflns.pdbx_d_opt                                     ? 
_reflns.pdbx_number_measured_all                       46135 
_reflns.pdbx_diffrn_id                                 1 
_reflns.pdbx_ordinal                                   1 
_reflns.pdbx_CC_half                                   0.973 
_reflns.pdbx_CC_star                                   0.993 
_reflns.pdbx_R_split                                   ? 
_reflns.pdbx_Rmerge_I_obs                              0.166 
_reflns.pdbx_Rmerge_I_all                              ? 
_reflns.pdbx_Rsym_value                                ? 
_reflns.pdbx_CC_split_method                           ? 
_reflns.pdbx_aniso_diffraction_limit_axis_1_ortho[1]   ? 
_reflns.pdbx_aniso_diffraction_limit_axis_1_ortho[2]   ? 
_reflns.pdbx_aniso_diffraction_limit_axis_1_ortho[3]   ? 
_reflns.pdbx_aniso_diffraction_limit_axis_2_ortho[1]   ? 
_reflns.pdbx_aniso_diffraction_limit_axis_2_ortho[2]   ? 
_reflns.pdbx_aniso_diffraction_limit_axis_2_ortho[3]   ? 
_reflns.pdbx_aniso_diffraction_limit_axis_3_ortho[1]   ? 
_reflns.pdbx_aniso_diffraction_limit_axis_3_ortho[2]   ? 
_reflns.pdbx_aniso_diffraction_limit_axis_3_ortho[3]   ? 
_reflns.pdbx_aniso_diffraction_limit_1                 ? 
_reflns.pdbx_aniso_diffraction_limit_2                 ? 
_reflns.pdbx_aniso_diffraction_limit_3                 ? 
_reflns.pdbx_aniso_B_tensor_eigenvector_1_ortho[1]     ? 
_reflns.pdbx_aniso_B_tensor_eigenvector_1_ortho[2]     ? 
_reflns.pdbx_aniso_B_tensor_eigenvector_1_ortho[3]     ? 
_reflns.pdbx_aniso_B_tensor_eigenvector_2_ortho[1]     ? 
_reflns.pdbx_aniso_B_tensor_eigenvector_2_ortho[2]     ? 
_reflns.pdbx_aniso_B_tensor_eigenvector_2_ortho[3]     ? 
_reflns.pdbx_aniso_B_tensor_eigenvector_3_ortho[1]     ? 
_reflns.pdbx_aniso_B_tensor_eigenvector_3_ortho[2]     ? 
_reflns.pdbx_aniso_B_tensor_eigenvector_3_ortho[3]     ? 
_reflns.pdbx_aniso_B_tensor_eigenvalue_1               ? 
_reflns.pdbx_aniso_B_tensor_eigenvalue_2               ? 
_reflns.pdbx_aniso_B_tensor_eigenvalue_3               ? 
_reflns.pdbx_orthogonalization_convention              ? 
_reflns.pdbx_percent_possible_ellipsoidal              ? 
_reflns.pdbx_percent_possible_spherical                ? 
_reflns.pdbx_percent_possible_ellipsoidal_anomalous    ? 
_reflns.pdbx_percent_possible_spherical_anomalous      ? 
_reflns.pdbx_redundancy_anomalous                      ? 
_reflns.pdbx_CC_half_anomalous                         ? 
_reflns.pdbx_absDiff_over_sigma_anomalous              ? 
_reflns.pdbx_percent_possible_anomalous                ? 
_reflns.pdbx_observed_signal_threshold                 ? 
_reflns.pdbx_signal_type                               ? 
_reflns.pdbx_signal_details                            ? 
_reflns.pdbx_signal_software_id                        ? 
# 
loop_
_reflns_shell.d_res_high 
_reflns_shell.d_res_low 
_reflns_shell.meanI_over_sigI_all 
_reflns_shell.meanI_over_sigI_obs 
_reflns_shell.number_measured_all 
_reflns_shell.number_measured_obs 
_reflns_shell.number_possible 
_reflns_shell.number_unique_all 
_reflns_shell.number_unique_obs 
_reflns_shell.percent_possible_obs 
_reflns_shell.Rmerge_F_all 
_reflns_shell.Rmerge_F_obs 
_reflns_shell.meanI_over_sigI_gt 
_reflns_shell.meanI_over_uI_all 
_reflns_shell.meanI_over_uI_gt 
_reflns_shell.number_measured_gt 
_reflns_shell.number_unique_gt 
_reflns_shell.percent_possible_gt 
_reflns_shell.Rmerge_F_gt 
_reflns_shell.Rmerge_I_gt 
_reflns_shell.pdbx_redundancy 
_reflns_shell.pdbx_chi_squared 
_reflns_shell.pdbx_netI_over_sigmaI_all 
_reflns_shell.pdbx_netI_over_sigmaI_obs 
_reflns_shell.pdbx_Rrim_I_all 
_reflns_shell.pdbx_Rpim_I_all 
_reflns_shell.pdbx_rejects 
_reflns_shell.pdbx_ordinal 
_reflns_shell.pdbx_diffrn_id 
_reflns_shell.pdbx_CC_half 
_reflns_shell.pdbx_CC_star 
_reflns_shell.pdbx_R_split 
_reflns_shell.percent_possible_all 
_reflns_shell.Rmerge_I_all 
_reflns_shell.Rmerge_I_obs 
_reflns_shell.pdbx_Rsym_value 
_reflns_shell.pdbx_percent_possible_ellipsoidal 
_reflns_shell.pdbx_percent_possible_spherical 
_reflns_shell.pdbx_percent_possible_ellipsoidal_anomalous 
_reflns_shell.pdbx_percent_possible_spherical_anomalous 
_reflns_shell.pdbx_redundancy_anomalous 
_reflns_shell.pdbx_CC_half_anomalous 
_reflns_shell.pdbx_absDiff_over_sigma_anomalous 
_reflns_shell.pdbx_percent_possible_anomalous 
3.00 3.05  ? ? ? ? ? ? 219 ? ? ? ? ? ? ? ? ? ? ? 6.3 0.433  ? ? 2.374 0.826 ? 1  1 0.806 0.945 ? 72.0  ? 2.221 ? ? ? ? ? ? ? ? ? 
3.05 3.11  ? ? ? ? ? ? 220 ? ? ? ? ? ? ? ? ? ? ? 6.3 0.562  ? ? 0.901 0.308 ? 2  1 0.931 0.982 ? 78.9  ? 0.844 ? ? ? ? ? ? ? ? ? 
3.11 3.17  ? ? ? ? ? ? 247 ? ? ? ? ? ? ? ? ? ? ? 5.9 1.081  ? ? 0.384 0.129 ? 3  1 0.976 0.994 ? 84.0  ? 0.361 ? ? ? ? ? ? ? ? ? 
3.17 3.23  ? ? ? ? ? ? 260 ? ? ? ? ? ? ? ? ? ? ? 6.2 2.137  ? ? 0.240 0.082 ? 4  1 0.983 0.996 ? 87.8  ? 0.225 ? ? ? ? ? ? ? ? ? 
3.23 3.30  ? ? ? ? ? ? 291 ? ? ? ? ? ? ? ? ? ? ? 6.1 1.742  ? ? 0.234 0.085 ? 5  1 0.975 0.994 ? 93.6  ? 0.218 ? ? ? ? ? ? ? ? ? 
3.30 3.38  ? ? ? ? ? ? 267 ? ? ? ? ? ? ? ? ? ? ? 7.8 1.455  ? ? 0.300 0.097 ? 6  1 0.985 0.996 ? 93.0  ? 0.284 ? ? ? ? ? ? ? ? ? 
3.38 3.46  ? ? ? ? ? ? 291 ? ? ? ? ? ? ? ? ? ? ? 7.8 1.478  ? ? 0.328 0.110 ? 7  1 0.943 0.985 ? 98.0  ? 0.308 ? ? ? ? ? ? ? ? ? 
3.46 3.56  ? ? ? ? ? ? 302 ? ? ? ? ? ? ? ? ? ? ? 8.2 1.583  ? ? 0.279 0.091 ? 8  1 0.981 0.995 ? 98.1  ? 0.264 ? ? ? ? ? ? ? ? ? 
3.56 3.66  ? ? ? ? ? ? 283 ? ? ? ? ? ? ? ? ? ? ? 8.3 1.347  ? ? 0.275 0.089 ? 9  1 0.977 0.994 ? 99.6  ? 0.260 ? ? ? ? ? ? ? ? ? 
3.66 3.78  ? ? ? ? ? ? 304 ? ? ? ? ? ? ? ? ? ? ? 8.4 1.182  ? ? 0.275 0.092 ? 10 1 0.977 0.994 ? 99.3  ? 0.259 ? ? ? ? ? ? ? ? ? 
3.78 3.91  ? ? ? ? ? ? 275 ? ? ? ? ? ? ? ? ? ? ? 8.5 1.322  ? ? 0.273 0.092 ? 11 1 0.980 0.995 ? 100.0 ? 0.257 ? ? ? ? ? ? ? ? ? 
3.91 4.07  ? ? ? ? ? ? 305 ? ? ? ? ? ? ? ? ? ? ? 7.9 1.552  ? ? 0.232 0.078 ? 12 1 0.989 0.997 ? 99.7  ? 0.218 ? ? ? ? ? ? ? ? ? 
4.07 4.26  ? ? ? ? ? ? 303 ? ? ? ? ? ? ? ? ? ? ? 9.7 2.123  ? ? 0.220 0.070 ? 13 1 0.980 0.995 ? 100.0 ? 0.208 ? ? ? ? ? ? ? ? ? 
4.26 4.48  ? ? ? ? ? ? 286 ? ? ? ? ? ? ? ? ? ? ? 9.4 1.897  ? ? 0.198 0.063 ? 14 1 0.983 0.996 ? 100.0 ? 0.187 ? ? ? ? ? ? ? ? ? 
4.48 4.76  ? ? ? ? ? ? 304 ? ? ? ? ? ? ? ? ? ? ? 9.3 2.009  ? ? 0.184 0.060 ? 15 1 0.988 0.997 ? 100.0 ? 0.174 ? ? ? ? ? ? ? ? ? 
4.76 5.13  ? ? ? ? ? ? 297 ? ? ? ? ? ? ? ? ? ? ? 9.1 2.735  ? ? 0.164 0.054 ? 16 1 0.989 0.997 ? 99.7  ? 0.155 ? ? ? ? ? ? ? ? ? 
5.13 5.64  ? ? ? ? ? ? 301 ? ? ? ? ? ? ? ? ? ? ? 8.9 4.530  ? ? 0.157 0.052 ? 17 1 0.984 0.996 ? 99.7  ? 0.148 ? ? ? ? ? ? ? ? ? 
5.64 6.46  ? ? ? ? ? ? 294 ? ? ? ? ? ? ? ? ? ? ? 9.5 3.364  ? ? 0.137 0.044 ? 18 1 0.988 0.997 ? 100.0 ? 0.130 ? ? ? ? ? ? ? ? ? 
6.46 8.13  ? ? ? ? ? ? 298 ? ? ? ? ? ? ? ? ? ? ? 8.9 4.825  ? ? 0.107 0.036 ? 19 1 0.995 0.999 ? 99.7  ? 0.101 ? ? ? ? ? ? ? ? ? 
8.13 50.00 ? ? ? ? ? ? 297 ? ? ? ? ? ? ? ? ? ? ? 9.4 11.389 ? ? 0.136 0.045 ? 20 1 0.977 0.994 ? 100.0 ? 0.128 ? ? ? ? ? ? ? ? ? 
# 
_refine.aniso_B[1][1]                            ? 
_refine.aniso_B[1][2]                            ? 
_refine.aniso_B[1][3]                            ? 
_refine.aniso_B[2][2]                            ? 
_refine.aniso_B[2][3]                            ? 
_refine.aniso_B[3][3]                            ? 
_refine.B_iso_max                                ? 
_refine.B_iso_mean                               ? 
_refine.B_iso_min                                ? 
_refine.correlation_coeff_Fo_to_Fc               ? 
_refine.correlation_coeff_Fo_to_Fc_free          ? 
_refine.details                                  ? 
_refine.diff_density_max                         ? 
_refine.diff_density_max_esd                     ? 
_refine.diff_density_min                         ? 
_refine.diff_density_min_esd                     ? 
_refine.diff_density_rms                         ? 
_refine.diff_density_rms_esd                     ? 
_refine.entry_id                                 8TDT 
_refine.pdbx_refine_id                           'X-RAY DIFFRACTION' 
_refine.ls_abs_structure_details                 ? 
_refine.ls_abs_structure_Flack                   ? 
_refine.ls_abs_structure_Flack_esd               ? 
_refine.ls_abs_structure_Rogers                  ? 
_refine.ls_abs_structure_Rogers_esd              ? 
_refine.ls_d_res_high                            3.007 
_refine.ls_d_res_low                             41.004 
_refine.ls_extinction_coef                       ? 
_refine.ls_extinction_coef_esd                   ? 
_refine.ls_extinction_expression                 ? 
_refine.ls_extinction_method                     ? 
_refine.ls_goodness_of_fit_all                   ? 
_refine.ls_goodness_of_fit_all_esd               ? 
_refine.ls_goodness_of_fit_obs                   ? 
_refine.ls_goodness_of_fit_obs_esd               ? 
_refine.ls_hydrogen_treatment                    ? 
_refine.ls_matrix_type                           ? 
_refine.ls_number_constraints                    ? 
_refine.ls_number_parameters                     ? 
_refine.ls_number_reflns_all                     ? 
_refine.ls_number_reflns_obs                     5479 
_refine.ls_number_reflns_R_free                  283 
_refine.ls_number_reflns_R_work                  ? 
_refine.ls_number_restraints                     ? 
_refine.ls_percent_reflns_obs                    92.66 
_refine.ls_percent_reflns_R_free                 5.17 
_refine.ls_R_factor_all                          ? 
_refine.ls_R_factor_obs                          0.2008 
_refine.ls_R_factor_R_free                       0.2312 
_refine.ls_R_factor_R_free_error                 ? 
_refine.ls_R_factor_R_free_error_details         ? 
_refine.ls_R_factor_R_work                       0.1992 
_refine.ls_R_Fsqd_factor_obs                     ? 
_refine.ls_R_I_factor_obs                        ? 
_refine.ls_redundancy_reflns_all                 ? 
_refine.ls_redundancy_reflns_obs                 ? 
_refine.ls_restrained_S_all                      ? 
_refine.ls_restrained_S_obs                      ? 
_refine.ls_shift_over_esd_max                    ? 
_refine.ls_shift_over_esd_mean                   ? 
_refine.ls_structure_factor_coef                 ? 
_refine.ls_weighting_details                     ? 
_refine.ls_weighting_scheme                      ? 
_refine.ls_wR_factor_all                         ? 
_refine.ls_wR_factor_obs                         ? 
_refine.ls_wR_factor_R_free                      ? 
_refine.ls_wR_factor_R_work                      ? 
_refine.occupancy_max                            ? 
_refine.occupancy_min                            ? 
_refine.solvent_model_details                    'FLAT BULK SOLVENT MODEL' 
_refine.solvent_model_param_bsol                 ? 
_refine.solvent_model_param_ksol                 ? 
_refine.pdbx_R_complete                          ? 
_refine.ls_R_factor_gt                           ? 
_refine.ls_goodness_of_fit_gt                    ? 
_refine.ls_goodness_of_fit_ref                   ? 
_refine.ls_shift_over_su_max                     ? 
_refine.ls_shift_over_su_max_lt                  ? 
_refine.ls_shift_over_su_mean                    ? 
_refine.ls_shift_over_su_mean_lt                 ? 
_refine.pdbx_ls_sigma_I                          ? 
_refine.pdbx_ls_sigma_F                          1.96 
_refine.pdbx_ls_sigma_Fsqd                       ? 
_refine.pdbx_data_cutoff_high_absF               ? 
_refine.pdbx_data_cutoff_high_rms_absF           ? 
_refine.pdbx_data_cutoff_low_absF                ? 
_refine.pdbx_isotropic_thermal_model             ? 
_refine.pdbx_ls_cross_valid_method               THROUGHOUT 
_refine.pdbx_method_to_determine_struct          'MOLECULAR REPLACEMENT' 
_refine.pdbx_starting_model                      ? 
_refine.pdbx_stereochemistry_target_values       ML 
_refine.pdbx_R_Free_selection_details            ? 
_refine.pdbx_stereochem_target_val_spec_case     ? 
_refine.pdbx_overall_ESU_R                       ? 
_refine.pdbx_overall_ESU_R_Free                  ? 
_refine.pdbx_solvent_vdw_probe_radii             1.11 
_refine.pdbx_solvent_ion_probe_radii             ? 
_refine.pdbx_solvent_shrinkage_radii             0.90 
_refine.pdbx_real_space_R                        ? 
_refine.pdbx_density_correlation                 ? 
_refine.pdbx_pd_number_of_powder_patterns        ? 
_refine.pdbx_pd_number_of_points                 ? 
_refine.pdbx_pd_meas_number_of_points            ? 
_refine.pdbx_pd_proc_ls_prof_R_factor            ? 
_refine.pdbx_pd_proc_ls_prof_wR_factor           ? 
_refine.pdbx_pd_Marquardt_correlation_coeff      ? 
_refine.pdbx_pd_Fsqrd_R_factor                   ? 
_refine.pdbx_pd_ls_matrix_band_width             ? 
_refine.pdbx_overall_phase_error                 24.57 
_refine.pdbx_overall_SU_R_free_Cruickshank_DPI   ? 
_refine.pdbx_overall_SU_R_free_Blow_DPI          ? 
_refine.pdbx_overall_SU_R_Blow_DPI               ? 
_refine.pdbx_TLS_residual_ADP_flag               ? 
_refine.pdbx_diffrn_id                           1 
_refine.overall_SU_B                             ? 
_refine.overall_SU_ML                            0.25 
_refine.overall_SU_R_Cruickshank_DPI             ? 
_refine.overall_SU_R_free                        ? 
_refine.overall_FOM_free_R_set                   ? 
_refine.overall_FOM_work_R_set                   ? 
_refine.pdbx_average_fsc_overall                 ? 
_refine.pdbx_average_fsc_work                    ? 
_refine.pdbx_average_fsc_free                    ? 
# 
_refine_hist.pdbx_refine_id                   'X-RAY DIFFRACTION' 
_refine_hist.cycle_id                         LAST 
_refine_hist.pdbx_number_atoms_protein        0 
_refine_hist.pdbx_number_atoms_nucleic_acid   855 
_refine_hist.pdbx_number_atoms_ligand         27 
_refine_hist.number_atoms_solvent             3 
_refine_hist.number_atoms_total               885 
_refine_hist.d_res_high                       3.007 
_refine_hist.d_res_low                        41.004 
# 
loop_
_refine_ls_restr.pdbx_refine_id 
_refine_ls_restr.criterion 
_refine_ls_restr.dev_ideal 
_refine_ls_restr.dev_ideal_target 
_refine_ls_restr.number 
_refine_ls_restr.rejects 
_refine_ls_restr.type 
_refine_ls_restr.weight 
_refine_ls_restr.pdbx_restraint_function 
'X-RAY DIFFRACTION' ? 0.014  ? 980  ? f_bond_d           ? ? 
'X-RAY DIFFRACTION' ? 1.413  ? 1500 ? f_angle_d          ? ? 
'X-RAY DIFFRACTION' ? 35.176 ? 409  ? f_dihedral_angle_d ? ? 
'X-RAY DIFFRACTION' ? 0.067  ? 166  ? f_chiral_restr     ? ? 
'X-RAY DIFFRACTION' ? 0.009  ? 46   ? f_plane_restr      ? ? 
# 
loop_
_refine_ls_shell.pdbx_refine_id 
_refine_ls_shell.d_res_high 
_refine_ls_shell.d_res_low 
_refine_ls_shell.number_reflns_all 
_refine_ls_shell.number_reflns_obs 
_refine_ls_shell.number_reflns_R_free 
_refine_ls_shell.number_reflns_R_work 
_refine_ls_shell.percent_reflns_obs 
_refine_ls_shell.percent_reflns_R_free 
_refine_ls_shell.R_factor_all 
_refine_ls_shell.R_factor_obs 
_refine_ls_shell.R_factor_R_free_error 
_refine_ls_shell.R_factor_R_work 
_refine_ls_shell.redundancy_reflns_all 
_refine_ls_shell.redundancy_reflns_obs 
_refine_ls_shell.wR_factor_all 
_refine_ls_shell.wR_factor_obs 
_refine_ls_shell.wR_factor_R_free 
_refine_ls_shell.wR_factor_R_work 
_refine_ls_shell.pdbx_R_complete 
_refine_ls_shell.pdbx_total_number_of_bins_used 
_refine_ls_shell.pdbx_phase_error 
_refine_ls_shell.pdbx_fsc_work 
_refine_ls_shell.pdbx_fsc_free 
_refine_ls_shell.R_factor_R_free 
'X-RAY DIFFRACTION' 3.007  3.7879 . . 125 2416 86.00 . . . . 0.2731 . . . . . . . . . . . 0.3020 
'X-RAY DIFFRACTION' 3.7879 41.004 . . 158 2780 99.00 . . . . 0.1763 . . . . . . . . . . . 0.2098 
# 
_struct.entry_id                     8TDT 
_struct.title                        
;Sequence specific (AATT) orientation of DAPI molecules at a unique minor groove binding site (position2) within a self-assembled 3D DNA lattice (4x6)
;
_struct.pdbx_model_details           ? 
_struct.pdbx_formula_weight          ? 
_struct.pdbx_formula_weight_method   ? 
_struct.pdbx_model_type_details      ? 
_struct.pdbx_CASP_flag               N 
# 
_struct_keywords.entry_id        8TDT 
_struct_keywords.text            
;Self-Assembly, DNA Nanotechnology, DNA Scaffold, Crystal Lattice, DNA, Minor Groove Binders, Netropsin, DAPI, Hoechst, ImPyPy, polyamide, host-guest
;
_struct_keywords.pdbx_keywords   DNA 
# 
loop_
_struct_asym.id 
_struct_asym.pdbx_blank_PDB_chainid_flag 
_struct_asym.pdbx_modified 
_struct_asym.entity_id 
_struct_asym.details 
A N N 1 ? 
B N N 2 ? 
C N N 3 ? 
D N N 4 ? 
E N N 5 ? 
F N N 5 ? 
G N N 5 ? 
H N N 6 ? 
I N N 6 ? 
J N N 7 ? 
K N N 5 ? 
L N N 8 ? 
M N N 8 ? 
# 
loop_
_struct_conn.id 
_struct_conn.conn_type_id 
_struct_conn.pdbx_leaving_atom_flag 
_struct_conn.pdbx_PDB_id 
_struct_conn.ptnr1_label_asym_id 
_struct_conn.ptnr1_label_comp_id 
_struct_conn.ptnr1_label_seq_id 
_struct_conn.ptnr1_label_atom_id 
_struct_conn.pdbx_ptnr1_label_alt_id 
_struct_conn.pdbx_ptnr1_PDB_ins_code 
_struct_conn.pdbx_ptnr1_standard_comp_id 
_struct_conn.ptnr1_symmetry 
_struct_conn.ptnr2_label_asym_id 
_struct_conn.ptnr2_label_comp_id 
_struct_conn.ptnr2_label_seq_id 
_struct_conn.ptnr2_label_atom_id 
_struct_conn.pdbx_ptnr2_label_alt_id 
_struct_conn.pdbx_ptnr2_PDB_ins_code 
_struct_conn.ptnr1_auth_asym_id 
_struct_conn.ptnr1_auth_comp_id 
_struct_conn.ptnr1_auth_seq_id 
_struct_conn.ptnr2_auth_asym_id 
_struct_conn.ptnr2_auth_comp_id 
_struct_conn.ptnr2_auth_seq_id 
_struct_conn.ptnr2_symmetry 
_struct_conn.pdbx_ptnr3_label_atom_id 
_struct_conn.pdbx_ptnr3_label_seq_id 
_struct_conn.pdbx_ptnr3_label_comp_id 
_struct_conn.pdbx_ptnr3_label_asym_id 
_struct_conn.pdbx_ptnr3_label_alt_id 
_struct_conn.pdbx_ptnr3_PDB_ins_code 
_struct_conn.details 
_struct_conn.pdbx_dist_value 
_struct_conn.pdbx_value_order 
_struct_conn.pdbx_role 
metalc1  metalc ? ? A DG 11 "O4'" ? ? ? 1_555 H MG . MG ? ? A DG 11 A MG 104 1_555 ? ? ? ? ? ? ?            2.766 ? ? 
hydrog1  hydrog ? ? A DG 3  N1    ? ? ? 1_555 D DC 7 N3 ? ? A DG 3  D DC 16  1_555 ? ? ? ? ? ? WATSON-CRICK ?     ? ? 
hydrog2  hydrog ? ? A DG 3  N2    ? ? ? 1_555 D DC 7 O2 ? ? A DG 3  D DC 16  1_555 ? ? ? ? ? ? WATSON-CRICK ?     ? ? 
hydrog3  hydrog ? ? A DG 3  O6    ? ? ? 1_555 D DC 7 N4 ? ? A DG 3  D DC 16  1_555 ? ? ? ? ? ? WATSON-CRICK ?     ? ? 
hydrog4  hydrog ? ? A DC 4  N3    ? ? ? 1_555 D DG 6 N1 ? ? A DC 4  D DG 15  1_555 ? ? ? ? ? ? WATSON-CRICK ?     ? ? 
hydrog5  hydrog ? ? A DC 4  N4    ? ? ? 1_555 D DG 6 O6 ? ? A DC 4  D DG 15  1_555 ? ? ? ? ? ? WATSON-CRICK ?     ? ? 
hydrog6  hydrog ? ? A DC 4  O2    ? ? ? 1_555 D DG 6 N2 ? ? A DC 4  D DG 15  1_555 ? ? ? ? ? ? WATSON-CRICK ?     ? ? 
hydrog7  hydrog ? ? A DA 5  N1    ? ? ? 1_555 D DT 5 N3 ? ? A DA 5  D DT 14  1_555 ? ? ? ? ? ? WATSON-CRICK ?     ? ? 
hydrog8  hydrog ? ? A DA 5  N6    ? ? ? 1_555 D DT 5 O4 ? ? A DA 5  D DT 14  1_555 ? ? ? ? ? ? WATSON-CRICK ?     ? ? 
hydrog9  hydrog ? ? A DG 6  N1    ? ? ? 1_555 D DC 4 N3 ? ? A DG 6  D DC 13  1_555 ? ? ? ? ? ? WATSON-CRICK ?     ? ? 
hydrog10 hydrog ? ? A DG 6  N2    ? ? ? 1_555 D DC 4 O2 ? ? A DG 6  D DC 13  1_555 ? ? ? ? ? ? WATSON-CRICK ?     ? ? 
hydrog11 hydrog ? ? A DG 6  O6    ? ? ? 1_555 D DC 4 N4 ? ? A DG 6  D DC 13  1_555 ? ? ? ? ? ? WATSON-CRICK ?     ? ? 
hydrog12 hydrog ? ? A DA 7  N1    ? ? ? 1_555 D DT 3 N3 ? ? A DA 7  D DT 12  1_555 ? ? ? ? ? ? WATSON-CRICK ?     ? ? 
hydrog13 hydrog ? ? A DA 7  N6    ? ? ? 1_555 D DT 3 O4 ? ? A DA 7  D DT 12  1_555 ? ? ? ? ? ? WATSON-CRICK ?     ? ? 
hydrog14 hydrog ? ? A DC 8  N3    ? ? ? 1_555 D DG 2 N1 ? ? A DC 8  D DG 11  1_555 ? ? ? ? ? ? WATSON-CRICK ?     ? ? 
hydrog15 hydrog ? ? A DC 8  N4    ? ? ? 1_555 D DG 2 O6 ? ? A DC 8  D DG 11  1_555 ? ? ? ? ? ? WATSON-CRICK ?     ? ? 
hydrog16 hydrog ? ? A DC 8  O2    ? ? ? 1_555 D DG 2 N2 ? ? A DC 8  D DG 11  1_555 ? ? ? ? ? ? WATSON-CRICK ?     ? ? 
hydrog17 hydrog ? ? A DC 9  N3    ? ? ? 1_555 D DG 1 N1 ? ? A DC 9  D DG 10  1_555 ? ? ? ? ? ? WATSON-CRICK ?     ? ? 
hydrog18 hydrog ? ? A DC 9  N4    ? ? ? 1_555 D DG 1 O6 ? ? A DC 9  D DG 10  1_555 ? ? ? ? ? ? WATSON-CRICK ?     ? ? 
hydrog19 hydrog ? ? A DC 9  O2    ? ? ? 1_555 D DG 1 N2 ? ? A DC 9  D DG 10  1_555 ? ? ? ? ? ? WATSON-CRICK ?     ? ? 
hydrog20 hydrog ? ? A DT 10 N3    ? ? ? 1_555 B DA 6 N1 ? ? A DT 10 B DA 5   1_555 ? ? ? ? ? ? WATSON-CRICK ?     ? ? 
hydrog21 hydrog ? ? A DT 10 O4    ? ? ? 1_555 B DA 6 N6 ? ? A DT 10 B DA 5   1_555 ? ? ? ? ? ? WATSON-CRICK ?     ? ? 
hydrog22 hydrog ? ? A DG 11 N1    ? ? ? 1_555 B DC 5 N3 ? ? A DG 11 B DC 4   1_555 ? ? ? ? ? ? WATSON-CRICK ?     ? ? 
hydrog23 hydrog ? ? A DG 11 N2    ? ? ? 1_555 B DC 5 O2 ? ? A DG 11 B DC 4   1_555 ? ? ? ? ? ? WATSON-CRICK ?     ? ? 
hydrog24 hydrog ? ? A DG 11 O6    ? ? ? 1_555 B DC 5 N4 ? ? A DG 11 B DC 4   1_555 ? ? ? ? ? ? WATSON-CRICK ?     ? ? 
hydrog25 hydrog ? ? A DA 12 N1    ? ? ? 1_555 B DT 4 N3 ? ? A DA 12 B DT 3   1_555 ? ? ? ? ? ? WATSON-CRICK ?     ? ? 
hydrog26 hydrog ? ? A DA 12 N6    ? ? ? 1_555 B DT 4 O4 ? ? A DA 12 B DT 3   1_555 ? ? ? ? ? ? WATSON-CRICK ?     ? ? 
hydrog27 hydrog ? ? A DC 13 N3    ? ? ? 1_555 B DG 3 N1 ? ? A DC 13 B DG 2   1_555 ? ? ? ? ? ? WATSON-CRICK ?     ? ? 
hydrog28 hydrog ? ? A DC 13 N4    ? ? ? 1_555 B DG 3 O6 ? ? A DC 13 B DG 2   1_555 ? ? ? ? ? ? WATSON-CRICK ?     ? ? 
hydrog29 hydrog ? ? A DC 13 O2    ? ? ? 1_555 B DG 3 N2 ? ? A DC 13 B DG 2   1_555 ? ? ? ? ? ? WATSON-CRICK ?     ? ? 
hydrog30 hydrog ? ? A DG 14 N1    ? ? ? 1_555 B DC 2 N3 ? ? A DG 14 B DC 1   1_555 ? ? ? ? ? ? WATSON-CRICK ?     ? ? 
hydrog31 hydrog ? ? A DG 14 N2    ? ? ? 1_555 B DC 2 O2 ? ? A DG 14 B DC 1   1_555 ? ? ? ? ? ? WATSON-CRICK ?     ? ? 
hydrog32 hydrog ? ? A DG 14 O6    ? ? ? 1_555 B DC 2 N4 ? ? A DG 14 B DC 1   1_555 ? ? ? ? ? ? WATSON-CRICK ?     ? ? 
hydrog33 hydrog ? ? A DG 15 N1    ? ? ? 1_555 B DC 1 N3 ? ? A DG 15 B DC 0   1_555 ? ? ? ? ? ? WATSON-CRICK ?     ? ? 
hydrog34 hydrog ? ? A DG 15 N2    ? ? ? 1_555 B DC 1 O2 ? ? A DG 15 B DC 0   1_555 ? ? ? ? ? ? WATSON-CRICK ?     ? ? 
hydrog35 hydrog ? ? A DG 15 O6    ? ? ? 1_555 B DC 1 N4 ? ? A DG 15 B DC 0   1_555 ? ? ? ? ? ? WATSON-CRICK ?     ? ? 
hydrog36 hydrog ? ? A DA 16 N1    ? ? ? 1_555 C DT 8 N3 ? ? A DA 16 C DT 8   1_555 ? ? ? ? ? ? WATSON-CRICK ?     ? ? 
hydrog37 hydrog ? ? A DA 16 N6    ? ? ? 1_555 C DT 8 O4 ? ? A DA 16 C DT 8   1_555 ? ? ? ? ? ? WATSON-CRICK ?     ? ? 
hydrog38 hydrog ? ? A DA 17 N1    ? ? ? 1_555 C DT 7 N3 ? ? A DA 17 C DT 7   1_555 ? ? ? ? ? ? WATSON-CRICK ?     ? ? 
hydrog39 hydrog ? ? A DA 17 N6    ? ? ? 1_555 C DT 7 O4 ? ? A DA 17 C DT 7   1_555 ? ? ? ? ? ? WATSON-CRICK ?     ? ? 
hydrog40 hydrog ? ? A DA 18 N1    ? ? ? 1_555 C DT 6 N3 ? ? A DA 18 C DT 6   1_555 ? ? ? ? ? ? WATSON-CRICK ?     ? ? 
hydrog41 hydrog ? ? A DA 18 N6    ? ? ? 1_555 C DT 6 O4 ? ? A DA 18 C DT 6   1_555 ? ? ? ? ? ? WATSON-CRICK ?     ? ? 
hydrog42 hydrog ? ? A DT 19 N3    ? ? ? 1_555 C DA 5 N1 ? ? A DT 19 C DA 5   1_555 ? ? ? ? ? ? WATSON-CRICK ?     ? ? 
hydrog43 hydrog ? ? A DT 19 O4    ? ? ? 1_555 C DA 5 N6 ? ? A DT 19 C DA 5   1_555 ? ? ? ? ? ? WATSON-CRICK ?     ? ? 
hydrog44 hydrog ? ? A DT 20 N3    ? ? ? 1_555 C DA 4 N1 ? ? A DT 20 C DA 4   1_555 ? ? ? ? ? ? WATSON-CRICK ?     ? ? 
hydrog45 hydrog ? ? A DT 20 O4    ? ? ? 1_555 C DA 4 N6 ? ? A DT 20 C DA 4   1_555 ? ? ? ? ? ? WATSON-CRICK ?     ? ? 
hydrog46 hydrog ? ? A DA 21 N1    ? ? ? 1_555 C DT 3 N3 ? ? A DA 21 C DT 3   1_555 ? ? ? ? ? ? WATSON-CRICK ?     ? ? 
hydrog47 hydrog ? ? A DA 21 N6    ? ? ? 1_555 C DT 3 O4 ? ? A DA 21 C DT 3   1_555 ? ? ? ? ? ? WATSON-CRICK ?     ? ? 
# 
loop_
_struct_conn_type.id 
_struct_conn_type.criteria 
_struct_conn_type.reference 
metalc ? ? 
hydrog ? ? 
# 
_atom_sites.entry_id                    8TDT 
_atom_sites.Cartn_transf_matrix[1][1]   ? 
_atom_sites.Cartn_transf_matrix[1][2]   ? 
_atom_sites.Cartn_transf_matrix[1][3]   ? 
_atom_sites.Cartn_transf_matrix[2][1]   ? 
_atom_sites.Cartn_transf_matrix[2][2]   ? 
_atom_sites.Cartn_transf_matrix[2][3]   ? 
_atom_sites.Cartn_transf_matrix[3][1]   ? 
_atom_sites.Cartn_transf_matrix[3][2]   ? 
_atom_sites.Cartn_transf_matrix[3][3]   ? 
_atom_sites.Cartn_transf_vector[1]      ? 
_atom_sites.Cartn_transf_vector[2]      ? 
_atom_sites.Cartn_transf_vector[3]      ? 
_atom_sites.fract_transf_matrix[1][1]   0.00013704 
_atom_sites.fract_transf_matrix[1][2]   0.00721235 
_atom_sites.fract_transf_matrix[1][3]   -0.01523868 
_atom_sites.fract_transf_matrix[2][1]   -0.00134420 
_atom_sites.fract_transf_matrix[2][2]   0.01674684 
_atom_sites.fract_transf_matrix[2][3]   -0.00141285 
_atom_sites.fract_transf_matrix[3][1]   0.01753774 
_atom_sites.fract_transf_matrix[3][2]   0.00148009 
_atom_sites.fract_transf_matrix[3][3]   0.00085823 
_atom_sites.fract_transf_vector[1]      -0.053219 
_atom_sites.fract_transf_vector[2]      0.088270 
_atom_sites.fract_transf_vector[3]      -0.158006 
_atom_sites.solution_primary            ? 
_atom_sites.solution_secondary          ? 
_atom_sites.solution_hydrogens          ? 
_atom_sites.special_details             ? 
# 
loop_
_atom_type.symbol 
AS 
C  
MG 
N  
O  
P  
# 
loop_
_atom_site.group_PDB 
_atom_site.id 
_atom_site.type_symbol 
_atom_site.label_atom_id 
_atom_site.label_alt_id 
_atom_site.label_comp_id 
_atom_site.label_asym_id 
_atom_site.label_entity_id 
_atom_site.label_seq_id 
_atom_site.pdbx_PDB_ins_code 
_atom_site.Cartn_x 
_atom_site.Cartn_y 
_atom_site.Cartn_z 
_atom_site.occupancy 
_atom_site.B_iso_or_equiv 
_atom_site.pdbx_formal_charge 
_atom_site.auth_seq_id 
_atom_site.auth_comp_id 
_atom_site.auth_asym_id 
_atom_site.auth_atom_id 
_atom_site.pdbx_PDB_model_num 
ATOM   1   O  "O5'" . DG  A 1 1  ? -5.427  22.620  -26.775 1.00 131.51 ? 1   DG  A "O5'" 1 
ATOM   2   C  "C5'" . DG  A 1 1  ? -5.908  23.935  -26.430 1.00 123.37 ? 1   DG  A "C5'" 1 
ATOM   3   C  "C4'" . DG  A 1 1  ? -4.746  24.869  -26.149 1.00 117.76 ? 1   DG  A "C4'" 1 
ATOM   4   O  "O4'" . DG  A 1 1  ? -5.206  26.038  -25.462 1.00 108.56 ? 1   DG  A "O4'" 1 
ATOM   5   C  "C3'" . DG  A 1 1  ? -3.698  24.303  -25.216 1.00 126.10 ? 1   DG  A "C3'" 1 
ATOM   6   O  "O3'" . DG  A 1 1  ? -2.799  23.493  -25.949 1.00 139.19 ? 1   DG  A "O3'" 1 
ATOM   7   C  "C2'" . DG  A 1 1  ? -3.015  25.562  -24.651 1.00 111.26 ? 1   DG  A "C2'" 1 
ATOM   8   C  "C1'" . DG  A 1 1  ? -4.081  26.644  -24.843 1.00 104.37 ? 1   DG  A "C1'" 1 
ATOM   9   N  N9    . DG  A 1 1  ? -4.525  27.294  -23.617 1.00 97.41  ? 1   DG  A N9    1 
ATOM   10  C  C8    . DG  A 1 1  ? -5.809  27.326  -23.123 1.00 96.53  ? 1   DG  A C8    1 
ATOM   11  N  N7    . DG  A 1 1  ? -5.928  28.016  -22.025 1.00 90.52  ? 1   DG  A N7    1 
ATOM   12  C  C5    . DG  A 1 1  ? -4.641  28.478  -21.778 1.00 90.27  ? 1   DG  A C5    1 
ATOM   13  C  C6    . DG  A 1 1  ? -4.159  29.281  -20.726 1.00 94.40  ? 1   DG  A C6    1 
ATOM   14  O  O6    . DG  A 1 1  ? -4.790  29.751  -19.775 1.00 98.14  ? 1   DG  A O6    1 
ATOM   15  N  N1    . DG  A 1 1  ? -2.794  29.526  -20.843 1.00 94.38  ? 1   DG  A N1    1 
ATOM   16  C  C2    . DG  A 1 1  ? -1.998  29.057  -21.851 1.00 98.50  ? 1   DG  A C2    1 
ATOM   17  N  N2    . DG  A 1 1  ? -0.706  29.408  -21.784 1.00 99.75  ? 1   DG  A N2    1 
ATOM   18  N  N3    . DG  A 1 1  ? -2.437  28.294  -22.855 1.00 96.47  ? 1   DG  A N3    1 
ATOM   19  C  C4    . DG  A 1 1  ? -3.767  28.046  -22.751 1.00 92.68  ? 1   DG  A C4    1 
ATOM   20  P  P     . DA  A 1 2  ? -1.920  22.379  -25.197 1.00 146.69 ? 2   DA  A P     1 
ATOM   21  O  OP1   . DA  A 1 2  ? -2.196  21.107  -25.917 1.00 133.53 ? 2   DA  A OP1   1 
ATOM   22  O  OP2   . DA  A 1 2  ? -2.233  22.454  -23.744 1.00 121.20 ? 2   DA  A OP2   1 
ATOM   23  O  "O5'" . DA  A 1 2  ? -0.402  22.892  -25.441 1.00 133.96 ? 2   DA  A "O5'" 1 
ATOM   24  C  "C5'" . DA  A 1 2  ? 0.632   22.583  -24.502 1.00 126.60 ? 2   DA  A "C5'" 1 
ATOM   25  C  "C4'" . DA  A 1 2  ? 0.912   23.758  -23.571 1.00 123.09 ? 2   DA  A "C4'" 1 
ATOM   26  O  "O4'" . DA  A 1 2  ? -0.316  24.316  -23.085 1.00 115.96 ? 2   DA  A "O4'" 1 
ATOM   27  C  "C3'" . DA  A 1 2  ? 1.658   23.400  -22.292 1.00 122.14 ? 2   DA  A "C3'" 1 
ATOM   28  O  "O3'" . DA  A 1 2  ? 3.040   23.467  -22.504 1.00 130.17 ? 2   DA  A "O3'" 1 
ATOM   29  C  "C2'" . DA  A 1 2  ? 1.191   24.459  -21.275 1.00 105.16 ? 2   DA  A "C2'" 1 
ATOM   30  C  "C1'" . DA  A 1 2  ? 0.015   25.126  -21.984 1.00 108.45 ? 2   DA  A "C1'" 1 
ATOM   31  N  N9    . DA  A 1 2  ? -1.168  25.352  -21.152 1.00 103.30 ? 2   DA  A N9    1 
ATOM   32  C  C8    . DA  A 1 2  ? -2.426  24.835  -21.317 1.00 101.89 ? 2   DA  A C8    1 
ATOM   33  N  N7    . DA  A 1 2  ? -3.295  25.262  -20.424 1.00 95.62  ? 2   DA  A N7    1 
ATOM   34  C  C5    . DA  A 1 2  ? -2.549  26.124  -19.628 1.00 97.10  ? 2   DA  A C5    1 
ATOM   35  C  C6    . DA  A 1 2  ? -2.875  26.917  -18.491 1.00 101.68 ? 2   DA  A C6    1 
ATOM   36  N  N6    . DA  A 1 2  ? -4.087  26.968  -17.936 1.00 103.27 ? 2   DA  A N6    1 
ATOM   37  N  N1    . DA  A 1 2  ? -1.897  27.664  -17.953 1.00 98.50  ? 2   DA  A N1    1 
ATOM   38  C  C2    . DA  A 1 2  ? -0.680  27.616  -18.504 1.00 103.70 ? 2   DA  A C2    1 
ATOM   39  N  N3    . DA  A 1 2  ? -0.256  26.922  -19.559 1.00 99.84  ? 2   DA  A N3    1 
ATOM   40  C  C4    . DA  A 1 2  ? -1.245  26.190  -20.074 1.00 96.90  ? 2   DA  A C4    1 
ATOM   41  P  P     . DG  A 1 3  ? 4.027   22.824  -21.420 1.00 133.35 ? 3   DG  A P     1 
ATOM   42  O  OP1   . DG  A 1 3  ? 5.002   21.985  -22.156 1.00 130.02 ? 3   DG  A OP1   1 
ATOM   43  O  OP2   . DG  A 1 3  ? 3.176   22.241  -20.357 1.00 131.08 ? 3   DG  A OP2   1 
ATOM   44  O  "O5'" . DG  A 1 3  ? 4.761   24.081  -20.762 1.00 121.87 ? 3   DG  A "O5'" 1 
ATOM   45  C  "C5'" . DG  A 1 3  ? 5.546   23.892  -19.609 1.00 122.57 ? 3   DG  A "C5'" 1 
ATOM   46  C  "C4'" . DG  A 1 3  ? 4.916   24.553  -18.394 1.00 125.01 ? 3   DG  A "C4'" 1 
ATOM   47  O  "O4'" . DG  A 1 3  ? 3.476   24.647  -18.526 1.00 116.37 ? 3   DG  A "O4'" 1 
ATOM   48  C  "C3'" . DG  A 1 3  ? 5.154   23.817  -17.077 1.00 123.50 ? 3   DG  A "C3'" 1 
ATOM   49  O  "O3'" . DG  A 1 3  ? 6.077   24.533  -16.302 1.00 128.24 ? 3   DG  A "O3'" 1 
ATOM   50  C  "C2'" . DG  A 1 3  ? 3.770   23.769  -16.400 1.00 120.42 ? 3   DG  A "C2'" 1 
ATOM   51  C  "C1'" . DG  A 1 3  ? 2.961   24.761  -17.223 1.00 113.90 ? 3   DG  A "C1'" 1 
ATOM   52  N  N9    . DG  A 1 3  ? 1.523   24.485  -17.244 1.00 108.05 ? 3   DG  A N9    1 
ATOM   53  C  C8    . DG  A 1 3  ? 0.849   23.684  -18.139 1.00 104.69 ? 3   DG  A C8    1 
ATOM   54  N  N7    . DG  A 1 3  ? -0.438  23.622  -17.921 1.00 97.13  ? 3   DG  A N7    1 
ATOM   55  C  C5    . DG  A 1 3  ? -0.634  24.435  -16.807 1.00 101.12 ? 3   DG  A C5    1 
ATOM   56  C  C6    . DG  A 1 3  ? -1.826  24.755  -16.116 1.00 99.35  ? 3   DG  A C6    1 
ATOM   57  O  O6    . DG  A 1 3  ? -2.970  24.373  -16.355 1.00 102.18 ? 3   DG  A O6    1 
ATOM   58  N  N1    . DG  A 1 3  ? -1.598  25.608  -15.047 1.00 97.82  ? 3   DG  A N1    1 
ATOM   59  C  C2    . DG  A 1 3  ? -0.366  26.102  -14.677 1.00 98.18  ? 3   DG  A C2    1 
ATOM   60  N  N2    . DG  A 1 3  ? -0.357  26.910  -13.601 1.00 98.98  ? 3   DG  A N2    1 
ATOM   61  N  N3    . DG  A 1 3  ? 0.774   25.814  -15.315 1.00 96.13  ? 3   DG  A N3    1 
ATOM   62  C  C4    . DG  A 1 3  ? 0.562   24.974  -16.370 1.00 102.85 ? 3   DG  A C4    1 
ATOM   63  P  P     . DC  A 1 4  ? 6.633   23.895  -14.939 1.00 153.52 ? 4   DC  A P     1 
ATOM   64  O  OP1   . DC  A 1 4  ? 7.834   24.670  -14.541 1.00 148.43 ? 4   DC  A OP1   1 
ATOM   65  O  OP2   . DC  A 1 4  ? 6.700   22.423  -15.136 1.00 144.95 ? 4   DC  A OP2   1 
ATOM   66  O  "O5'" . DC  A 1 4  ? 5.491   24.216  -13.872 1.00 133.13 ? 4   DC  A "O5'" 1 
ATOM   67  C  "C5'" . DC  A 1 4  ? 5.355   25.536  -13.373 1.00 129.23 ? 4   DC  A "C5'" 1 
ATOM   68  C  "C4'" . DC  A 1 4  ? 4.444   25.549  -12.164 1.00 130.28 ? 4   DC  A "C4'" 1 
ATOM   69  O  "O4'" . DC  A 1 4  ? 3.074   25.289  -12.581 1.00 122.99 ? 4   DC  A "O4'" 1 
ATOM   70  C  "C3'" . DC  A 1 4  ? 4.773   24.487  -11.116 1.00 130.85 ? 4   DC  A "C3'" 1 
ATOM   71  O  "O3'" . DC  A 1 4  ? 4.641   25.033  -9.820  1.00 131.66 ? 4   DC  A "O3'" 1 
ATOM   72  C  "C2'" . DC  A 1 4  ? 3.723   23.411  -11.376 1.00 122.75 ? 4   DC  A "C2'" 1 
ATOM   73  C  "C1'" . DC  A 1 4  ? 2.535   24.261  -11.790 1.00 113.90 ? 4   DC  A "C1'" 1 
ATOM   74  N  N1    . DC  A 1 4  ? 1.512   23.517  -12.591 1.00 106.54 ? 4   DC  A N1    1 
ATOM   75  C  C2    . DC  A 1 4  ? 0.155   23.663  -12.276 1.00 104.41 ? 4   DC  A C2    1 
ATOM   76  O  O2    . DC  A 1 4  ? -0.168  24.427  -11.345 1.00 102.59 ? 4   DC  A O2    1 
ATOM   77  N  N3    . DC  A 1 4  ? -0.765  22.973  -13.002 1.00 100.25 ? 4   DC  A N3    1 
ATOM   78  C  C4    . DC  A 1 4  ? -0.369  22.173  -13.996 1.00 98.03  ? 4   DC  A C4    1 
ATOM   79  N  N4    . DC  A 1 4  ? -1.309  21.514  -14.682 1.00 98.30  ? 4   DC  A N4    1 
ATOM   80  C  C5    . DC  A 1 4  ? 1.009   22.013  -14.329 1.00 97.53  ? 4   DC  A C5    1 
ATOM   81  C  C6    . DC  A 1 4  ? 1.906   22.694  -13.607 1.00 98.88  ? 4   DC  A C6    1 
ATOM   82  P  P     . DA  A 1 5  ? 5.820   24.840  -8.748  1.00 144.35 ? 5   DA  A P     1 
ATOM   83  O  OP1   . DA  A 1 5  ? 6.588   26.107  -8.670  1.00 132.46 ? 5   DA  A OP1   1 
ATOM   84  O  OP2   . DA  A 1 5  ? 6.527   23.583  -9.110  1.00 142.09 ? 5   DA  A OP2   1 
ATOM   85  O  "O5'" . DA  A 1 5  ? 5.030   24.636  -7.371  1.00 124.66 ? 5   DA  A "O5'" 1 
ATOM   86  C  "C5'" . DA  A 1 5  ? 4.046   25.573  -6.989  1.00 116.94 ? 5   DA  A "C5'" 1 
ATOM   87  C  "C4'" . DA  A 1 5  ? 2.736   24.880  -6.674  1.00 118.99 ? 5   DA  A "C4'" 1 
ATOM   88  O  "O4'" . DA  A 1 5  ? 2.266   24.160  -7.819  1.00 113.50 ? 5   DA  A "O4'" 1 
ATOM   89  C  "C3'" . DA  A 1 5  ? 2.808   23.825  -5.579  1.00 125.38 ? 5   DA  A "C3'" 1 
ATOM   90  O  "O3'" . DA  A 1 5  ? 2.334   24.364  -4.373  1.00 124.86 ? 5   DA  A "O3'" 1 
ATOM   91  C  "C2'" . DA  A 1 5  ? 1.906   22.666  -6.088  1.00 116.22 ? 5   DA  A "C2'" 1 
ATOM   92  C  "C1'" . DA  A 1 5  ? 1.304   23.256  -7.349  1.00 109.15 ? 5   DA  A "C1'" 1 
ATOM   93  N  N9    . DA  A 1 5  ? 1.024   22.310  -8.414  1.00 96.79  ? 5   DA  A N9    1 
ATOM   94  C  C8    . DA  A 1 5  ? 1.922   21.739  -9.257  1.00 98.30  ? 5   DA  A C8    1 
ATOM   95  N  N7    . DA  A 1 5  ? 1.378   20.959  -10.161 1.00 95.97  ? 5   DA  A N7    1 
ATOM   96  C  C5    . DA  A 1 5  ? 0.025   21.042  -9.901  1.00 96.70  ? 5   DA  A C5    1 
ATOM   97  C  C6    . DA  A 1 5  ? -1.104  20.447  -10.515 1.00 100.37 ? 5   DA  A C6    1 
ATOM   98  N  N6    . DA  A 1 5  ? -1.020  19.613  -11.558 1.00 100.90 ? 5   DA  A N6    1 
ATOM   99  N  N1    . DA  A 1 5  ? -2.325  20.744  -10.011 1.00 99.74  ? 5   DA  A N1    1 
ATOM   100 C  C2    . DA  A 1 5  ? -2.398  21.575  -8.956  1.00 104.64 ? 5   DA  A C2    1 
ATOM   101 N  N3    . DA  A 1 5  ? -1.406  22.194  -8.298  1.00 102.78 ? 5   DA  A N3    1 
ATOM   102 C  C4    . DA  A 1 5  ? -0.212  21.881  -8.830  1.00 97.94  ? 5   DA  A C4    1 
ATOM   103 P  P     . DG  A 1 6  ? 2.487   23.507  -3.028  1.00 144.37 ? 6   DG  A P     1 
ATOM   104 O  OP1   . DG  A 1 6  ? 2.346   24.429  -1.869  1.00 136.93 ? 6   DG  A OP1   1 
ATOM   105 O  OP2   . DG  A 1 6  ? 3.734   22.708  -3.195  1.00 131.03 ? 6   DG  A OP2   1 
ATOM   106 O  "O5'" . DG  A 1 6  ? 1.199   22.555  -3.071  1.00 128.76 ? 6   DG  A "O5'" 1 
ATOM   107 C  "C5'" . DG  A 1 6  ? -0.079  23.161  -3.174  1.00 129.63 ? 6   DG  A "C5'" 1 
ATOM   108 C  "C4'" . DG  A 1 6  ? -1.155  22.142  -3.467  1.00 124.83 ? 6   DG  A "C4'" 1 
ATOM   109 O  "O4'" . DG  A 1 6  ? -0.981  21.602  -4.773  1.00 117.28 ? 6   DG  A "O4'" 1 
ATOM   110 C  "C3'" . DG  A 1 6  ? -1.173  20.933  -2.550  1.00 126.04 ? 6   DG  A "C3'" 1 
ATOM   111 O  "O3'" . DG  A 1 6  ? -2.055  21.209  -1.455  1.00 134.63 ? 6   DG  A "O3'" 1 
ATOM   112 C  "C2'" . DG  A 1 6  ? -1.682  19.789  -3.463  1.00 119.52 ? 6   DG  A "C2'" 1 
ATOM   113 C  "C1'" . DG  A 1 6  ? -1.762  20.442  -4.848  1.00 111.92 ? 6   DG  A "C1'" 1 
ATOM   114 N  N9    . DG  A 1 6  ? -1.243  19.635  -5.948  1.00 103.53 ? 6   DG  A N9    1 
ATOM   115 C  C8    . DG  A 1 6  ? 0.078   19.492  -6.312  1.00 104.13 ? 6   DG  A C8    1 
ATOM   116 N  N7    . DG  A 1 6  ? 0.250   18.744  -7.368  1.00 97.54  ? 6   DG  A N7    1 
ATOM   117 C  C5    . DG  A 1 6  ? -1.041  18.379  -7.739  1.00 95.52  ? 6   DG  A C5    1 
ATOM   118 C  C6    . DG  A 1 6  ? -1.486  17.566  -8.816  1.00 98.61  ? 6   DG  A C6    1 
ATOM   119 O  O6    . DG  A 1 6  ? -0.810  16.994  -9.681  1.00 94.78  ? 6   DG  A O6    1 
ATOM   120 N  N1    . DG  A 1 6  ? -2.878  17.449  -8.835  1.00 97.23  ? 6   DG  A N1    1 
ATOM   121 C  C2    . DG  A 1 6  ? -3.731  18.041  -7.931  1.00 100.11 ? 6   DG  A C2    1 
ATOM   122 N  N2    . DG  A 1 6  ? -5.042  17.811  -8.112  1.00 94.85  ? 6   DG  A N2    1 
ATOM   123 N  N3    . DG  A 1 6  ? -3.325  18.807  -6.912  1.00 99.25  ? 6   DG  A N3    1 
ATOM   124 C  C4    . DG  A 1 6  ? -1.972  18.930  -6.880  1.00 95.33  ? 6   DG  A C4    1 
ATOM   125 P  P     . DA  A 1 7  ? -2.680  20.039  -0.544  1.00 145.88 ? 7   DA  A P     1 
ATOM   126 O  OP1   . DA  A 1 7  ? -3.094  20.703  0.719   1.00 141.60 ? 7   DA  A OP1   1 
ATOM   127 O  OP2   . DA  A 1 7  ? -1.733  18.901  -0.472  1.00 128.63 ? 7   DA  A OP2   1 
ATOM   128 O  "O5'" . DA  A 1 7  ? -3.995  19.588  -1.358  1.00 133.72 ? 7   DA  A "O5'" 1 
ATOM   129 C  "C5'" . DA  A 1 7  ? -4.781  18.496  -0.906  1.00 123.76 ? 7   DA  A "C5'" 1 
ATOM   130 C  "C4'" . DA  A 1 7  ? -5.297  17.700  -2.078  1.00 118.22 ? 7   DA  A "C4'" 1 
ATOM   131 O  "O4'" . DA  A 1 7  ? -4.316  17.721  -3.125  1.00 108.89 ? 7   DA  A "O4'" 1 
ATOM   132 C  "C3'" . DA  A 1 7  ? -5.496  16.217  -1.800  1.00 130.34 ? 7   DA  A "C3'" 1 
ATOM   133 O  "O3'" . DA  A 1 7  ? -6.821  15.942  -1.363  1.00 136.30 ? 7   DA  A "O3'" 1 
ATOM   134 C  "C2'" . DA  A 1 7  ? -5.217  15.544  -3.155  1.00 121.40 ? 7   DA  A "C2'" 1 
ATOM   135 C  "C1'" . DA  A 1 7  ? -4.598  16.645  -3.993  1.00 108.40 ? 7   DA  A "C1'" 1 
ATOM   136 N  N9    . DA  A 1 7  ? -3.385  16.250  -4.703  1.00 100.69 ? 7   DA  A N9    1 
ATOM   137 C  C8    . DA  A 1 7  ? -2.089  16.550  -4.372  1.00 96.72  ? 7   DA  A C8    1 
ATOM   138 N  N7    . DA  A 1 7  ? -1.204  16.075  -5.221  1.00 90.79  ? 7   DA  A N7    1 
ATOM   139 C  C5    . DA  A 1 7  ? -1.973  15.426  -6.177  1.00 94.80  ? 7   DA  A C5    1 
ATOM   140 C  C6    . DA  A 1 7  ? -1.636  14.718  -7.355  1.00 91.71  ? 7   DA  A C6    1 
ATOM   141 N  N6    . DA  A 1 7  ? -0.384  14.556  -7.777  1.00 87.17  ? 7   DA  A N6    1 
ATOM   142 N  N1    . DA  A 1 7  ? -2.644  14.193  -8.086  1.00 90.96  ? 7   DA  A N1    1 
ATOM   143 C  C2    . DA  A 1 7  ? -3.908  14.365  -7.660  1.00 96.81  ? 7   DA  A C2    1 
ATOM   144 N  N3    . DA  A 1 7  ? -4.350  15.010  -6.571  1.00 95.77  ? 7   DA  A N3    1 
ATOM   145 C  C4    . DA  A 1 7  ? -3.321  15.522  -5.869  1.00 97.77  ? 7   DA  A C4    1 
ATOM   146 P  P     . DC  A 1 8  ? -7.154  14.477  -0.778  1.00 147.36 ? 8   DC  A P     1 
ATOM   147 O  OP1   . DC  A 1 8  ? -7.655  14.693  0.601   1.00 144.63 ? 8   DC  A OP1   1 
ATOM   148 O  OP2   . DC  A 1 8  ? -5.967  13.603  -0.982  1.00 122.68 ? 8   DC  A OP2   1 
ATOM   149 O  "O5'" . DC  A 1 8  ? -8.362  13.928  -1.695  1.00 137.56 ? 8   DC  A "O5'" 1 
ATOM   150 C  "C5'" . DC  A 1 8  ? -8.313  14.024  -3.120  1.00 124.30 ? 8   DC  A "C5'" 1 
ATOM   151 C  "C4'" . DC  A 1 8  ? -7.875  12.709  -3.759  1.00 123.37 ? 8   DC  A "C4'" 1 
ATOM   152 O  "O4'" . DC  A 1 8  ? -6.590  12.895  -4.401  1.00 118.18 ? 8   DC  A "O4'" 1 
ATOM   153 C  "C3'" . DC  A 1 8  ? -7.709  11.494  -2.810  1.00 116.44 ? 8   DC  A "C3'" 1 
ATOM   154 O  "O3'" . DC  A 1 8  ? -8.499  10.363  -3.298  1.00 121.22 ? 8   DC  A "O3'" 1 
ATOM   155 C  "C2'" . DC  A 1 8  ? -6.206  11.217  -2.856  1.00 107.66 ? 8   DC  A "C2'" 1 
ATOM   156 C  "C1'" . DC  A 1 8  ? -5.851  11.718  -4.238  1.00 105.61 ? 8   DC  A "C1'" 1 
ATOM   157 N  N1    . DC  A 1 8  ? -4.414  12.012  -4.406  1.00 93.86  ? 8   DC  A N1    1 
ATOM   158 C  C2    . DC  A 1 8  ? -3.771  11.617  -5.585  1.00 92.58  ? 8   DC  A C2    1 
ATOM   159 O  O2    . DC  A 1 8  ? -4.431  11.042  -6.455  1.00 96.85  ? 8   DC  A O2    1 
ATOM   160 N  N3    . DC  A 1 8  ? -2.454  11.864  -5.731  1.00 84.04  ? 8   DC  A N3    1 
ATOM   161 C  C4    . DC  A 1 8  ? -1.790  12.483  -4.756  1.00 91.42  ? 8   DC  A C4    1 
ATOM   162 N  N4    . DC  A 1 8  ? -0.492  12.720  -4.940  1.00 91.72  ? 8   DC  A N4    1 
ATOM   163 C  C5    . DC  A 1 8  ? -2.432  12.896  -3.548  1.00 93.69  ? 8   DC  A C5    1 
ATOM   164 C  C6    . DC  A 1 8  ? -3.731  12.633  -3.415  1.00 92.76  ? 8   DC  A C6    1 
ATOM   165 P  P     . DC  A 1 9  ? -8.039  8.823   -3.103  1.00 131.84 ? 9   DC  A P     1 
ATOM   166 O  OP1   . DC  A 1 9  ? -9.222  7.946   -3.320  1.00 115.48 ? 9   DC  A OP1   1 
ATOM   167 O  OP2   . DC  A 1 9  ? -7.244  8.684   -1.855  1.00 118.72 ? 9   DC  A OP2   1 
ATOM   168 O  "O5'" . DC  A 1 9  ? -7.173  8.516   -4.406  1.00 107.02 ? 9   DC  A "O5'" 1 
ATOM   169 C  "C5'" . DC  A 1 9  ? -7.850  8.420   -5.649  1.00 105.07 ? 9   DC  A "C5'" 1 
ATOM   170 C  "C4'" . DC  A 1 9  ? -7.113  7.532   -6.642  1.00 105.01 ? 9   DC  A "C4'" 1 
ATOM   171 O  "O4'" . DC  A 1 9  ? -5.761  8.017   -6.863  1.00 105.30 ? 9   DC  A "O4'" 1 
ATOM   172 C  "C3'" . DC  A 1 9  ? -6.986  6.064   -6.273  1.00 95.75  ? 9   DC  A "C3'" 1 
ATOM   173 O  "O3'" . DC  A 1 9  ? -7.216  5.319   -7.438  1.00 100.70 ? 9   DC  A "O3'" 1 
ATOM   174 C  "C2'" . DC  A 1 9  ? -5.527  5.946   -5.809  1.00 94.76  ? 9   DC  A "C2'" 1 
ATOM   175 C  "C1'" . DC  A 1 9  ? -4.832  6.967   -6.706  1.00 91.57  ? 9   DC  A "C1'" 1 
ATOM   176 N  N1    . DC  A 1 9  ? -3.564  7.577   -6.134  1.00 81.26  ? 9   DC  A N1    1 
ATOM   177 C  C2    . DC  A 1 9  ? -2.313  7.353   -6.761  1.00 78.21  ? 9   DC  A C2    1 
ATOM   178 O  O2    . DC  A 1 9  ? -2.260  6.617   -7.760  1.00 80.38  ? 9   DC  A O2    1 
ATOM   179 N  N3    . DC  A 1 9  ? -1.200  7.943   -6.242  1.00 68.33  ? 9   DC  A N3    1 
ATOM   180 C  C4    . DC  A 1 9  ? -1.306  8.725   -5.165  1.00 77.31  ? 9   DC  A C4    1 
ATOM   181 N  N4    . DC  A 1 9  ? -0.196  9.281   -4.674  1.00 71.93  ? 9   DC  A N4    1 
ATOM   182 C  C5    . DC  A 1 9  ? -2.558  8.966   -4.527  1.00 82.09  ? 9   DC  A C5    1 
ATOM   183 C  C6    . DC  A 1 9  ? -3.649  8.393   -5.046  1.00 80.64  ? 9   DC  A C6    1 
ATOM   184 P  P     . DT  A 1 10 ? -7.288  3.720   -7.382  1.00 122.29 ? 10  DT  A P     1 
ATOM   185 O  OP1   . DT  A 1 10 ? -8.128  3.249   -8.513  1.00 115.38 ? 10  DT  A OP1   1 
ATOM   186 O  OP2   . DT  A 1 10 ? -7.659  3.397   -5.975  1.00 101.75 ? 10  DT  A OP2   1 
ATOM   187 O  "O5'" . DT  A 1 10 ? -5.784  3.266   -7.717  1.00 108.11 ? 10  DT  A "O5'" 1 
ATOM   188 C  "C5'" . DT  A 1 10 ? -5.080  3.861   -8.814  1.00 97.91  ? 10  DT  A "C5'" 1 
ATOM   189 C  "C4'" . DT  A 1 10 ? -4.053  2.894   -9.368  1.00 97.80  ? 10  DT  A "C4'" 1 
ATOM   190 O  "O4'" . DT  A 1 10 ? -2.713  3.311   -8.972  1.00 87.65  ? 10  DT  A "O4'" 1 
ATOM   191 C  "C3'" . DT  A 1 10 ? -4.204  1.479   -8.860  1.00 97.83  ? 10  DT  A "C3'" 1 
ATOM   192 O  "O3'" . DT  A 1 10 ? -3.797  0.534   -9.868  1.00 97.87  ? 10  DT  A "O3'" 1 
ATOM   193 C  "C2'" . DT  A 1 10 ? -3.273  1.473   -7.640  1.00 93.92  ? 10  DT  A "C2'" 1 
ATOM   194 C  "C1'" . DT  A 1 10 ? -2.123  2.339   -8.126  1.00 82.29  ? 10  DT  A "C1'" 1 
ATOM   195 N  N1    . DT  A 1 10 ? -1.409  3.079   -7.048  1.00 77.01  ? 10  DT  A N1    1 
ATOM   196 C  C2    . DT  A 1 10 ? -0.023  3.186   -7.078  1.00 73.75  ? 10  DT  A C2    1 
ATOM   197 O  O2    . DT  A 1 10 ? 0.680   2.656   -7.930  1.00 74.52  ? 10  DT  A O2    1 
ATOM   198 N  N3    . DT  A 1 10 ? 0.513   3.930   -6.050  1.00 64.00  ? 10  DT  A N3    1 
ATOM   199 C  C4    . DT  A 1 10 ? -0.174  4.562   -5.028  1.00 70.55  ? 10  DT  A C4    1 
ATOM   200 O  O4    . DT  A 1 10 ? 0.396   5.212   -4.142  1.00 73.07  ? 10  DT  A O4    1 
ATOM   201 C  C5    . DT  A 1 10 ? -1.609  4.406   -5.061  1.00 78.27  ? 10  DT  A C5    1 
ATOM   202 C  C7    . DT  A 1 10 ? -2.455  5.037   -3.994  1.00 73.57  ? 10  DT  A C7    1 
ATOM   203 C  C6    . DT  A 1 10 ? -2.150  3.690   -6.064  1.00 78.64  ? 10  DT  A C6    1 
ATOM   204 P  P     . DG  A 1 11 ? -4.352  -0.976  -9.798  1.00 116.84 ? 11  DG  A P     1 
ATOM   205 O  OP1   . DG  A 1 11 ? -5.517  -1.017  -10.711 1.00 119.22 ? 11  DG  A OP1   1 
ATOM   206 O  OP2   . DG  A 1 11 ? -4.512  -1.340  -8.353  1.00 101.37 ? 11  DG  A OP2   1 
ATOM   207 O  "O5'" . DG  A 1 11 ? -3.181  -1.891  -10.427 1.00 101.19 ? 11  DG  A "O5'" 1 
ATOM   208 C  "C5'" . DG  A 1 11 ? -1.857  -1.387  -10.523 1.00 101.66 ? 11  DG  A "C5'" 1 
ATOM   209 C  "C4'" . DG  A 1 11 ? -0.865  -2.151  -9.635  1.00 98.06  ? 11  DG  A "C4'" 1 
ATOM   210 O  "O4'" . DG  A 1 11 ? -0.338  -1.277  -8.587  1.00 99.08  ? 11  DG  A "O4'" 1 
ATOM   211 C  "C3'" . DG  A 1 11 ? -1.380  -3.386  -8.884  1.00 87.05  ? 11  DG  A "C3'" 1 
ATOM   212 O  "O3'" . DG  A 1 11 ? -0.287  -4.266  -8.720  1.00 87.97  ? 11  DG  A "O3'" 1 
ATOM   213 C  "C2'" . DG  A 1 11 ? -1.733  -2.782  -7.537  1.00 82.30  ? 11  DG  A "C2'" 1 
ATOM   214 C  "C1'" . DG  A 1 11 ? -0.483  -1.949  -7.358  1.00 82.39  ? 11  DG  A "C1'" 1 
ATOM   215 N  N9    . DG  A 1 11 ? -0.517  -0.982  -6.268  1.00 78.83  ? 11  DG  A N9    1 
ATOM   216 C  C8    . DG  A 1 11 ? -1.601  -0.575  -5.528  1.00 78.61  ? 11  DG  A C8    1 
ATOM   217 N  N7    . DG  A 1 11 ? -1.293  0.298   -4.600  1.00 74.09  ? 11  DG  A N7    1 
ATOM   218 C  C5    . DG  A 1 11 ? 0.077   0.466   -4.747  1.00 75.43  ? 11  DG  A C5    1 
ATOM   219 C  C6    . DG  A 1 11 ? 0.970   1.285   -4.039  1.00 72.81  ? 11  DG  A C6    1 
ATOM   220 O  O6    . DG  A 1 11 ? 0.724   2.051   -3.102  1.00 73.30  ? 11  DG  A O6    1 
ATOM   221 N  N1    . DG  A 1 11 ? 2.265   1.155   -4.512  1.00 65.01  ? 11  DG  A N1    1 
ATOM   222 C  C2    . DG  A 1 11 ? 2.637   0.340   -5.542  1.00 70.40  ? 11  DG  A C2    1 
ATOM   223 N  N2    . DG  A 1 11 ? 3.929   0.335   -5.865  1.00 76.44  ? 11  DG  A N2    1 
ATOM   224 N  N3    . DG  A 1 11 ? 1.813   -0.424  -6.213  1.00 72.77  ? 11  DG  A N3    1 
ATOM   225 C  C4    . DG  A 1 11 ? 0.559   -0.314  -5.764  1.00 75.02  ? 11  DG  A C4    1 
ATOM   226 P  P     . DA  A 1 12 ? -0.456  -5.844  -8.919  1.00 93.09  ? 12  DA  A P     1 
ATOM   227 O  OP1   . DA  A 1 12 ? -0.828  -6.070  -10.342 1.00 84.16  ? 12  DA  A OP1   1 
ATOM   228 O  OP2   . DA  A 1 12 ? -1.223  -6.316  -7.733  1.00 86.00  ? 12  DA  A OP2   1 
ATOM   229 O  "O5'" . DA  A 1 12 ? 1.015   -6.424  -8.764  1.00 83.76  ? 12  DA  A "O5'" 1 
ATOM   230 C  "C5'" . DA  A 1 12 ? 2.041   -5.940  -9.596  1.00 80.57  ? 12  DA  A "C5'" 1 
ATOM   231 C  "C4'" . DA  A 1 12 ? 3.289   -5.651  -8.784  1.00 78.37  ? 12  DA  A "C4'" 1 
ATOM   232 O  "O4'" . DA  A 1 12 ? 3.020   -4.609  -7.817  1.00 83.60  ? 12  DA  A "O4'" 1 
ATOM   233 C  "C3'" . DA  A 1 12 ? 3.830   -6.828  -7.998  1.00 83.50  ? 12  DA  A "C3'" 1 
ATOM   234 O  "O3'" . DA  A 1 12 ? 5.214   -6.946  -8.261  1.00 87.77  ? 12  DA  A "O3'" 1 
ATOM   235 C  "C2'" . DA  A 1 12 ? 3.523   -6.472  -6.522  1.00 81.17  ? 12  DA  A "C2'" 1 
ATOM   236 C  "C1'" . DA  A 1 12 ? 3.543   -4.959  -6.560  1.00 75.96  ? 12  DA  A "C1'" 1 
ATOM   237 N  N9    . DA  A 1 12 ? 2.701   -4.296  -5.577  1.00 72.27  ? 12  DA  A N9    1 
ATOM   238 C  C8    . DA  A 1 12 ? 1.338   -4.302  -5.531  1.00 77.23  ? 12  DA  A C8    1 
ATOM   239 N  N7    . DA  A 1 12 ? 0.834   -3.554  -4.574  1.00 77.31  ? 12  DA  A N7    1 
ATOM   240 C  C5    . DA  A 1 12 ? 1.944   -2.986  -3.975  1.00 75.57  ? 12  DA  A C5    1 
ATOM   241 C  C6    . DA  A 1 12 ? 2.092   -2.078  -2.886  1.00 73.49  ? 12  DA  A C6    1 
ATOM   242 N  N6    . DA  A 1 12 ? 1.066   -1.584  -2.198  1.00 71.71  ? 12  DA  A N6    1 
ATOM   243 N  N1    . DA  A 1 12 ? 3.343   -1.719  -2.534  1.00 73.35  ? 12  DA  A N1    1 
ATOM   244 C  C2    . DA  A 1 12 ? 4.373   -2.232  -3.244  1.00 77.68  ? 12  DA  A C2    1 
ATOM   245 N  N3    . DA  A 1 12 ? 4.355   -3.087  -4.288  1.00 66.82  ? 12  DA  A N3    1 
ATOM   246 C  C4    . DA  A 1 12 ? 3.104   -3.424  -4.600  1.00 70.89  ? 12  DA  A C4    1 
ATOM   247 P  P     . DC  A 1 13 ? 6.011   -8.253  -7.791  1.00 104.45 ? 13  DC  A P     1 
ATOM   248 O  OP1   . DC  A 1 13 ? 7.360   -8.200  -8.434  1.00 83.77  ? 13  DC  A OP1   1 
ATOM   249 O  OP2   . DC  A 1 13 ? 5.096   -9.427  -7.953  1.00 84.14  ? 13  DC  A OP2   1 
ATOM   250 O  "O5'" . DC  A 1 13 ? 6.294   -7.920  -6.270  1.00 73.67  ? 13  DC  A "O5'" 1 
ATOM   251 C  "C5'" . DC  A 1 13 ? 6.988   -6.762  -6.032  1.00 72.73  ? 13  DC  A "C5'" 1 
ATOM   252 C  "C4'" . DC  A 1 13 ? 7.083   -6.474  -4.574  1.00 78.38  ? 13  DC  A "C4'" 1 
ATOM   253 O  "O4'" . DC  A 1 13 ? 5.893   -5.869  -4.112  1.00 77.42  ? 13  DC  A "O4'" 1 
ATOM   254 C  "C3'" . DC  A 1 13 ? 7.250   -7.676  -3.681  1.00 81.87  ? 13  DC  A "C3'" 1 
ATOM   255 O  "O3'" . DC  A 1 13 ? 8.626   -7.938  -3.555  1.00 85.07  ? 13  DC  A "O3'" 1 
ATOM   256 C  "C2'" . DC  A 1 13 ? 6.618   -7.200  -2.350  1.00 82.15  ? 13  DC  A "C2'" 1 
ATOM   257 C  "C1'" . DC  A 1 13 ? 6.004   -5.847  -2.723  1.00 71.79  ? 13  DC  A "C1'" 1 
ATOM   258 N  N1    . DC  A 1 13 ? 4.674   -5.583  -2.208  1.00 65.17  ? 13  DC  A N1    1 
ATOM   259 C  C2    . DC  A 1 13 ? 4.500   -4.677  -1.155  1.00 69.12  ? 13  DC  A C2    1 
ATOM   260 O  O2    . DC  A 1 13 ? 5.493   -4.159  -0.629  1.00 72.91  ? 13  DC  A O2    1 
ATOM   261 N  N3    . DC  A 1 13 ? 3.250   -4.403  -0.731  1.00 64.61  ? 13  DC  A N3    1 
ATOM   262 C  C4    . DC  A 1 13 ? 2.225   -4.968  -1.332  1.00 65.59  ? 13  DC  A C4    1 
ATOM   263 N  N4    . DC  A 1 13 ? 1.015   -4.674  -0.890  1.00 74.12  ? 13  DC  A N4    1 
ATOM   264 C  C5    . DC  A 1 13 ? 2.382   -5.869  -2.421  1.00 68.76  ? 13  DC  A C5    1 
ATOM   265 C  C6    . DC  A 1 13 ? 3.611   -6.137  -2.830  1.00 64.17  ? 13  DC  A C6    1 
ATOM   266 P  P     . DG  A 1 14 ? 9.171   -9.051  -2.547  1.00 96.28  ? 14  DG  A P     1 
ATOM   267 O  OP1   . DG  A 1 14 ? 10.522  -9.361  -3.078  1.00 82.54  ? 14  DG  A OP1   1 
ATOM   268 O  OP2   . DG  A 1 14 ? 8.157   -10.123 -2.373  1.00 93.10  ? 14  DG  A OP2   1 
ATOM   269 O  "O5'" . DG  A 1 14 ? 9.246   -8.278  -1.148  1.00 80.22  ? 14  DG  A "O5'" 1 
ATOM   270 C  "C5'" . DG  A 1 14 ? 10.265  -7.341  -0.930  1.00 82.07  ? 14  DG  A "C5'" 1 
ATOM   271 C  "C4'" . DG  A 1 14 ? 10.245  -6.882  0.509   1.00 91.84  ? 14  DG  A "C4'" 1 
ATOM   272 O  "O4'" . DG  A 1 14 ? 8.931   -6.339  0.810   1.00 92.70  ? 14  DG  A "O4'" 1 
ATOM   273 C  "C3'" . DG  A 1 14 ? 10.487  -7.987  1.537   1.00 101.16 ? 14  DG  A "C3'" 1 
ATOM   274 O  "O3'" . DG  A 1 14 ? 11.238  -7.469  2.674   1.00 109.76 ? 14  DG  A "O3'" 1 
ATOM   275 C  "C2'" . DG  A 1 14 ? 9.063   -8.403  1.913   1.00 93.76  ? 14  DG  A "C2'" 1 
ATOM   276 C  "C1'" . DG  A 1 14 ? 8.334   -7.065  1.864   1.00 86.94  ? 14  DG  A "C1'" 1 
ATOM   277 N  N9    . DG  A 1 14 ? 6.897   -7.189  1.596   1.00 77.48  ? 14  DG  A N9    1 
ATOM   278 C  C8    . DG  A 1 14 ? 6.296   -8.017  0.674   1.00 72.64  ? 14  DG  A C8    1 
ATOM   279 N  N7    . DG  A 1 14 ? 4.994   -7.919  0.654   1.00 65.65  ? 14  DG  A N7    1 
ATOM   280 C  C5    . DG  A 1 14 ? 4.706   -6.968  1.628   1.00 69.51  ? 14  DG  A C5    1 
ATOM   281 C  C6    . DG  A 1 14 ? 3.452   -6.450  2.057   1.00 70.42  ? 14  DG  A C6    1 
ATOM   282 O  O6    . DG  A 1 14 ? 2.319   -6.741  1.641   1.00 69.68  ? 14  DG  A O6    1 
ATOM   283 N  N1    . DG  A 1 14 ? 3.600   -5.512  3.079   1.00 67.27  ? 14  DG  A N1    1 
ATOM   284 C  C2    . DG  A 1 14 ? 4.813   -5.122  3.616   1.00 72.33  ? 14  DG  A C2    1 
ATOM   285 N  N2    . DG  A 1 14 ? 4.757   -4.216  4.607   1.00 77.18  ? 14  DG  A N2    1 
ATOM   286 N  N3    . DG  A 1 14 ? 6.004   -5.593  3.214   1.00 64.91  ? 14  DG  A N3    1 
ATOM   287 C  C4    . DG  A 1 14 ? 5.869   -6.509  2.224   1.00 68.62  ? 14  DG  A C4    1 
ATOM   288 P  P     . DG  A 1 15 ? 11.536  -8.391  3.967   1.00 111.61 ? 15  DG  A P     1 
ATOM   289 O  OP1   . DG  A 1 15 ? 12.766  -7.885  4.629   1.00 102.95 ? 15  DG  A OP1   1 
ATOM   290 O  OP2   . DG  A 1 15 ? 11.475  -9.810  3.510   1.00 89.03  ? 15  DG  A OP2   1 
ATOM   291 O  "O5'" . DG  A 1 15 ? 10.363  -7.970  4.970   1.00 77.41  ? 15  DG  A "O5'" 1 
ATOM   292 C  "C5'" . DG  A 1 15 ? 10.049  -6.594  5.067   1.00 86.65  ? 15  DG  A "C5'" 1 
ATOM   293 C  "C4'" . DG  A 1 15 ? 9.181   -6.304  6.264   1.00 93.58  ? 15  DG  A "C4'" 1 
ATOM   294 O  "O4'" . DG  A 1 15 ? 7.777   -6.330  5.882   1.00 99.38  ? 15  DG  A "O4'" 1 
ATOM   295 C  "C3'" . DG  A 1 15 ? 9.307   -7.296  7.391   1.00 95.29  ? 15  DG  A "C3'" 1 
ATOM   296 O  "O3'" . DG  A 1 15 ? 9.056   -6.621  8.597   1.00 103.08 ? 15  DG  A "O3'" 1 
ATOM   297 C  "C2'" . DG  A 1 15 ? 8.205   -8.303  7.062   1.00 85.51  ? 15  DG  A "C2'" 1 
ATOM   298 C  "C1'" . DG  A 1 15 ? 7.114   -7.379  6.563   1.00 79.96  ? 15  DG  A "C1'" 1 
ATOM   299 N  N9    . DG  A 1 15 ? 6.160   -8.008  5.645   1.00 70.07  ? 15  DG  A N9    1 
ATOM   300 C  C8    . DG  A 1 15 ? 6.432   -8.860  4.600   1.00 72.52  ? 15  DG  A C8    1 
ATOM   301 N  N7    . DG  A 1 15 ? 5.357   -9.260  3.959   1.00 72.61  ? 15  DG  A N7    1 
ATOM   302 C  C5    . DG  A 1 15 ? 4.318   -8.619  4.630   1.00 68.43  ? 15  DG  A C5    1 
ATOM   303 C  C6    . DG  A 1 15 ? 2.931   -8.644  4.397   1.00 66.23  ? 15  DG  A C6    1 
ATOM   304 O  O6    . DG  A 1 15 ? 2.310   -9.261  3.524   1.00 69.94  ? 15  DG  A O6    1 
ATOM   305 N  N1    . DG  A 1 15 ? 2.239   -7.850  5.302   1.00 61.66  ? 15  DG  A N1    1 
ATOM   306 C  C2    . DG  A 1 15 ? 2.811   -7.132  6.298   1.00 64.62  ? 15  DG  A C2    1 
ATOM   307 N  N2    . DG  A 1 15 ? 1.987   -6.435  7.080   1.00 70.38  ? 15  DG  A N2    1 
ATOM   308 N  N3    . DG  A 1 15 ? 4.106   -7.087  6.523   1.00 71.77  ? 15  DG  A N3    1 
ATOM   309 C  C4    . DG  A 1 15 ? 4.797   -7.853  5.658   1.00 69.50  ? 15  DG  A C4    1 
ATOM   310 P  P     . DA  A 1 16 ? 9.197   -7.390  9.995   1.00 109.63 ? 16  DA  A P     1 
ATOM   311 O  OP1   . DA  A 1 16 ? 10.039  -6.534  10.874  1.00 99.25  ? 16  DA  A OP1   1 
ATOM   312 O  OP2   . DA  A 1 16 ? 9.533   -8.815  9.715   1.00 87.62  ? 16  DA  A OP2   1 
ATOM   313 O  "O5'" . DA  A 1 16 ? 7.716   -7.351  10.564  1.00 95.95  ? 16  DA  A "O5'" 1 
ATOM   314 C  "C5'" . DA  A 1 16 ? 7.017   -6.120  10.625  1.00 94.94  ? 16  DA  A "C5'" 1 
ATOM   315 C  "C4'" . DA  A 1 16 ? 5.688   -6.322  11.311  1.00 95.88  ? 16  DA  A "C4'" 1 
ATOM   316 O  "O4'" . DA  A 1 16 ? 4.732   -6.879  10.369  1.00 93.90  ? 16  DA  A "O4'" 1 
ATOM   317 C  "C3'" . DA  A 1 16 ? 5.730   -7.316  12.459  1.00 96.64  ? 16  DA  A "C3'" 1 
ATOM   318 O  "O3'" . DA  A 1 16 ? 4.721   -7.001  13.380  1.00 98.55  ? 16  DA  A "O3'" 1 
ATOM   319 C  "C2'" . DA  A 1 16 ? 5.425   -8.630  11.757  1.00 84.58  ? 16  DA  A "C2'" 1 
ATOM   320 C  "C1'" . DA  A 1 16 ? 4.343   -8.169  10.806  1.00 81.49  ? 16  DA  A "C1'" 1 
ATOM   321 N  N9    . DA  A 1 16 ? 4.172   -9.031  9.646   1.00 76.70  ? 16  DA  A N9    1 
ATOM   322 C  C8    . DA  A 1 16 ? 5.143   -9.681  8.924   1.00 77.06  ? 16  DA  A C8    1 
ATOM   323 N  N7    . DA  A 1 16 ? 4.668   -10.393 7.919   1.00 65.54  ? 16  DA  A N7    1 
ATOM   324 C  C5    . DA  A 1 16 ? 3.307   -10.190 8.000   1.00 68.83  ? 16  DA  A C5    1 
ATOM   325 C  C6    . DA  A 1 16 ? 2.246   -10.662 7.230   1.00 71.11  ? 16  DA  A C6    1 
ATOM   326 N  N6    . DA  A 1 16 ? 2.420   -11.480 6.187   1.00 75.11  ? 16  DA  A N6    1 
ATOM   327 N  N1    . DA  A 1 16 ? 0.986   -10.262 7.570   1.00 67.56  ? 16  DA  A N1    1 
ATOM   328 C  C2    . DA  A 1 16 ? 0.832   -9.455  8.628   1.00 70.92  ? 16  DA  A C2    1 
ATOM   329 N  N3    . DA  A 1 16 ? 1.759   -8.947  9.436   1.00 73.11  ? 16  DA  A N3    1 
ATOM   330 C  C4    . DA  A 1 16 ? 2.986   -9.356  9.059   1.00 74.60  ? 16  DA  A C4    1 
ATOM   331 P  P     . DA  A 1 17 ? 4.837   -7.509  14.894  1.00 112.58 ? 17  DA  A P     1 
ATOM   332 O  OP1   . DA  A 1 17 ? 5.434   -6.371  15.647  1.00 101.52 ? 17  DA  A OP1   1 
ATOM   333 O  OP2   . DA  A 1 17 ? 5.368   -8.905  14.928  1.00 92.60  ? 17  DA  A OP2   1 
ATOM   334 O  "O5'" . DA  A 1 17 ? 3.328   -7.621  15.344  1.00 93.55  ? 17  DA  A "O5'" 1 
ATOM   335 C  "C5'" . DA  A 1 17 ? 2.484   -6.532  15.155  1.00 89.11  ? 17  DA  A "C5'" 1 
ATOM   336 C  "C4'" . DA  A 1 17 ? 1.143   -7.050  14.761  1.00 82.05  ? 17  DA  A "C4'" 1 
ATOM   337 O  "O4'" . DA  A 1 17 ? 1.309   -7.875  13.595  1.00 81.88  ? 17  DA  A "O4'" 1 
ATOM   338 C  "C3'" . DA  A 1 17 ? 0.507   -7.928  15.811  1.00 77.13  ? 17  DA  A "C3'" 1 
ATOM   339 O  "O3'" . DA  A 1 17 ? -0.775  -7.452  16.090  1.00 70.22  ? 17  DA  A "O3'" 1 
ATOM   340 C  "C2'" . DA  A 1 17 ? 0.508   -9.343  15.194  1.00 73.80  ? 17  DA  A "C2'" 1 
ATOM   341 C  "C1'" . DA  A 1 17 ? 0.560   -9.043  13.717  1.00 76.05  ? 17  DA  A "C1'" 1 
ATOM   342 N  N9    . DA  A 1 17 ? 1.221   -10.038 12.884  1.00 71.66  ? 17  DA  A N9    1 
ATOM   343 C  C8    . DA  A 1 17 ? 2.546   -10.334 12.848  1.00 76.58  ? 17  DA  A C8    1 
ATOM   344 N  N7    . DA  A 1 17 ? 2.861   -11.230 11.938  1.00 72.87  ? 17  DA  A N7    1 
ATOM   345 C  C5    . DA  A 1 17 ? 1.666   -11.504 11.319  1.00 68.82  ? 17  DA  A C5    1 
ATOM   346 C  C6    . DA  A 1 17 ? 1.314   -12.369 10.259  1.00 69.87  ? 17  DA  A C6    1 
ATOM   347 N  N6    . DA  A 1 17 ? 2.189   -13.147 9.623   1.00 66.88  ? 17  DA  A N6    1 
ATOM   348 N  N1    . DA  A 1 17 ? 0.011   -12.411 9.889   1.00 70.58  ? 17  DA  A N1    1 
ATOM   349 C  C2    . DA  A 1 17 ? -0.853  -11.615 10.526  1.00 75.55  ? 17  DA  A C2    1 
ATOM   350 N  N3    . DA  A 1 17 ? -0.633  -10.754 11.523  1.00 78.06  ? 17  DA  A N3    1 
ATOM   351 C  C4    . DA  A 1 17 ? 0.653   -10.757 11.878  1.00 71.70  ? 17  DA  A C4    1 
ATOM   352 P  P     . DA  A 1 18 ? -1.686  -8.253  17.129  1.00 91.39  ? 18  DA  A P     1 
ATOM   353 O  OP1   . DA  A 1 18 ? -2.762  -7.320  17.545  1.00 84.40  ? 18  DA  A OP1   1 
ATOM   354 O  OP2   . DA  A 1 18 ? -0.824  -8.994  18.091  1.00 90.19  ? 18  DA  A OP2   1 
ATOM   355 O  "O5'" . DA  A 1 18 ? -2.337  -9.393  16.243  1.00 81.41  ? 18  DA  A "O5'" 1 
ATOM   356 C  "C5'" . DA  A 1 18 ? -3.431  -9.071  15.465  1.00 79.11  ? 18  DA  A "C5'" 1 
ATOM   357 C  "C4'" . DA  A 1 18 ? -3.980  -10.298 14.801  1.00 72.35  ? 18  DA  A "C4'" 1 
ATOM   358 O  "O4'" . DA  A 1 18 ? -2.941  -10.969 14.049  1.00 72.31  ? 18  DA  A "O4'" 1 
ATOM   359 C  "C3'" . DA  A 1 18 ? -4.537  -11.329 15.737  1.00 66.23  ? 18  DA  A "C3'" 1 
ATOM   360 O  "O3'" . DA  A 1 18 ? -5.750  -11.724 15.204  1.00 67.13  ? 18  DA  A "O3'" 1 
ATOM   361 C  "C2'" . DA  A 1 18 ? -3.475  -12.456 15.668  1.00 72.46  ? 18  DA  A "C2'" 1 
ATOM   362 C  "C1'" . DA  A 1 18 ? -3.064  -12.352 14.226  1.00 64.81  ? 18  DA  A "C1'" 1 
ATOM   363 N  N9    . DA  A 1 18 ? -1.764  -12.914 13.863  1.00 66.60  ? 18  DA  A N9    1 
ATOM   364 C  C8    . DA  A 1 18 ? -0.550  -12.520 14.333  1.00 69.46  ? 18  DA  A C8    1 
ATOM   365 N  N7    . DA  A 1 18 ? 0.459   -13.126 13.768  1.00 62.39  ? 18  DA  A N7    1 
ATOM   366 C  C5    . DA  A 1 18 ? -0.123  -13.939 12.835  1.00 60.76  ? 18  DA  A C5    1 
ATOM   367 C  C6    . DA  A 1 18 ? 0.420   -14.833 11.908  1.00 67.63  ? 18  DA  A C6    1 
ATOM   368 N  N6    . DA  A 1 18 ? 1.718   -15.057 11.791  1.00 77.26  ? 18  DA  A N6    1 
ATOM   369 N  N1    . DA  A 1 18 ? -0.414  -15.487 11.106  1.00 66.40  ? 18  DA  A N1    1 
ATOM   370 C  C2    . DA  A 1 18 ? -1.724  -15.265 11.226  1.00 69.33  ? 18  DA  A C2    1 
ATOM   371 N  N3    . DA  A 1 18 ? -2.363  -14.453 12.078  1.00 67.25  ? 18  DA  A N3    1 
ATOM   372 C  C4    . DA  A 1 18 ? -1.491  -13.815 12.862  1.00 64.34  ? 18  DA  A C4    1 
ATOM   373 P  P     . DT  A 1 19 ? -6.827  -12.480 16.105  1.00 80.40  ? 19  DT  A P     1 
ATOM   374 O  OP1   . DT  A 1 19 ? -8.140  -11.827 15.946  1.00 96.32  ? 19  DT  A OP1   1 
ATOM   375 O  OP2   . DT  A 1 19 ? -6.261  -12.586 17.469  1.00 75.47  ? 19  DT  A OP2   1 
ATOM   376 O  "O5'" . DT  A 1 19 ? -6.941  -13.888 15.390  1.00 55.02  ? 19  DT  A "O5'" 1 
ATOM   377 C  "C5'" . DT  A 1 19 ? -5.812  -14.494 15.016  1.00 54.97  ? 19  DT  A "C5'" 1 
ATOM   378 C  "C4'" . DT  A 1 19 ? -6.139  -15.614 14.143  1.00 66.12  ? 19  DT  A "C4'" 1 
ATOM   379 O  "O4'" . DT  A 1 19 ? -4.977  -15.953 13.375  1.00 73.98  ? 19  DT  A "O4'" 1 
ATOM   380 C  "C3'" . DT  A 1 19 ? -6.556  -16.842 14.891  1.00 69.41  ? 19  DT  A "C3'" 1 
ATOM   381 O  "O3'" . DT  A 1 19 ? -7.539  -17.471 14.185  1.00 77.51  ? 19  DT  A "O3'" 1 
ATOM   382 C  "C2'" . DT  A 1 19 ? -5.282  -17.676 14.965  1.00 75.87  ? 19  DT  A "C2'" 1 
ATOM   383 C  "C1'" . DT  A 1 19 ? -4.482  -17.205 13.754  1.00 74.84  ? 19  DT  A "C1'" 1 
ATOM   384 N  N1    . DT  A 1 19 ? -3.029  -17.047 14.016  1.00 70.98  ? 19  DT  A N1    1 
ATOM   385 C  C2    . DT  A 1 19 ? -2.136  -17.682 13.187  1.00 73.96  ? 19  DT  A C2    1 
ATOM   386 O  O2    . DT  A 1 19 ? -2.476  -18.369 12.236  1.00 75.86  ? 19  DT  A O2    1 
ATOM   387 N  N3    . DT  A 1 19 ? -0.831  -17.484 13.502  1.00 70.53  ? 19  DT  A N3    1 
ATOM   388 C  C4    . DT  A 1 19 ? -0.335  -16.741 14.545  1.00 74.22  ? 19  DT  A C4    1 
ATOM   389 O  O4    . DT  A 1 19 ? 0.861   -16.627 14.750  1.00 82.84  ? 19  DT  A O4    1 
ATOM   390 C  C5    . DT  A 1 19 ? -1.313  -16.108 15.379  1.00 69.08  ? 19  DT  A C5    1 
ATOM   391 C  C7    . DT  A 1 19 ? -0.862  -15.282 16.543  1.00 70.58  ? 19  DT  A C7    1 
ATOM   392 C  C6    . DT  A 1 19 ? -2.605  -16.277 15.075  1.00 65.08  ? 19  DT  A C6    1 
ATOM   393 P  P     . DT  A 1 20 ? -8.289  -18.731 14.816  1.00 91.80  ? 20  DT  A P     1 
ATOM   394 O  OP1   . DT  A 1 20 ? -9.657  -18.797 14.208  1.00 84.54  ? 20  DT  A OP1   1 
ATOM   395 O  OP2   . DT  A 1 20 ? -8.130  -18.587 16.294  1.00 79.88  ? 20  DT  A OP2   1 
ATOM   396 O  "O5'" . DT  A 1 20 ? -7.457  -19.954 14.209  1.00 75.31  ? 20  DT  A "O5'" 1 
ATOM   397 C  "C5'" . DT  A 1 20 ? -7.501  -20.158 12.812  1.00 73.00  ? 20  DT  A "C5'" 1 
ATOM   398 C  "C4'" . DT  A 1 20 ? -6.524  -21.221 12.396  1.00 83.14  ? 20  DT  A "C4'" 1 
ATOM   399 O  "O4'" . DT  A 1 20 ? -5.154  -20.816 12.704  1.00 82.87  ? 20  DT  A "O4'" 1 
ATOM   400 C  "C3'" . DT  A 1 20 ? -6.719  -22.556 13.076  1.00 89.90  ? 20  DT  A "C3'" 1 
ATOM   401 O  "O3'" . DT  A 1 20 ? -6.526  -23.545 12.137  1.00 98.24  ? 20  DT  A "O3'" 1 
ATOM   402 C  "C2'" . DT  A 1 20 ? -5.602  -22.571 14.115  1.00 93.27  ? 20  DT  A "C2'" 1 
ATOM   403 C  "C1'" . DT  A 1 20 ? -4.502  -21.888 13.337  1.00 80.50  ? 20  DT  A "C1'" 1 
ATOM   404 N  N1    . DT  A 1 20 ? -3.415  -21.337 14.177  1.00 77.49  ? 20  DT  A N1    1 
ATOM   405 C  C2    . DT  A 1 20 ? -2.110  -21.456 13.747  1.00 80.57  ? 20  DT  A C2    1 
ATOM   406 O  O2    . DT  A 1 20 ? -1.794  -21.995 12.705  1.00 87.41  ? 20  DT  A O2    1 
ATOM   407 N  N3    . DT  A 1 20 ? -1.182  -20.917 14.583  1.00 76.38  ? 20  DT  A N3    1 
ATOM   408 C  C4    . DT  A 1 20 ? -1.416  -20.274 15.771  1.00 76.45  ? 20  DT  A C4    1 
ATOM   409 O  O4    . DT  A 1 20 ? -0.507  -19.803 16.441  1.00 83.31  ? 20  DT  A O4    1 
ATOM   410 C  C5    . DT  A 1 20 ? -2.802  -20.183 16.170  1.00 73.90  ? 20  DT  A C5    1 
ATOM   411 C  C7    . DT  A 1 20 ? -3.168  -19.501 17.453  1.00 77.32  ? 20  DT  A C7    1 
ATOM   412 C  C6    . DT  A 1 20 ? -3.727  -20.709 15.360  1.00 70.99  ? 20  DT  A C6    1 
ATOM   413 P  P     . DA  A 1 21 ? -7.685  -24.607 11.867  1.00 112.24 ? 21  DA  A P     1 
ATOM   414 O  OP1   . DA  A 1 21 ? -8.556  -24.038 10.803  1.00 91.62  ? 21  DA  A OP1   1 
ATOM   415 O  OP2   . DA  A 1 21 ? -8.231  -24.916 13.218  1.00 98.67  ? 21  DA  A OP2   1 
ATOM   416 O  "O5'" . DA  A 1 21 ? -6.882  -25.874 11.294  1.00 99.95  ? 21  DA  A "O5'" 1 
ATOM   417 C  "C5'" . DA  A 1 21 ? -5.856  -25.667 10.317  1.00 100.00 ? 21  DA  A "C5'" 1 
ATOM   418 C  "C4'" . DA  A 1 21 ? -4.656  -26.577 10.564  1.00 104.41 ? 21  DA  A "C4'" 1 
ATOM   419 O  "O4'" . DA  A 1 21 ? -3.759  -25.989 11.548  1.00 99.43  ? 21  DA  A "O4'" 1 
ATOM   420 C  "C3'" . DA  A 1 21 ? -4.986  -27.968 11.079  1.00 100.43 ? 21  DA  A "C3'" 1 
ATOM   421 O  "O3'" . DA  A 1 21 ? -4.120  -28.916 10.468  1.00 98.07  ? 21  DA  A "O3'" 1 
ATOM   422 C  "C2'" . DA  A 1 21 ? -4.729  -27.842 12.583  1.00 93.65  ? 21  DA  A "C2'" 1 
ATOM   423 C  "C1'" . DA  A 1 21 ? -3.548  -26.889 12.613  1.00 88.56  ? 21  DA  A "C1'" 1 
ATOM   424 N  N9    . DA  A 1 21 ? -3.465  -26.105 13.837  1.00 85.46  ? 21  DA  A N9    1 
ATOM   425 C  C8    . DA  A 1 21 ? -4.495  -25.738 14.654  1.00 85.99  ? 21  DA  A C8    1 
ATOM   426 N  N7    . DA  A 1 21 ? -4.120  -25.016 15.690  1.00 81.68  ? 21  DA  A N7    1 
ATOM   427 C  C5    . DA  A 1 21 ? -2.753  -24.885 15.526  1.00 82.43  ? 21  DA  A C5    1 
ATOM   428 C  C6    . DA  A 1 21 ? -1.765  -24.225 16.283  1.00 84.13  ? 21  DA  A C6    1 
ATOM   429 N  N6    . DA  A 1 21 ? -2.029  -23.545 17.400  1.00 86.99  ? 21  DA  A N6    1 
ATOM   430 N  N1    . DA  A 1 21 ? -0.488  -24.293 15.845  1.00 81.01  ? 21  DA  A N1    1 
ATOM   431 C  C2    . DA  A 1 21 ? -0.236  -24.973 14.723  1.00 84.81  ? 21  DA  A C2    1 
ATOM   432 N  N3    . DA  A 1 21 ? -1.078  -25.633 13.929  1.00 85.93  ? 21  DA  A N3    1 
ATOM   433 C  C4    . DA  A 1 21 ? -2.333  -25.549 14.390  1.00 85.67  ? 21  DA  A C4    1 
ATOM   434 P  P     . DC  B 2 1  ? -7.319  -5.748  3.812   1.00 71.16  ? 0   DC  B P     1 
ATOM   435 O  OP1   . DC  B 2 1  ? -8.626  -5.268  4.350   1.00 69.07  ? 0   DC  B OP1   1 
ATOM   436 O  OP2   . DC  B 2 1  ? -6.428  -4.937  2.957   1.00 80.42  ? 0   DC  B OP2   1 
ATOM   437 O  "O5'" . DC  B 2 1  ? -6.546  -6.411  5.046   1.00 77.38  ? 0   DC  B "O5'" 1 
ATOM   438 C  "C5'" . DC  B 2 1  ? -6.918  -6.098  6.401   1.00 65.81  ? 0   DC  B "C5'" 1 
ATOM   439 C  "C4'" . DC  B 2 1  ? -5.688  -5.956  7.295   1.00 64.66  ? 0   DC  B "C4'" 1 
ATOM   440 O  "O4'" . DC  B 2 1  ? -4.819  -7.109  7.149   1.00 64.97  ? 0   DC  B "O4'" 1 
ATOM   441 C  "C3'" . DC  B 2 1  ? -4.805  -4.775  6.977   1.00 66.18  ? 0   DC  B "C3'" 1 
ATOM   442 O  "O3'" . DC  B 2 1  ? -5.283  -3.646  7.650   1.00 71.88  ? 0   DC  B "O3'" 1 
ATOM   443 C  "C2'" . DC  B 2 1  ? -3.444  -5.212  7.519   1.00 67.85  ? 0   DC  B "C2'" 1 
ATOM   444 C  "C1'" . DC  B 2 1  ? -3.468  -6.732  7.337   1.00 58.63  ? 0   DC  B "C1'" 1 
ATOM   445 N  N1    . DC  B 2 1  ? -2.676  -7.245  6.169   1.00 61.62  ? 0   DC  B N1    1 
ATOM   446 C  C2    . DC  B 2 1  ? -1.276  -7.228  6.196   1.00 62.75  ? 0   DC  B C2    1 
ATOM   447 O  O2    . DC  B 2 1  ? -0.694  -6.763  7.172   1.00 61.15  ? 0   DC  B O2    1 
ATOM   448 N  N3    . DC  B 2 1  ? -0.596  -7.720  5.129   1.00 63.66  ? 0   DC  B N3    1 
ATOM   449 C  C4    . DC  B 2 1  ? -1.250  -8.220  4.084   1.00 60.15  ? 0   DC  B C4    1 
ATOM   450 N  N4    . DC  B 2 1  ? -0.534  -8.695  3.060   1.00 56.76  ? 0   DC  B N4    1 
ATOM   451 C  C5    . DC  B 2 1  ? -2.666  -8.256  4.041   1.00 60.04  ? 0   DC  B C5    1 
ATOM   452 C  C6    . DC  B 2 1  ? -3.331  -7.765  5.093   1.00 62.52  ? 0   DC  B C6    1 
ATOM   453 P  P     . DC  B 2 2  ? -5.230  -2.209  6.934   1.00 88.47  ? 1   DC  B P     1 
ATOM   454 O  OP1   . DC  B 2 2  ? -6.093  -1.322  7.766   1.00 79.58  ? 1   DC  B OP1   1 
ATOM   455 O  OP2   . DC  B 2 2  ? -5.522  -2.383  5.482   1.00 80.40  ? 1   DC  B OP2   1 
ATOM   456 O  "O5'" . DC  B 2 2  ? -3.695  -1.790  7.088   1.00 65.73  ? 1   DC  B "O5'" 1 
ATOM   457 C  "C5'" . DC  B 2 2  ? -3.171  -1.648  8.388   1.00 76.34  ? 1   DC  B "C5'" 1 
ATOM   458 C  "C4'" . DC  B 2 2  ? -1.665  -1.554  8.357   1.00 76.27  ? 1   DC  B "C4'" 1 
ATOM   459 O  "O4'" . DC  B 2 2  ? -1.147  -2.753  7.780   1.00 70.47  ? 1   DC  B "O4'" 1 
ATOM   460 C  "C3'" . DC  B 2 2  ? -1.135  -0.439  7.484   1.00 82.54  ? 1   DC  B "C3'" 1 
ATOM   461 O  "O3'" . DC  B 2 2  ? -0.895  0.717   8.252   1.00 87.12  ? 1   DC  B "O3'" 1 
ATOM   462 C  "C2'" . DC  B 2 2  ? 0.174   -0.984  6.937   1.00 83.16  ? 1   DC  B "C2'" 1 
ATOM   463 C  "C1'" . DC  B 2 2  ? 0.052   -2.477  7.094   1.00 72.60  ? 1   DC  B "C1'" 1 
ATOM   464 N  N1    . DC  B 2 2  ? 0.001   -3.180  5.838   1.00 62.19  ? 1   DC  B N1    1 
ATOM   465 C  C2    . DC  B 2 2  ? 1.188   -3.617  5.253   1.00 71.21  ? 1   DC  B C2    1 
ATOM   466 O  O2    . DC  B 2 2  ? 2.277   -3.357  5.815   1.00 72.51  ? 1   DC  B O2    1 
ATOM   467 N  N3    . DC  B 2 2  ? 1.119   -4.316  4.091   1.00 71.05  ? 1   DC  B N3    1 
ATOM   468 C  C4    . DC  B 2 2  ? -0.074  -4.578  3.552   1.00 69.52  ? 1   DC  B C4    1 
ATOM   469 N  N4    . DC  B 2 2  ? -0.111  -5.275  2.413   1.00 68.31  ? 1   DC  B N4    1 
ATOM   470 C  C5    . DC  B 2 2  ? -1.287  -4.137  4.156   1.00 69.30  ? 1   DC  B C5    1 
ATOM   471 C  C6    . DC  B 2 2  ? -1.200  -3.444  5.282   1.00 60.56  ? 1   DC  B C6    1 
ATOM   472 P  P     . DG  B 2 3  ? -0.727  2.110   7.486   1.00 92.41  ? 2   DG  B P     1 
ATOM   473 O  OP1   . DG  B 2 3  ? -1.753  3.010   8.085   1.00 83.41  ? 2   DG  B OP1   1 
ATOM   474 O  OP2   . DG  B 2 3  ? -0.693  1.826   6.021   1.00 73.79  ? 2   DG  B OP2   1 
ATOM   475 O  "O5'" . DG  B 2 3  ? 0.751   2.589   7.869   1.00 87.25  ? 2   DG  B "O5'" 1 
ATOM   476 C  "C5'" . DG  B 2 3  ? 1.715   1.662   8.303   1.00 81.57  ? 2   DG  B "C5'" 1 
ATOM   477 C  "C4'" . DG  B 2 3  ? 2.894   1.578   7.333   1.00 84.47  ? 2   DG  B "C4'" 1 
ATOM   478 O  "O4'" . DG  B 2 3  ? 2.701   0.508   6.369   1.00 84.46  ? 2   DG  B "O4'" 1 
ATOM   479 C  "C3'" . DG  B 2 3  ? 3.190   2.819   6.503   1.00 87.56  ? 2   DG  B "C3'" 1 
ATOM   480 O  "O3'" . DG  B 2 3  ? 4.618   2.947   6.386   1.00 95.49  ? 2   DG  B "O3'" 1 
ATOM   481 C  "C2'" . DG  B 2 3  ? 2.556   2.455   5.169   1.00 79.90  ? 2   DG  B "C2'" 1 
ATOM   482 C  "C1'" . DG  B 2 3  ? 2.955   1.000   5.085   1.00 74.13  ? 2   DG  B "C1'" 1 
ATOM   483 N  N9    . DG  B 2 3  ? 2.157   0.243   4.147   1.00 71.05  ? 2   DG  B N9    1 
ATOM   484 C  C8    . DG  B 2 3  ? 0.798   0.287   4.024   1.00 72.69  ? 2   DG  B C8    1 
ATOM   485 N  N7    . DG  B 2 3  ? 0.335   -0.504  3.102   1.00 71.15  ? 2   DG  B N7    1 
ATOM   486 C  C5    . DG  B 2 3  ? 1.458   -1.116  2.585   1.00 67.27  ? 2   DG  B C5    1 
ATOM   487 C  C6    . DG  B 2 3  ? 1.563   -2.067  1.559   1.00 73.62  ? 2   DG  B C6    1 
ATOM   488 O  O6    . DG  B 2 3  ? 0.648   -2.562  0.891   1.00 73.42  ? 2   DG  B O6    1 
ATOM   489 N  N1    . DG  B 2 3  ? 2.886   -2.430  1.319   1.00 71.40  ? 2   DG  B N1    1 
ATOM   490 C  C2    . DG  B 2 3  ? 3.963   -1.933  1.998   1.00 68.14  ? 2   DG  B C2    1 
ATOM   491 N  N2    . DG  B 2 3  ? 5.157   -2.406  1.631   1.00 73.50  ? 2   DG  B N2    1 
ATOM   492 N  N3    . DG  B 2 3  ? 3.875   -1.031  2.975   1.00 64.99  ? 2   DG  B N3    1 
ATOM   493 C  C4    . DG  B 2 3  ? 2.594   -0.668  3.209   1.00 66.25  ? 2   DG  B C4    1 
ATOM   494 P  P     . DT  B 2 4  ? 5.304   4.262   5.763   1.00 100.96 ? 3   DT  B P     1 
ATOM   495 O  OP1   . DT  B 2 4  ? 6.445   4.621   6.643   1.00 95.40  ? 3   DT  B OP1   1 
ATOM   496 O  OP2   . DT  B 2 4  ? 4.263   5.291   5.481   1.00 96.55  ? 3   DT  B OP2   1 
ATOM   497 O  "O5'" . DT  B 2 4  ? 6.009   3.693   4.447   1.00 85.26  ? 3   DT  B "O5'" 1 
ATOM   498 C  "C5'" . DT  B 2 4  ? 7.327   3.208   4.577   1.00 84.15  ? 3   DT  B "C5'" 1 
ATOM   499 C  "C4'" . DT  B 2 4  ? 7.735   2.397   3.376   1.00 84.02  ? 3   DT  B "C4'" 1 
ATOM   500 O  "O4'" . DT  B 2 4  ? 6.583   1.759   2.793   1.00 80.46  ? 3   DT  B "O4'" 1 
ATOM   501 C  "C3'" . DT  B 2 4  ? 8.384   3.191   2.248   1.00 88.42  ? 3   DT  B "C3'" 1 
ATOM   502 O  "O3'" . DT  B 2 4  ? 9.577   2.522   1.857   1.00 87.29  ? 3   DT  B "O3'" 1 
ATOM   503 C  "C2'" . DT  B 2 4  ? 7.317   3.152   1.140   1.00 89.88  ? 3   DT  B "C2'" 1 
ATOM   504 C  "C1'" . DT  B 2 4  ? 6.732   1.786   1.397   1.00 82.40  ? 3   DT  B "C1'" 1 
ATOM   505 N  N1    . DT  B 2 4  ? 5.390   1.500   0.799   1.00 77.33  ? 3   DT  B N1    1 
ATOM   506 C  C2    . DT  B 2 4  ? 5.270   0.591   -0.256  1.00 71.60  ? 3   DT  B C2    1 
ATOM   507 O  O2    . DT  B 2 4  ? 6.222   0.059   -0.809  1.00 74.18  ? 3   DT  B O2    1 
ATOM   508 N  N3    . DT  B 2 4  ? 3.985   0.353   -0.644  1.00 61.72  ? 3   DT  B N3    1 
ATOM   509 C  C4    . DT  B 2 4  ? 2.852   0.900   -0.107  1.00 69.80  ? 3   DT  B C4    1 
ATOM   510 O  O4    . DT  B 2 4  ? 1.739   0.644   -0.536  1.00 80.28  ? 3   DT  B O4    1 
ATOM   511 C  C5    . DT  B 2 4  ? 3.051   1.809   0.994   1.00 66.65  ? 3   DT  B C5    1 
ATOM   512 C  C7    . DT  B 2 4  ? 1.875   2.449   1.654   1.00 66.33  ? 3   DT  B C7    1 
ATOM   513 C  C6    . DT  B 2 4  ? 4.289   2.052   1.395   1.00 69.23  ? 3   DT  B C6    1 
ATOM   514 P  P     . DC  B 2 5  ? 10.716  3.303   1.047   1.00 96.08  ? 4   DC  B P     1 
ATOM   515 O  OP1   . DC  B 2 5  ? 11.958  2.467   1.054   1.00 80.54  ? 4   DC  B OP1   1 
ATOM   516 O  OP2   . DC  B 2 5  ? 10.682  4.719   1.504   1.00 76.36  ? 4   DC  B OP2   1 
ATOM   517 O  "O5'" . DC  B 2 5  ? 10.214  3.186   -0.456  1.00 84.40  ? 4   DC  B "O5'" 1 
ATOM   518 C  "C5'" . DC  B 2 5  ? 10.343  1.937   -1.106  1.00 81.98  ? 4   DC  B "C5'" 1 
ATOM   519 C  "C4'" . DC  B 2 5  ? 9.950   2.049   -2.551  1.00 74.06  ? 4   DC  B "C4'" 1 
ATOM   520 O  "O4'" . DC  B 2 5  ? 8.507   1.867   -2.693  1.00 76.53  ? 4   DC  B "O4'" 1 
ATOM   521 C  "C3'" . DC  B 2 5  ? 10.255  3.394   -3.167  1.00 66.78  ? 4   DC  B "C3'" 1 
ATOM   522 O  "O3'" . DC  B 2 5  ? 10.635  3.212   -4.475  1.00 62.51  ? 4   DC  B "O3'" 1 
ATOM   523 C  "C2'" . DC  B 2 5  ? 8.903   4.084   -3.096  1.00 76.95  ? 4   DC  B "C2'" 1 
ATOM   524 C  "C1'" . DC  B 2 5  ? 7.986   2.940   -3.434  1.00 63.41  ? 4   DC  B "C1'" 1 
ATOM   525 N  N1    . DC  B 2 5  ? 6.611   3.158   -3.006  1.00 61.96  ? 4   DC  B N1    1 
ATOM   526 C  C2    . DC  B 2 5  ? 5.576   2.535   -3.688  1.00 65.77  ? 4   DC  B C2    1 
ATOM   527 O  O2    . DC  B 2 5  ? 5.847   1.815   -4.655  1.00 65.36  ? 4   DC  B O2    1 
ATOM   528 N  N3    . DC  B 2 5  ? 4.304   2.736   -3.270  1.00 63.94  ? 4   DC  B N3    1 
ATOM   529 C  C4    . DC  B 2 5  ? 4.071   3.518   -2.219  1.00 67.75  ? 4   DC  B C4    1 
ATOM   530 N  N4    . DC  B 2 5  ? 2.809   3.694   -1.836  1.00 74.60  ? 4   DC  B N4    1 
ATOM   531 C  C5    . DC  B 2 5  ? 5.120   4.158   -1.513  1.00 67.07  ? 4   DC  B C5    1 
ATOM   532 C  C6    . DC  B 2 5  ? 6.363   3.952   -1.939  1.00 65.14  ? 4   DC  B C6    1 
ATOM   533 P  P     . DA  B 2 6  ? 12.165  2.912   -4.805  1.00 70.20  ? 5   DA  B P     1 
ATOM   534 O  OP1   . DA  B 2 6  ? 12.472  1.501   -4.502  1.00 75.23  ? 5   DA  B OP1   1 
ATOM   535 O  OP2   . DA  B 2 6  ? 12.889  4.025   -4.121  1.00 73.13  ? 5   DA  B OP2   1 
ATOM   536 O  "O5'" . DA  B 2 6  ? 12.196  3.040   -6.375  1.00 58.51  ? 5   DA  B "O5'" 1 
ATOM   537 C  "C5'" . DA  B 2 6  ? 11.462  4.090   -6.924  1.00 68.47  ? 5   DA  B "C5'" 1 
ATOM   538 C  "C4'" . DA  B 2 6  ? 10.390  3.600   -7.847  1.00 59.31  ? 5   DA  B "C4'" 1 
ATOM   539 O  "O4'" . DA  B 2 6  ? 9.104   3.544   -7.136  1.00 63.45  ? 5   DA  B "O4'" 1 
ATOM   540 C  "C3'" . DA  B 2 6  ? 10.126  4.573   -8.948  1.00 57.50  ? 5   DA  B "C3'" 1 
ATOM   541 O  "O3'" . DA  B 2 6  ? 9.496   3.917   -9.961  1.00 61.09  ? 5   DA  B "O3'" 1 
ATOM   542 C  "C2'" . DA  B 2 6  ? 9.150   5.505   -8.286  1.00 65.39  ? 5   DA  B "C2'" 1 
ATOM   543 C  "C1'" . DA  B 2 6  ? 8.219   4.476   -7.750  1.00 52.27  ? 5   DA  B "C1'" 1 
ATOM   544 N  N9    . DA  B 2 6  ? 7.300   5.008   -6.783  1.00 52.28  ? 5   DA  B N9    1 
ATOM   545 C  C8    . DA  B 2 6  ? 7.585   5.852   -5.743  1.00 62.78  ? 5   DA  B C8    1 
ATOM   546 N  N7    . DA  B 2 6  ? 6.535   6.169   -5.005  1.00 61.59  ? 5   DA  B N7    1 
ATOM   547 C  C5    . DA  B 2 6  ? 5.496   5.484   -5.626  1.00 61.79  ? 5   DA  B C5    1 
ATOM   548 C  C6    . DA  B 2 6  ? 4.117   5.383   -5.343  1.00 56.69  ? 5   DA  B C6    1 
ATOM   549 N  N6    . DA  B 2 6  ? 3.518   5.998   -4.307  1.00 54.75  ? 5   DA  B N6    1 
ATOM   550 N  N1    . DA  B 2 6  ? 3.379   4.620   -6.165  1.00 58.35  ? 5   DA  B N1    1 
ATOM   551 C  C2    . DA  B 2 6  ? 3.992   3.994   -7.176  1.00 62.02  ? 5   DA  B C2    1 
ATOM   552 N  N3    . DA  B 2 6  ? 5.271   4.005   -7.534  1.00 57.13  ? 5   DA  B N3    1 
ATOM   553 C  C4    . DA  B 2 6  ? 5.967   4.778   -6.727  1.00 56.29  ? 5   DA  B C4    1 
ATOM   554 O  "O5'" . DT  C 3 1  ? -0.021  -24.170 28.540  1.00 119.32 ? 1   DT  C "O5'" 1 
ATOM   555 C  "C5'" . DT  C 3 1  ? 1.242   -23.553 28.759  1.00 123.12 ? 1   DT  C "C5'" 1 
ATOM   556 C  "C4'" . DT  C 3 1  ? 2.213   -23.933 27.662  1.00 113.03 ? 1   DT  C "C4'" 1 
ATOM   557 O  "O4'" . DT  C 3 1  ? 1.826   -25.208 27.125  1.00 116.12 ? 1   DT  C "O4'" 1 
ATOM   558 C  "C3'" . DT  C 3 1  ? 2.200   -23.014 26.468  1.00 116.15 ? 1   DT  C "C3'" 1 
ATOM   559 O  "O3'" . DT  C 3 1  ? 3.042   -21.848 26.684  1.00 129.10 ? 1   DT  C "O3'" 1 
ATOM   560 C  "C2'" . DT  C 3 1  ? 2.703   -23.917 25.347  1.00 106.29 ? 1   DT  C "C2'" 1 
ATOM   561 C  "C1'" . DT  C 3 1  ? 2.189   -25.283 25.761  1.00 110.09 ? 1   DT  C "C1'" 1 
ATOM   562 N  N1    . DT  C 3 1  ? 1.006   -25.772 24.971  1.00 112.73 ? 1   DT  C N1    1 
ATOM   563 C  C2    . DT  C 3 1  ? 1.233   -26.604 23.891  1.00 114.62 ? 1   DT  C C2    1 
ATOM   564 O  O2    . DT  C 3 1  ? 2.353   -26.939 23.536  1.00 114.36 ? 1   DT  C O2    1 
ATOM   565 N  N3    . DT  C 3 1  ? 0.097   -27.027 23.233  1.00 107.47 ? 1   DT  C N3    1 
ATOM   566 C  C4    . DT  C 3 1  ? -1.212  -26.713 23.551  1.00 106.01 ? 1   DT  C C4    1 
ATOM   567 O  O4    . DT  C 3 1  ? -2.163  -27.142 22.907  1.00 100.92 ? 1   DT  C O4    1 
ATOM   568 C  C5    . DT  C 3 1  ? -1.383  -25.841 24.699  1.00 106.36 ? 1   DT  C C5    1 
ATOM   569 C  C7    . DT  C 3 1  ? -2.760  -25.433 25.127  1.00 111.29 ? 1   DT  C C7    1 
ATOM   570 C  C6    . DT  C 3 1  ? -0.279  -25.422 25.353  1.00 103.61 ? 1   DT  C C6    1 
ATOM   571 P  P     . DC  C 3 2  ? 4.613   -21.950 27.044  1.00 140.07 ? 2   DC  C P     1 
ATOM   572 O  OP1   . DC  C 3 2  ? 4.761   -22.530 28.399  1.00 131.19 ? 2   DC  C OP1   1 
ATOM   573 O  OP2   . DC  C 3 2  ? 5.168   -20.587 26.826  1.00 129.18 ? 2   DC  C OP2   1 
ATOM   574 O  "O5'" . DC  C 3 2  ? 5.248   -22.899 25.911  1.00 108.74 ? 2   DC  C "O5'" 1 
ATOM   575 C  "C5'" . DC  C 3 2  ? 5.644   -22.339 24.684  1.00 108.67 ? 2   DC  C "C5'" 1 
ATOM   576 C  "C4'" . DC  C 3 2  ? 6.195   -23.396 23.768  1.00 110.35 ? 2   DC  C "C4'" 1 
ATOM   577 O  "O4'" . DC  C 3 2  ? 5.124   -24.302 23.370  1.00 112.81 ? 2   DC  C "O4'" 1 
ATOM   578 C  "C3'" . DC  C 3 2  ? 6.784   -22.841 22.476  1.00 107.96 ? 2   DC  C "C3'" 1 
ATOM   579 O  "O3'" . DC  C 3 2  ? 7.922   -23.560 22.111  1.00 109.95 ? 2   DC  C "O3'" 1 
ATOM   580 C  "C2'" . DC  C 3 2  ? 5.662   -23.049 21.470  1.00 116.46 ? 2   DC  C "C2'" 1 
ATOM   581 C  "C1'" . DC  C 3 2  ? 5.055   -24.352 21.951  1.00 113.04 ? 2   DC  C "C1'" 1 
ATOM   582 N  N1    . DC  C 3 2  ? 3.617   -24.525 21.541  1.00 107.94 ? 2   DC  C N1    1 
ATOM   583 C  C2    . DC  C 3 2  ? 3.283   -25.449 20.549  1.00 102.50 ? 2   DC  C C2    1 
ATOM   584 O  O2    . DC  C 3 2  ? 4.184   -26.119 20.030  1.00 110.55 ? 2   DC  C O2    1 
ATOM   585 N  N3    . DC  C 3 2  ? 1.978   -25.588 20.191  1.00 94.66  ? 2   DC  C N3    1 
ATOM   586 C  C4    . DC  C 3 2  ? 1.044   -24.842 20.788  1.00 100.88 ? 2   DC  C C4    1 
ATOM   587 N  N4    . DC  C 3 2  ? -0.224  -25.004 20.415  1.00 99.19  ? 2   DC  C N4    1 
ATOM   588 C  C5    . DC  C 3 2  ? 1.371   -23.888 21.791  1.00 100.65 ? 2   DC  C C5    1 
ATOM   589 C  C6    . DC  C 3 2  ? 2.652   -23.759 22.126  1.00 103.48 ? 2   DC  C C6    1 
ATOM   590 P  P     . DT  C 3 3  ? 8.876   -22.984 20.960  1.00 127.89 ? 3   DT  C P     1 
ATOM   591 O  OP1   . DT  C 3 3  ? 10.116  -23.793 20.855  1.00 137.19 ? 3   DT  C OP1   1 
ATOM   592 O  OP2   . DT  C 3 3  ? 8.936   -21.527 21.228  1.00 119.83 ? 3   DT  C OP2   1 
ATOM   593 O  "O5'" . DT  C 3 3  ? 8.066   -23.275 19.616  1.00 117.50 ? 3   DT  C "O5'" 1 
ATOM   594 C  "C5'" . DT  C 3 3  ? 7.802   -24.612 19.236  1.00 117.03 ? 3   DT  C "C5'" 1 
ATOM   595 C  "C4'" . DT  C 3 3  ? 7.399   -24.680 17.778  1.00 118.16 ? 3   DT  C "C4'" 1 
ATOM   596 O  "O4'" . DT  C 3 3  ? 5.946   -24.691 17.654  1.00 111.83 ? 3   DT  C "O4'" 1 
ATOM   597 C  "C3'" . DT  C 3 3  ? 7.883   -23.521 16.920  1.00 114.31 ? 3   DT  C "C3'" 1 
ATOM   598 O  "O3'" . DT  C 3 3  ? 8.226   -24.022 15.639  1.00 112.67 ? 3   DT  C "O3'" 1 
ATOM   599 C  "C2'" . DT  C 3 3  ? 6.642   -22.612 16.866  1.00 115.61 ? 3   DT  C "C2'" 1 
ATOM   600 C  "C1'" . DT  C 3 3  ? 5.535   -23.653 16.790  1.00 106.12 ? 3   DT  C "C1'" 1 
ATOM   601 N  N1    . DT  C 3 3  ? 4.183   -23.195 17.244  1.00 97.54  ? 3   DT  C N1    1 
ATOM   602 C  C2    . DT  C 3 3  ? 3.081   -23.878 16.783  1.00 98.74  ? 3   DT  C C2    1 
ATOM   603 O  O2    . DT  C 3 3  ? 3.162   -24.812 16.004  1.00 97.82  ? 3   DT  C O2    1 
ATOM   604 N  N3    . DT  C 3 3  ? 1.876   -23.431 17.263  1.00 93.16  ? 3   DT  C N3    1 
ATOM   605 C  C4    . DT  C 3 3  ? 1.672   -22.394 18.151  1.00 93.17  ? 3   DT  C C4    1 
ATOM   606 O  O4    . DT  C 3 3  ? 0.553   -22.076 18.534  1.00 90.61  ? 3   DT  C O4    1 
ATOM   607 C  C5    . DT  C 3 3  ? 2.870   -21.717 18.606  1.00 92.32  ? 3   DT  C C5    1 
ATOM   608 C  C7    . DT  C 3 3  ? 2.759   -20.579 19.574  1.00 82.70  ? 3   DT  C C7    1 
ATOM   609 C  C6    . DT  C 3 3  ? 4.061   -22.148 18.141  1.00 90.89  ? 3   DT  C C6    1 
ATOM   610 P  P     . DA  C 3 4  ? 9.433   -23.375 14.801  1.00 126.83 ? 4   DA  C P     1 
ATOM   611 O  OP1   . DA  C 3 4  ? 10.622  -24.240 14.963  1.00 129.27 ? 4   DA  C OP1   1 
ATOM   612 O  OP2   . DA  C 3 4  ? 9.540   -21.928 15.142  1.00 113.77 ? 4   DA  C OP2   1 
ATOM   613 O  "O5'" . DA  C 3 4  ? 8.954   -23.587 13.295  1.00 112.27 ? 4   DA  C "O5'" 1 
ATOM   614 C  "C5'" . DA  C 3 4  ? 8.800   -24.904 12.813  1.00 105.88 ? 4   DA  C "C5'" 1 
ATOM   615 C  "C4'" . DA  C 3 4  ? 7.626   -25.005 11.865  1.00 107.08 ? 4   DA  C "C4'" 1 
ATOM   616 O  "O4'" . DA  C 3 4  ? 6.423   -24.508 12.504  1.00 110.69 ? 4   DA  C "O4'" 1 
ATOM   617 C  "C3'" . DA  C 3 4  ? 7.764   -24.225 10.564  1.00 102.40 ? 4   DA  C "C3'" 1 
ATOM   618 O  "O3'" . DA  C 3 4  ? 7.149   -24.971 9.543   1.00 104.10 ? 4   DA  C "O3'" 1 
ATOM   619 C  "C2'" . DA  C 3 4  ? 7.000   -22.936 10.858  1.00 101.78 ? 4   DA  C "C2'" 1 
ATOM   620 C  "C1'" . DA  C 3 4  ? 5.864   -23.461 11.726  1.00 103.36 ? 4   DA  C "C1'" 1 
ATOM   621 N  N9    . DA  C 3 4  ? 5.308   -22.477 12.656  1.00 100.59 ? 4   DA  C N9    1 
ATOM   622 C  C8    . DA  C 3 4  ? 5.991   -21.519 13.364  1.00 98.15  ? 4   DA  C C8    1 
ATOM   623 N  N7    . DA  C 3 4  ? 5.225   -20.788 14.150  1.00 95.57  ? 4   DA  C N7    1 
ATOM   624 C  C5    . DA  C 3 4  ? 3.953   -21.313 13.960  1.00 93.33  ? 4   DA  C C5    1 
ATOM   625 C  C6    . DA  C 3 4  ? 2.690   -20.985 14.512  1.00 87.68  ? 4   DA  C C6    1 
ATOM   626 N  N6    . DA  C 3 4  ? 2.507   -19.998 15.399  1.00 84.25  ? 4   DA  C N6    1 
ATOM   627 N  N1    . DA  C 3 4  ? 1.620   -21.710 14.107  1.00 88.00  ? 4   DA  C N1    1 
ATOM   628 C  C2    . DA  C 3 4  ? 1.809   -22.693 13.206  1.00 91.12  ? 4   DA  C C2    1 
ATOM   629 N  N3    . DA  C 3 4  ? 2.943   -23.094 12.617  1.00 92.68  ? 4   DA  C N3    1 
ATOM   630 C  C4    . DA  C 3 4  ? 3.987   -22.359 13.044  1.00 95.74  ? 4   DA  C C4    1 
ATOM   631 P  P     . DA  C 3 5  ? 7.362   -24.609 7.996   1.00 117.71 ? 5   DA  C P     1 
ATOM   632 O  OP1   . DA  C 3 5  ? 7.479   -25.887 7.239   1.00 102.22 ? 5   DA  C OP1   1 
ATOM   633 O  OP2   . DA  C 3 5  ? 8.380   -23.521 7.901   1.00 104.77 ? 5   DA  C OP2   1 
ATOM   634 O  "O5'" . DA  C 3 5  ? 5.920   -24.097 7.586   1.00 117.38 ? 5   DA  C "O5'" 1 
ATOM   635 C  "C5'" . DA  C 3 5  ? 4.819   -24.927 7.895   1.00 110.92 ? 5   DA  C "C5'" 1 
ATOM   636 C  "C4'" . DA  C 3 5  ? 3.529   -24.148 7.848   1.00 103.08 ? 5   DA  C "C4'" 1 
ATOM   637 O  "O4'" . DA  C 3 5  ? 3.413   -23.286 9.010   1.00 96.49  ? 5   DA  C "O4'" 1 
ATOM   638 C  "C3'" . DA  C 3 5  ? 3.369   -23.241 6.629   1.00 90.75  ? 5   DA  C "C3'" 1 
ATOM   639 O  "O3'" . DA  C 3 5  ? 2.126   -23.520 6.038   1.00 87.50  ? 5   DA  C "O3'" 1 
ATOM   640 C  "C2'" . DA  C 3 5  ? 3.416   -21.834 7.231   1.00 84.80  ? 5   DA  C "C2'" 1 
ATOM   641 C  "C1'" . DA  C 3 5  ? 2.811   -22.100 8.593   1.00 83.02  ? 5   DA  C "C1'" 1 
ATOM   642 N  N9    . DA  C 3 5  ? 3.089   -21.084 9.583   1.00 83.73  ? 5   DA  C N9    1 
ATOM   643 C  C8    . DA  C 3 5  ? 4.307   -20.551 9.907   1.00 91.59  ? 5   DA  C C8    1 
ATOM   644 N  N7    . DA  C 3 5  ? 4.252   -19.644 10.866  1.00 88.19  ? 5   DA  C N7    1 
ATOM   645 C  C5    . DA  C 3 5  ? 2.906   -19.591 11.192  1.00 84.96  ? 5   DA  C C5    1 
ATOM   646 C  C6    . DA  C 3 5  ? 2.184   -18.825 12.134  1.00 81.61  ? 5   DA  C C6    1 
ATOM   647 N  N6    . DA  C 3 5  ? 2.756   -17.938 12.949  1.00 84.16  ? 5   DA  C N6    1 
ATOM   648 N  N1    . DA  C 3 5  ? 0.852   -19.011 12.202  1.00 73.93  ? 5   DA  C N1    1 
ATOM   649 C  C2    . DA  C 3 5  ? 0.284   -19.913 11.383  1.00 82.52  ? 5   DA  C C2    1 
ATOM   650 N  N3    . DA  C 3 5  ? 0.855   -20.695 10.458  1.00 80.96  ? 5   DA  C N3    1 
ATOM   651 C  C4    . DA  C 3 5  ? 2.178   -20.479 10.412  1.00 82.73  ? 5   DA  C C4    1 
ATOM   652 P  P     . DT  C 3 6  ? 1.842   -23.135 4.508   1.00 104.41 ? 6   DT  C P     1 
ATOM   653 O  OP1   . DT  C 3 6  ? 1.567   -24.368 3.724   1.00 89.14  ? 6   DT  C OP1   1 
ATOM   654 O  OP2   . DT  C 3 6  ? 2.850   -22.102 4.126   1.00 95.33  ? 6   DT  C OP2   1 
ATOM   655 O  "O5'" . DT  C 3 6  ? 0.443   -22.413 4.582   1.00 91.49  ? 6   DT  C "O5'" 1 
ATOM   656 C  "C5'" . DT  C 3 6  ? -0.428  -22.736 5.608   1.00 89.95  ? 6   DT  C "C5'" 1 
ATOM   657 C  "C4'" . DT  C 3 6  ? -1.193  -21.510 6.002   1.00 85.48  ? 6   DT  C "C4'" 1 
ATOM   658 O  "O4'" . DT  C 3 6  ? -0.435  -20.750 6.936   1.00 78.44  ? 6   DT  C "O4'" 1 
ATOM   659 C  "C3'" . DT  C 3 6  ? -1.462  -20.562 4.846   1.00 79.41  ? 6   DT  C "C3'" 1 
ATOM   660 O  "O3'" . DT  C 3 6  ? -2.827  -20.646 4.525   1.00 68.40  ? 6   DT  C "O3'" 1 
ATOM   661 C  "C2'" . DT  C 3 6  ? -1.040  -19.174 5.385   1.00 75.66  ? 6   DT  C "C2'" 1 
ATOM   662 C  "C1'" . DT  C 3 6  ? -0.889  -19.447 6.863   1.00 70.85  ? 6   DT  C "C1'" 1 
ATOM   663 N  N1    . DT  C 3 6  ? 0.084   -18.623 7.567   1.00 68.44  ? 6   DT  C N1    1 
ATOM   664 C  C2    . DT  C 3 6  ? -0.355  -17.862 8.611   1.00 72.13  ? 6   DT  C C2    1 
ATOM   665 O  O2    . DT  C 3 6  ? -1.515  -17.791 8.927   1.00 75.89  ? 6   DT  C O2    1 
ATOM   666 N  N3    . DT  C 3 6  ? 0.599   -17.165 9.262   1.00 66.41  ? 6   DT  C N3    1 
ATOM   667 C  C4    . DT  C 3 6  ? 1.936   -17.169 8.992   1.00 69.24  ? 6   DT  C C4    1 
ATOM   668 O  O4    . DT  C 3 6  ? 2.728   -16.507 9.633   1.00 72.63  ? 6   DT  C O4    1 
ATOM   669 C  C5    . DT  C 3 6  ? 2.345   -18.005 7.908   1.00 66.61  ? 6   DT  C C5    1 
ATOM   670 C  C7    . DT  C 3 6  ? 3.788   -18.071 7.546   1.00 79.86  ? 6   DT  C C7    1 
ATOM   671 C  C6    . DT  C 3 6  ? 1.411   -18.698 7.250   1.00 65.86  ? 6   DT  C C6    1 
ATOM   672 P  P     . DT  C 3 7  ? -3.514  -19.575 3.563   1.00 77.06  ? 7   DT  C P     1 
ATOM   673 O  OP1   . DT  C 3 7  ? -4.817  -20.185 3.165   1.00 72.61  ? 7   DT  C OP1   1 
ATOM   674 O  OP2   . DT  C 3 7  ? -2.534  -19.178 2.518   1.00 79.97  ? 7   DT  C OP2   1 
ATOM   675 O  "O5'" . DT  C 3 7  ? -3.815  -18.362 4.565   1.00 64.19  ? 7   DT  C "O5'" 1 
ATOM   676 C  "C5'" . DT  C 3 7  ? -4.473  -18.679 5.722   1.00 68.61  ? 7   DT  C "C5'" 1 
ATOM   677 C  "C4'" . DT  C 3 7  ? -5.266  -17.532 6.269   1.00 66.89  ? 7   DT  C "C4'" 1 
ATOM   678 O  "O4'" . DT  C 3 7  ? -4.419  -16.763 7.118   1.00 65.49  ? 7   DT  C "O4'" 1 
ATOM   679 C  "C3'" . DT  C 3 7  ? -5.877  -16.570 5.270   1.00 65.39  ? 7   DT  C "C3'" 1 
ATOM   680 O  "O3'" . DT  C 3 7  ? -7.203  -16.224 5.729   1.00 68.08  ? 7   DT  C "O3'" 1 
ATOM   681 C  "C2'" . DT  C 3 7  ? -4.916  -15.385 5.308   1.00 59.43  ? 7   DT  C "C2'" 1 
ATOM   682 C  "C1'" . DT  C 3 7  ? -4.397  -15.431 6.732   1.00 59.44  ? 7   DT  C "C1'" 1 
ATOM   683 N  N1    . DT  C 3 7  ? -3.001  -15.029 6.869   1.00 61.10  ? 7   DT  C N1    1 
ATOM   684 C  C2    . DT  C 3 7  ? -2.624  -14.226 7.939   1.00 67.92  ? 7   DT  C C2    1 
ATOM   685 O  O2    . DT  C 3 7  ? -3.457  -13.798 8.838   1.00 84.87  ? 7   DT  C O2    1 
ATOM   686 N  N3    . DT  C 3 7  ? -1.259  -13.952 7.943   1.00 62.88  ? 7   DT  C N3    1 
ATOM   687 C  C4    . DT  C 3 7  ? -0.298  -14.416 7.045   1.00 64.55  ? 7   DT  C C4    1 
ATOM   688 O  O4    . DT  C 3 7  ? 0.904   -14.150 7.132   1.00 67.09  ? 7   DT  C O4    1 
ATOM   689 C  C5    . DT  C 3 7  ? -0.783  -15.243 6.006   1.00 55.62  ? 7   DT  C C5    1 
ATOM   690 C  C7    . DT  C 3 7  ? 0.177   -15.766 4.999   1.00 59.12  ? 7   DT  C C7    1 
ATOM   691 C  C6    . DT  C 3 7  ? -2.081  -15.532 5.976   1.00 57.72  ? 7   DT  C C6    1 
ATOM   692 P  P     . DT  C 3 8  ? -7.893  -14.814 5.373   1.00 59.54  ? 8   DT  C P     1 
ATOM   693 O  OP1   . DT  C 3 8  ? -9.301  -14.895 5.836   1.00 58.00  ? 8   DT  C OP1   1 
ATOM   694 O  OP2   . DT  C 3 8  ? -7.656  -14.463 3.951   1.00 55.79  ? 8   DT  C OP2   1 
ATOM   695 O  "O5'" . DT  C 3 8  ? -7.144  -13.782 6.326   1.00 51.35  ? 8   DT  C "O5'" 1 
ATOM   696 C  "C5'" . DT  C 3 8  ? -7.878  -12.723 6.851   1.00 52.62  ? 8   DT  C "C5'" 1 
ATOM   697 C  "C4'" . DT  C 3 8  ? -6.970  -11.689 7.454   1.00 53.67  ? 8   DT  C "C4'" 1 
ATOM   698 O  "O4'" . DT  C 3 8  ? -5.599  -11.996 7.153   1.00 58.47  ? 8   DT  C "O4'" 1 
ATOM   699 C  "C3'" . DT  C 3 8  ? -7.185  -10.291 6.912   1.00 56.18  ? 8   DT  C "C3'" 1 
ATOM   700 O  "O3'" . DT  C 3 8  ? -7.309  -9.433  7.968   1.00 59.18  ? 8   DT  C "O3'" 1 
ATOM   701 C  "C2'" . DT  C 3 8  ? -5.911  -10.005 6.131   1.00 60.28  ? 8   DT  C "C2'" 1 
ATOM   702 C  "C1'" . DT  C 3 8  ? -4.944  -10.785 6.948   1.00 56.29  ? 8   DT  C "C1'" 1 
ATOM   703 N  N1    . DT  C 3 8  ? -3.702  -11.027 6.279   1.00 59.75  ? 8   DT  C N1    1 
ATOM   704 C  C2    . DT  C 3 8  ? -2.580  -10.507 6.823   1.00 65.47  ? 8   DT  C C2    1 
ATOM   705 O  O2    . DT  C 3 8  ? -2.602  -9.851  7.845   1.00 69.29  ? 8   DT  C O2    1 
ATOM   706 N  N3    . DT  C 3 8  ? -1.429  -10.775 6.139   1.00 61.39  ? 8   DT  C N3    1 
ATOM   707 C  C4    . DT  C 3 8  ? -1.318  -11.502 4.974   1.00 62.28  ? 8   DT  C C4    1 
ATOM   708 O  O4    . DT  C 3 8  ? -0.244  -11.700 4.423   1.00 68.26  ? 8   DT  C O4    1 
ATOM   709 C  C5    . DT  C 3 8  ? -2.552  -12.011 4.448   1.00 59.12  ? 8   DT  C C5    1 
ATOM   710 C  C7    . DT  C 3 8  ? -2.551  -12.818 3.185   1.00 60.78  ? 8   DT  C C7    1 
ATOM   711 C  C6    . DT  C 3 8  ? -3.677  -11.747 5.117   1.00 59.04  ? 8   DT  C C6    1 
ATOM   712 P  P     . DG  D 4 1  ? 8.379   9.569   -10.933 1.00 66.61  ? 10  DG  D P     1 
ATOM   713 O  OP1   . DG  D 4 1  ? 9.288   10.013  -12.013 1.00 61.68  ? 10  DG  D OP1   1 
ATOM   714 O  OP2   . DG  D 4 1  ? 8.511   10.148  -9.589  1.00 56.19  ? 10  DG  D OP2   1 
ATOM   715 O  "O5'" . DG  D 4 1  ? 8.485   8.003   -10.684 1.00 59.83  ? 10  DG  D "O5'" 1 
ATOM   716 C  "C5'" . DG  D 4 1  ? 8.330   7.065   -11.784 1.00 70.47  ? 10  DG  D "C5'" 1 
ATOM   717 C  "C4'" . DG  D 4 1  ? 6.979   6.333   -11.745 1.00 65.37  ? 10  DG  D "C4'" 1 
ATOM   718 O  "O4'" . DG  D 4 1  ? 6.593   6.040   -10.391 1.00 61.22  ? 10  DG  D "O4'" 1 
ATOM   719 C  "C3'" . DG  D 4 1  ? 5.811   7.124   -12.237 1.00 64.92  ? 10  DG  D "C3'" 1 
ATOM   720 O  "O3'" . DG  D 4 1  ? 5.823   7.179   -13.656 1.00 75.36  ? 10  DG  D "O3'" 1 
ATOM   721 C  "C2'" . DG  D 4 1  ? 4.666   6.291   -11.697 1.00 54.36  ? 10  DG  D "C2'" 1 
ATOM   722 C  "C1'" . DG  D 4 1  ? 5.198   5.898   -10.334 1.00 51.08  ? 10  DG  D "C1'" 1 
ATOM   723 N  N9    . DG  D 4 1  ? 4.733   6.734   -9.256  1.00 53.13  ? 10  DG  D N9    1 
ATOM   724 C  C8    . DG  D 4 1  ? 5.491   7.551   -8.492  1.00 56.08  ? 10  DG  D C8    1 
ATOM   725 N  N7    . DG  D 4 1  ? 4.817   8.176   -7.569  1.00 55.88  ? 10  DG  D N7    1 
ATOM   726 C  C5    . DG  D 4 1  ? 3.530   7.730   -7.731  1.00 54.15  ? 10  DG  D C5    1 
ATOM   727 C  C6    . DG  D 4 1  ? 2.364   8.079   -7.025  1.00 60.41  ? 10  DG  D C6    1 
ATOM   728 O  O6    . DG  D 4 1  ? 2.256   8.869   -6.081  1.00 65.76  ? 10  DG  D O6    1 
ATOM   729 N  N1    . DG  D 4 1  ? 1.252   7.404   -7.501  1.00 57.64  ? 10  DG  D N1    1 
ATOM   730 C  C2    . DG  D 4 1  ? 1.274   6.503   -8.537  1.00 64.64  ? 10  DG  D C2    1 
ATOM   731 N  N2    . DG  D 4 1  ? 0.103   5.935   -8.857  1.00 74.32  ? 10  DG  D N2    1 
ATOM   732 N  N3    . DG  D 4 1  ? 2.368   6.176   -9.222  1.00 56.59  ? 10  DG  D N3    1 
ATOM   733 C  C4    . DG  D 4 1  ? 3.453   6.831   -8.760  1.00 56.14  ? 10  DG  D C4    1 
ATOM   734 P  P     . DG  D 4 2  ? 5.112   8.409   -14.411 1.00 88.65  ? 11  DG  D P     1 
ATOM   735 O  OP1   . DG  D 4 2  ? 5.287   8.119   -15.861 1.00 75.23  ? 11  DG  D OP1   1 
ATOM   736 O  OP2   . DG  D 4 2  ? 5.659   9.680   -13.826 1.00 77.33  ? 11  DG  D OP2   1 
ATOM   737 O  "O5'" . DG  D 4 2  ? 3.555   8.296   -13.976 1.00 60.44  ? 11  DG  D "O5'" 1 
ATOM   738 C  "C5'" . DG  D 4 2  ? 2.735   7.257   -14.508 1.00 62.99  ? 11  DG  D "C5'" 1 
ATOM   739 C  "C4'" . DG  D 4 2  ? 1.354   7.266   -13.866 1.00 67.86  ? 11  DG  D "C4'" 1 
ATOM   740 O  "O4'" . DG  D 4 2  ? 1.489   7.467   -12.461 1.00 59.28  ? 11  DG  D "O4'" 1 
ATOM   741 C  "C3'" . DG  D 4 2  ? 0.458   8.412   -14.271 1.00 78.26  ? 11  DG  D "C3'" 1 
ATOM   742 O  "O3'" . DG  D 4 2  ? -0.179  8.145   -15.497 1.00 83.86  ? 11  DG  D "O3'" 1 
ATOM   743 C  "C2'" . DG  D 4 2  ? -0.547  8.480   -13.117 1.00 71.57  ? 11  DG  D "C2'" 1 
ATOM   744 C  "C1'" . DG  D 4 2  ? 0.271   7.956   -11.947 1.00 59.91  ? 11  DG  D "C1'" 1 
ATOM   745 N  N9    . DG  D 4 2  ? 0.613   8.934   -10.945 1.00 60.42  ? 11  DG  D N9    1 
ATOM   746 C  C8    . DG  D 4 2  ? 1.868   9.388   -10.671 1.00 60.32  ? 11  DG  D C8    1 
ATOM   747 N  N7    . DG  D 4 2  ? 1.915   10.223  -9.678  1.00 59.81  ? 11  DG  D N7    1 
ATOM   748 C  C5    . DG  D 4 2  ? 0.609   10.321  -9.262  1.00 62.49  ? 11  DG  D C5    1 
ATOM   749 C  C6    . DG  D 4 2  ? 0.061   11.087  -8.221  1.00 69.53  ? 11  DG  D C6    1 
ATOM   750 O  O6    . DG  D 4 2  ? 0.650   11.850  -7.450  1.00 70.71  ? 11  DG  D O6    1 
ATOM   751 N  N1    . DG  D 4 2  ? -1.305  10.912  -8.118  1.00 70.20  ? 11  DG  D N1    1 
ATOM   752 C  C2    . DG  D 4 2  ? -2.049  10.090  -8.927  1.00 77.08  ? 11  DG  D C2    1 
ATOM   753 N  N2    . DG  D 4 2  ? -3.361  10.053  -8.672  1.00 84.57  ? 11  DG  D N2    1 
ATOM   754 N  N3    . DG  D 4 2  ? -1.543  9.356   -9.925  1.00 64.45  ? 11  DG  D N3    1 
ATOM   755 C  C4    . DG  D 4 2  ? -0.213  9.526   -10.027 1.00 61.81  ? 11  DG  D C4    1 
ATOM   756 P  P     . DT  D 4 3  ? -0.786  9.380   -16.325 1.00 97.53  ? 12  DT  D P     1 
ATOM   757 O  OP1   . DT  D 4 3  ? -0.982  8.850   -17.708 1.00 75.84  ? 12  DT  D OP1   1 
ATOM   758 O  OP2   . DT  D 4 3  ? 0.041   10.588  -16.059 1.00 85.18  ? 12  DT  D OP2   1 
ATOM   759 O  "O5'" . DT  D 4 3  ? -2.131  9.753   -15.528 1.00 76.36  ? 12  DT  D "O5'" 1 
ATOM   760 C  "C5'" . DT  D 4 3  ? -3.194  8.821   -15.468 1.00 86.61  ? 12  DT  D "C5'" 1 
ATOM   761 C  "C4'" . DT  D 4 3  ? -4.306  9.382   -14.631 1.00 89.07  ? 12  DT  D "C4'" 1 
ATOM   762 O  "O4'" . DT  D 4 3  ? -3.752  9.770   -13.369 1.00 87.37  ? 12  DT  D "O4'" 1 
ATOM   763 C  "C3'" . DT  D 4 3  ? -4.958  10.629  -15.226 1.00 106.99 ? 12  DT  D "C3'" 1 
ATOM   764 O  "O3'" . DT  D 4 3  ? -6.351  10.432  -15.400 1.00 120.75 ? 12  DT  D "O3'" 1 
ATOM   765 C  "C2'" . DT  D 4 3  ? -4.672  11.758  -14.233 1.00 98.74  ? 12  DT  D "C2'" 1 
ATOM   766 C  "C1'" . DT  D 4 3  ? -4.221  11.037  -12.978 1.00 86.33  ? 12  DT  D "C1'" 1 
ATOM   767 N  N1    . DT  D 4 3  ? -3.110  11.724  -12.312 1.00 79.72  ? 12  DT  D N1    1 
ATOM   768 C  C2    . DT  D 4 3  ? -3.348  12.429  -11.159 1.00 80.91  ? 12  DT  D C2    1 
ATOM   769 O  O2    . DT  D 4 3  ? -4.446  12.508  -10.643 1.00 91.41  ? 12  DT  D O2    1 
ATOM   770 N  N3    . DT  D 4 3  ? -2.252  13.033  -10.620 1.00 73.62  ? 12  DT  D N3    1 
ATOM   771 C  C4    . DT  D 4 3  ? -0.967  12.999  -11.112 1.00 71.56  ? 12  DT  D C4    1 
ATOM   772 O  O4    . DT  D 4 3  ? -0.045  13.579  -10.562 1.00 71.97  ? 12  DT  D O4    1 
ATOM   773 C  C5    . DT  D 4 3  ? -0.786  12.241  -12.329 1.00 71.06  ? 12  DT  D C5    1 
ATOM   774 C  C7    . DT  D 4 3  ? 0.568   12.143  -12.956 1.00 73.93  ? 12  DT  D C7    1 
ATOM   775 C  C6    . DT  D 4 3  ? -1.852  11.650  -12.868 1.00 72.29  ? 12  DT  D C6    1 
ATOM   776 P  P     . DC  D 4 4  ? -7.241  11.593  -16.058 1.00 126.60 ? 13  DC  D P     1 
ATOM   777 O  OP1   . DC  D 4 4  ? -8.437  10.902  -16.590 1.00 118.21 ? 13  DC  D OP1   1 
ATOM   778 O  OP2   . DC  D 4 4  ? -6.383  12.406  -16.964 1.00 119.68 ? 13  DC  D OP2   1 
ATOM   779 O  "O5'" . DC  D 4 4  ? -7.609  12.541  -14.822 1.00 103.20 ? 13  DC  D "O5'" 1 
ATOM   780 C  "C5'" . DC  D 4 4  ? -8.234  12.009  -13.686 1.00 99.72  ? 13  DC  D "C5'" 1 
ATOM   781 C  "C4'" . DC  D 4 4  ? -8.602  13.132  -12.750 1.00 118.77 ? 13  DC  D "C4'" 1 
ATOM   782 O  "O4'" . DC  D 4 4  ? -7.406  13.591  -12.057 1.00 115.03 ? 13  DC  D "O4'" 1 
ATOM   783 C  "C3'" . DC  D 4 4  ? -9.194  14.359  -13.448 1.00 133.45 ? 13  DC  D "C3'" 1 
ATOM   784 O  "O3'" . DC  D 4 4  ? -10.355 14.833  -12.730 1.00 147.79 ? 13  DC  D "O3'" 1 
ATOM   785 C  "C2'" . DC  D 4 4  ? -8.040  15.371  -13.431 1.00 126.28 ? 13  DC  D "C2'" 1 
ATOM   786 C  "C1'" . DC  D 4 4  ? -7.300  14.991  -12.155 1.00 111.27 ? 13  DC  D "C1'" 1 
ATOM   787 N  N1    . DC  D 4 4  ? -5.846  15.362  -12.179 1.00 104.84 ? 13  DC  D N1    1 
ATOM   788 C  C2    . DC  D 4 4  ? -5.294  16.118  -11.124 1.00 101.43 ? 13  DC  D C2    1 
ATOM   789 O  O2    . DC  D 4 4  ? -6.017  16.455  -10.189 1.00 104.15 ? 13  DC  D O2    1 
ATOM   790 N  N3    . DC  D 4 4  ? -3.978  16.452  -11.164 1.00 90.76  ? 13  DC  D N3    1 
ATOM   791 C  C4    . DC  D 4 4  ? -3.226  16.069  -12.196 1.00 92.19  ? 13  DC  D C4    1 
ATOM   792 N  N4    . DC  D 4 4  ? -1.943  16.422  -12.192 1.00 86.27  ? 13  DC  D N4    1 
ATOM   793 C  C5    . DC  D 4 4  ? -3.763  15.304  -13.284 1.00 97.48  ? 13  DC  D C5    1 
ATOM   794 C  C6    . DC  D 4 4  ? -5.067  14.977  -13.236 1.00 101.52 ? 13  DC  D C6    1 
ATOM   795 P  P     . DT  D 4 5  ? -11.246 16.059  -13.285 1.00 150.52 ? 14  DT  D P     1 
ATOM   796 O  OP1   . DT  D 4 5  ? -12.633 15.750  -12.873 1.00 143.65 ? 14  DT  D OP1   1 
ATOM   797 O  OP2   . DT  D 4 5  ? -10.941 16.307  -14.722 1.00 129.45 ? 14  DT  D OP2   1 
ATOM   798 O  "O5'" . DT  D 4 5  ? -10.760 17.306  -12.398 1.00 131.71 ? 14  DT  D "O5'" 1 
ATOM   799 C  "C5'" . DT  D 4 5  ? -10.677 17.160  -10.980 1.00 129.85 ? 14  DT  D "C5'" 1 
ATOM   800 C  "C4'" . DT  D 4 5  ? -10.276 18.464  -10.319 1.00 135.58 ? 14  DT  D "C4'" 1 
ATOM   801 O  "O4'" . DT  D 4 5  ? -8.828  18.595  -10.307 1.00 132.29 ? 14  DT  D "O4'" 1 
ATOM   802 C  "C3'" . DT  D 4 5  ? -10.800 19.721  -11.006 1.00 147.33 ? 14  DT  D "C3'" 1 
ATOM   803 O  "O3'" . DT  D 4 5  ? -11.150 20.680  -10.027 1.00 154.85 ? 14  DT  D "O3'" 1 
ATOM   804 C  "C2'" . DT  D 4 5  ? -9.596  20.182  -11.821 1.00 140.26 ? 14  DT  D "C2'" 1 
ATOM   805 C  "C1'" . DT  D 4 5  ? -8.477  19.853  -10.851 1.00 131.01 ? 14  DT  D "C1'" 1 
ATOM   806 N  N1    . DT  D 4 5  ? -7.122  19.754  -11.490 1.00 121.99 ? 14  DT  D N1    1 
ATOM   807 C  C2    . DT  D 4 5  ? -6.026  20.283  -10.827 1.00 120.40 ? 14  DT  D C2    1 
ATOM   808 O  O2    . DT  D 4 5  ? -6.105  20.831  -9.730  1.00 122.04 ? 14  DT  D O2    1 
ATOM   809 N  N3    . DT  D 4 5  ? -4.829  20.141  -11.498 1.00 115.91 ? 14  DT  D N3    1 
ATOM   810 C  C4    . DT  D 4 5  ? -4.630  19.543  -12.738 1.00 113.85 ? 14  DT  D C4    1 
ATOM   811 O  O4    . DT  D 4 5  ? -3.514  19.469  -13.261 1.00 108.55 ? 14  DT  D O4    1 
ATOM   812 C  C5    . DT  D 4 5  ? -5.829  19.014  -13.373 1.00 107.69 ? 14  DT  D C5    1 
ATOM   813 C  C7    . DT  D 4 5  ? -5.744  18.343  -14.710 1.00 100.50 ? 14  DT  D C7    1 
ATOM   814 C  C6    . DT  D 4 5  ? -6.998  19.147  -12.728 1.00 109.97 ? 14  DT  D C6    1 
ATOM   815 P  P     . DG  D 4 6  ? -12.314 21.736  -10.340 1.00 166.13 ? 15  DG  D P     1 
ATOM   816 O  OP1   . DG  D 4 6  ? -13.256 21.685  -9.190  1.00 159.71 ? 15  DG  D OP1   1 
ATOM   817 O  OP2   . DG  D 4 6  ? -12.778 21.440  -11.729 1.00 141.10 ? 15  DG  D OP2   1 
ATOM   818 O  "O5'" . DG  D 4 6  ? -11.567 23.155  -10.301 1.00 139.35 ? 15  DG  D "O5'" 1 
ATOM   819 C  "C5'" . DG  D 4 6  ? -11.286 23.775  -9.049  1.00 135.40 ? 15  DG  D "C5'" 1 
ATOM   820 C  "C4'" . DG  D 4 6  ? -10.044 24.634  -9.159  1.00 142.66 ? 15  DG  D "C4'" 1 
ATOM   821 O  "O4'" . DG  D 4 6  ? -8.989  23.843  -9.739  1.00 138.65 ? 15  DG  D "O4'" 1 
ATOM   822 C  "C3'" . DG  D 4 6  ? -10.171 25.849  -10.088 1.00 144.23 ? 15  DG  D "C3'" 1 
ATOM   823 O  "O3'" . DG  D 4 6  ? -10.592 27.061  -9.359  1.00 140.62 ? 15  DG  D "O3'" 1 
ATOM   824 C  "C2'" . DG  D 4 6  ? -8.779  25.993  -10.723 1.00 134.75 ? 15  DG  D "C2'" 1 
ATOM   825 C  "C1'" . DG  D 4 6  ? -8.039  24.711  -10.307 1.00 131.46 ? 15  DG  D "C1'" 1 
ATOM   826 N  N9    . DG  D 4 6  ? -7.358  24.040  -11.421 1.00 129.21 ? 15  DG  D N9    1 
ATOM   827 C  C8    . DG  D 4 6  ? -7.932  23.414  -12.517 1.00 128.91 ? 15  DG  D C8    1 
ATOM   828 N  N7    . DG  D 4 6  ? -7.052  22.916  -13.357 1.00 118.14 ? 15  DG  D N7    1 
ATOM   829 C  C5    . DG  D 4 6  ? -5.820  23.237  -12.778 1.00 122.06 ? 15  DG  D C5    1 
ATOM   830 C  C6    . DG  D 4 6  ? -4.494  22.961  -13.218 1.00 118.40 ? 15  DG  D C6    1 
ATOM   831 O  O6    . DG  D 4 6  ? -4.129  22.357  -14.240 1.00 116.52 ? 15  DG  D O6    1 
ATOM   832 N  N1    . DG  D 4 6  ? -3.537  23.467  -12.328 1.00 112.61 ? 15  DG  D N1    1 
ATOM   833 C  C2    . DG  D 4 6  ? -3.823  24.153  -11.161 1.00 114.10 ? 15  DG  D C2    1 
ATOM   834 N  N2    . DG  D 4 6  ? -2.773  24.572  -10.436 1.00 107.12 ? 15  DG  D N2    1 
ATOM   835 N  N3    . DG  D 4 6  ? -5.055  24.412  -10.736 1.00 118.57 ? 15  DG  D N3    1 
ATOM   836 C  C4    . DG  D 4 6  ? -5.999  23.931  -11.591 1.00 124.16 ? 15  DG  D C4    1 
ATOM   837 P  P     . DC  D 4 7  ? -9.584  27.924  -8.430  1.00 146.58 ? 16  DC  D P     1 
ATOM   838 O  OP1   . DC  D 4 7  ? -8.632  27.032  -7.734  1.00 143.47 ? 16  DC  D OP1   1 
ATOM   839 O  OP2   . DC  D 4 7  ? -10.434 28.838  -7.628  1.00 144.18 ? 16  DC  D OP2   1 
ATOM   840 O  "O5'" . DC  D 4 7  ? -8.754  28.842  -9.445  1.00 131.43 ? 16  DC  D "O5'" 1 
ATOM   841 C  "C5'" . DC  D 4 7  ? -7.794  29.774  -8.936  1.00 121.75 ? 16  DC  D "C5'" 1 
ATOM   842 C  "C4'" . DC  D 4 7  ? -6.400  29.177  -8.958  1.00 124.77 ? 16  DC  D "C4'" 1 
ATOM   843 O  "O4'" . DC  D 4 7  ? -6.326  28.174  -9.997  1.00 122.02 ? 16  DC  D "O4'" 1 
ATOM   844 C  "C3'" . DC  D 4 7  ? -5.265  30.172  -9.247  1.00 129.70 ? 16  DC  D "C3'" 1 
ATOM   845 O  "O3'" . DC  D 4 7  ? -4.351  30.211  -8.152  1.00 125.70 ? 16  DC  D "O3'" 1 
ATOM   846 C  "C2'" . DC  D 4 7  ? -4.600  29.639  -10.535 1.00 120.36 ? 16  DC  D "C2'" 1 
ATOM   847 C  "C1'" . DC  D 4 7  ? -5.033  28.185  -10.549 1.00 120.94 ? 16  DC  D "C1'" 1 
ATOM   848 N  N1    . DC  D 4 7  ? -5.112  27.580  -11.908 1.00 118.71 ? 16  DC  D N1    1 
ATOM   849 C  C2    . DC  D 4 7  ? -3.935  27.210  -12.595 1.00 115.59 ? 16  DC  D C2    1 
ATOM   850 O  O2    . DC  D 4 7  ? -2.821  27.416  -12.071 1.00 110.28 ? 16  DC  D O2    1 
ATOM   851 N  N3    . DC  D 4 7  ? -4.057  26.638  -13.828 1.00 113.21 ? 16  DC  D N3    1 
ATOM   852 C  C4    . DC  D 4 7  ? -5.278  26.435  -14.359 1.00 113.35 ? 16  DC  D C4    1 
ATOM   853 N  N4    . DC  D 4 7  ? -5.348  25.869  -15.563 1.00 109.36 ? 16  DC  D N4    1 
ATOM   854 C  C5    . DC  D 4 7  ? -6.473  26.793  -13.667 1.00 108.81 ? 16  DC  D C5    1 
ATOM   855 C  C6    . DC  D 4 7  ? -6.343  27.355  -12.463 1.00 113.08 ? 16  DC  D C6    1 
HETATM 856 AS AS    . CAC E 5 .  ? 2.225   -28.135 14.403  1.00 185.12 ? 101 CAC A AS    1 
HETATM 857 AS AS    . CAC F 5 .  ? 1.835   -10.091 -0.064  1.00 135.71 ? 102 CAC A AS    1 
HETATM 858 AS AS    . CAC G 5 .  ? -4.368  22.254  -17.483 1.00 205.55 ? 103 CAC A AS    1 
HETATM 859 MG MG    . MG  H 6 .  ? 1.939   0.195   -9.139  1.00 75.06  ? 104 MG  A MG    1 
HETATM 860 MG MG    . MG  I 6 .  ? 9.032   -2.498  -0.940  1.00 66.21  ? 101 MG  B MG    1 
HETATM 861 N  N1    . DAP J 7 .  ? -4.318  -16.731 10.231  1.00 74.78  ? 101 DAP C N1    1 
HETATM 862 C  C2    . DAP J 7 .  ? -5.429  -15.933 10.243  1.00 66.36  ? 101 DAP C C2    1 
HETATM 863 C  C3    . DAP J 7 .  ? -6.496  -16.731 9.898   1.00 64.45  ? 101 DAP C C3    1 
HETATM 864 C  C4    . DAP J 7 .  ? -6.516  -19.268 9.293   1.00 81.26  ? 101 DAP C C4    1 
HETATM 865 C  C5    . DAP J 7 .  ? -5.733  -20.431 9.157   1.00 85.02  ? 101 DAP C C5    1 
HETATM 866 C  C6    . DAP J 7 .  ? -4.357  -20.439 9.383   1.00 84.41  ? 101 DAP C C6    1 
HETATM 867 C  C7    . DAP J 7 .  ? -3.829  -19.202 9.748   1.00 71.64  ? 101 DAP C C7    1 
HETATM 868 C  C8    . DAP J 7 .  ? -4.628  -18.019 9.886   1.00 72.79  ? 101 DAP C C8    1 
HETATM 869 C  C9    . DAP J 7 .  ? -5.974  -18.015 9.675   1.00 72.31  ? 101 DAP C C9    1 
HETATM 870 C  C10   . DAP J 7 .  ? -3.591  -21.807 9.198   1.00 97.92  ? 101 DAP C C10   1 
HETATM 871 N  N2    . DAP J 7 .  ? -4.088  -22.775 8.499   1.00 86.95  ? 101 DAP C N2    1 
HETATM 872 N  N3    . DAP J 7 .  ? -2.269  -22.069 9.783   1.00 91.67  ? 101 DAP C N3    1 
HETATM 873 C  "C1'" . DAP J 7 .  ? -5.476  -14.536 10.460  1.00 60.39  ? 101 DAP C "C1'" 1 
HETATM 874 C  "C2'" . DAP J 7 .  ? -6.454  -13.929 11.230  1.00 61.59  ? 101 DAP C "C2'" 1 
HETATM 875 C  "C3'" . DAP J 7 .  ? -6.453  -12.533 11.409  1.00 68.03  ? 101 DAP C "C3'" 1 
HETATM 876 C  "C4'" . DAP J 7 .  ? -5.521  -11.682 10.799  1.00 63.49  ? 101 DAP C "C4'" 1 
HETATM 877 C  "C5'" . DAP J 7 .  ? -4.558  -12.302 10.000  1.00 73.04  ? 101 DAP C "C5'" 1 
HETATM 878 C  "C6'" . DAP J 7 .  ? -4.486  -13.718 9.781   1.00 77.59  ? 101 DAP C "C6'" 1 
HETATM 879 C  C11   . DAP J 7 .  ? -5.585  -10.121 10.999  1.00 67.57  ? 101 DAP C C11   1 
HETATM 880 N  N4    . DAP J 7 .  ? -6.690  -9.575  10.915  1.00 69.22  ? 101 DAP C N4    1 
HETATM 881 N  N5    . DAP J 7 .  ? -4.442  -9.236  11.257  1.00 56.96  ? 101 DAP C N5    1 
HETATM 882 AS AS    . CAC K 5 .  ? 5.078   11.997  -7.702  1.00 144.20 ? 101 CAC D AS    1 
HETATM 883 O  O     . HOH L 8 .  ? -1.384  1.927   -0.550  1.00 62.35  ? 201 HOH A O     1 
HETATM 884 O  O     . HOH L 8 .  ? 4.582   -14.151 14.618  1.00 69.23  ? 202 HOH A O     1 
HETATM 885 O  O     . HOH M 8 .  ? -2.214  -1.601  0.653   1.00 71.57  ? 201 HOH B O     1 
# 
loop_
_pdbx_poly_seq_scheme.asym_id 
_pdbx_poly_seq_scheme.entity_id 
_pdbx_poly_seq_scheme.seq_id 
_pdbx_poly_seq_scheme.mon_id 
_pdbx_poly_seq_scheme.ndb_seq_num 
_pdbx_poly_seq_scheme.pdb_seq_num 
_pdbx_poly_seq_scheme.auth_seq_num 
_pdbx_poly_seq_scheme.pdb_mon_id 
_pdbx_poly_seq_scheme.auth_mon_id 
_pdbx_poly_seq_scheme.pdb_strand_id 
_pdbx_poly_seq_scheme.pdb_ins_code 
_pdbx_poly_seq_scheme.hetero 
A 1 1  DG 1  1  1  DG DG A . n 
A 1 2  DA 2  2  2  DA DA A . n 
A 1 3  DG 3  3  3  DG DG A . n 
A 1 4  DC 4  4  4  DC DC A . n 
A 1 5  DA 5  5  5  DA DA A . n 
A 1 6  DG 6  6  6  DG DG A . n 
A 1 7  DA 7  7  7  DA DA A . n 
A 1 8  DC 8  8  8  DC DC A . n 
A 1 9  DC 9  9  9  DC DC A . n 
A 1 10 DT 10 10 10 DT DT A . n 
A 1 11 DG 11 11 11 DG DG A . n 
A 1 12 DA 12 12 12 DA DA A . n 
A 1 13 DC 13 13 13 DC DC A . n 
A 1 14 DG 14 14 14 DG DG A . n 
A 1 15 DG 15 15 15 DG DG A . n 
A 1 16 DA 16 16 16 DA DA A . n 
A 1 17 DA 17 17 17 DA DA A . n 
A 1 18 DA 18 18 18 DA DA A . n 
A 1 19 DT 19 19 19 DT DT A . n 
A 1 20 DT 20 20 20 DT DT A . n 
A 1 21 DA 21 21 21 DA DA A . n 
B 2 1  DC 1  0  0  DC DC B . n 
B 2 2  DC 2  1  1  DC DC B . n 
B 2 3  DG 3  2  2  DG DG B . n 
B 2 4  DT 4  3  3  DT DT B . n 
B 2 5  DC 5  4  4  DC DC B . n 
B 2 6  DA 6  5  5  DA DA B . n 
C 3 1  DT 1  1  1  DT DT C . n 
C 3 2  DC 2  2  2  DC DC C . n 
C 3 3  DT 3  3  3  DT DT C . n 
C 3 4  DA 4  4  4  DA DA C . n 
C 3 5  DA 5  5  5  DA DA C . n 
C 3 6  DT 6  6  6  DT DT C . n 
C 3 7  DT 7  7  7  DT DT C . n 
C 3 8  DT 8  8  8  DT DT C . n 
D 4 1  DG 1  10 10 DG DG D . n 
D 4 2  DG 2  11 11 DG DG D . n 
D 4 3  DT 3  12 12 DT DT D . n 
D 4 4  DC 4  13 13 DC DC D . n 
D 4 5  DT 5  14 14 DT DT D . n 
D 4 6  DG 6  15 15 DG DG D . n 
D 4 7  DC 7  16 16 DC DC D . n 
# 
_pdbx_contact_author.id                 2 
_pdbx_contact_author.email              hao.yan@asu.edu 
_pdbx_contact_author.name_first         Hao 
_pdbx_contact_author.name_last          Yan 
_pdbx_contact_author.name_mi            ? 
_pdbx_contact_author.role               'principal investigator/group leader' 
_pdbx_contact_author.identifier_ORCID   0000-0001-7397-9852 
# 
loop_
_pdbx_nonpoly_scheme.asym_id 
_pdbx_nonpoly_scheme.entity_id 
_pdbx_nonpoly_scheme.mon_id 
_pdbx_nonpoly_scheme.ndb_seq_num 
_pdbx_nonpoly_scheme.pdb_seq_num 
_pdbx_nonpoly_scheme.auth_seq_num 
_pdbx_nonpoly_scheme.pdb_mon_id 
_pdbx_nonpoly_scheme.auth_mon_id 
_pdbx_nonpoly_scheme.pdb_strand_id 
_pdbx_nonpoly_scheme.pdb_ins_code 
E 5 CAC 1 101 2 CAC AS  A . 
F 5 CAC 1 102 3 CAC AS  A . 
G 5 CAC 1 103 4 CAC AS  A . 
H 6 MG  1 104 2 MG  MG  A . 
I 6 MG  1 101 4 MG  MG  B . 
J 7 DAP 1 101 1 DAP DAP C . 
K 5 CAC 1 101 1 CAC AS  D . 
L 8 HOH 1 201 2 HOH HOH A . 
L 8 HOH 2 202 5 HOH HOH A . 
M 8 HOH 1 201 3 HOH HOH B . 
# 
_pdbx_struct_assembly.id                   1 
_pdbx_struct_assembly.details              author_defined_assembly 
_pdbx_struct_assembly.method_details       ? 
_pdbx_struct_assembly.oligomeric_details   tetrameric 
_pdbx_struct_assembly.oligomeric_count     4 
# 
_pdbx_struct_assembly_gen.assembly_id       1 
_pdbx_struct_assembly_gen.oper_expression   1 
_pdbx_struct_assembly_gen.asym_id_list      A,B,C,D,E,F,G,H,I,J,K,L,M 
# 
_pdbx_struct_oper_list.id                   1 
_pdbx_struct_oper_list.type                 'identity operation' 
_pdbx_struct_oper_list.name                 1_555 
_pdbx_struct_oper_list.symmetry_operation   x,y,z 
_pdbx_struct_oper_list.matrix[1][1]         1.0000000000 
_pdbx_struct_oper_list.matrix[1][2]         0.0000000000 
_pdbx_struct_oper_list.matrix[1][3]         0.0000000000 
_pdbx_struct_oper_list.vector[1]            0.0000000000 
_pdbx_struct_oper_list.matrix[2][1]         0.0000000000 
_pdbx_struct_oper_list.matrix[2][2]         1.0000000000 
_pdbx_struct_oper_list.matrix[2][3]         0.0000000000 
_pdbx_struct_oper_list.vector[2]            0.0000000000 
_pdbx_struct_oper_list.matrix[3][1]         0.0000000000 
_pdbx_struct_oper_list.matrix[3][2]         0.0000000000 
_pdbx_struct_oper_list.matrix[3][3]         1.0000000000 
_pdbx_struct_oper_list.vector[3]            0.0000000000 
# 
_pdbx_audit_revision_history.ordinal             1 
_pdbx_audit_revision_history.data_content_type   'Structure model' 
_pdbx_audit_revision_history.major_revision      1 
_pdbx_audit_revision_history.minor_revision      0 
_pdbx_audit_revision_history.revision_date       2023-12-20 
# 
_pdbx_audit_revision_details.ordinal             1 
_pdbx_audit_revision_details.revision_ordinal    1 
_pdbx_audit_revision_details.data_content_type   'Structure model' 
_pdbx_audit_revision_details.provider            repository 
_pdbx_audit_revision_details.type                'Initial release' 
_pdbx_audit_revision_details.description         ? 
_pdbx_audit_revision_details.details             ? 
# 
loop_
_software.citation_id 
_software.classification 
_software.compiler_name 
_software.compiler_version 
_software.contact_author 
_software.contact_author_email 
_software.date 
_software.description 
_software.dependencies 
_software.hardware 
_software.language 
_software.location 
_software.mods 
_software.name 
_software.os 
_software.os_version 
_software.type 
_software.version 
_software.pdbx_ordinal 
? refinement       ? ? ? ? ? ? ? ? ? ? ? PHENIX   ? ? ? '(1.11.1_2575: ???)' 1 
? 'data scaling'   ? ? ? ? ? ? ? ? ? ? ? HKL-2000 ? ? ? .                    2 
? 'data reduction' ? ? ? ? ? ? ? ? ? ? ? HKL-2000 ? ? ? .                    3 
? phasing          ? ? ? ? ? ? ? ? ? ? ? PHASER   ? ? ? .                    4 
# 
_pdbx_entry_details.entry_id                 8TDT 
_pdbx_entry_details.has_ligand_of_interest   N 
_pdbx_entry_details.compound_details         ? 
_pdbx_entry_details.source_details           ? 
_pdbx_entry_details.nonpolymer_details       ? 
_pdbx_entry_details.sequence_details         ? 
# 
loop_
_pdbx_validate_close_contact.id 
_pdbx_validate_close_contact.PDB_model_num 
_pdbx_validate_close_contact.auth_atom_id_1 
_pdbx_validate_close_contact.auth_asym_id_1 
_pdbx_validate_close_contact.auth_comp_id_1 
_pdbx_validate_close_contact.auth_seq_id_1 
_pdbx_validate_close_contact.PDB_ins_code_1 
_pdbx_validate_close_contact.label_alt_id_1 
_pdbx_validate_close_contact.auth_atom_id_2 
_pdbx_validate_close_contact.auth_asym_id_2 
_pdbx_validate_close_contact.auth_comp_id_2 
_pdbx_validate_close_contact.auth_seq_id_2 
_pdbx_validate_close_contact.PDB_ins_code_2 
_pdbx_validate_close_contact.label_alt_id_2 
_pdbx_validate_close_contact.dist 
1 1 O2 C DT 7 ? ? "C6'" C DAP 101 ? ? 1.40 
2 1 O2 C DT 7 ? ? "C5'" C DAP 101 ? ? 2.19 
# 
loop_
_pdbx_validate_rmsd_bond.id 
_pdbx_validate_rmsd_bond.PDB_model_num 
_pdbx_validate_rmsd_bond.auth_atom_id_1 
_pdbx_validate_rmsd_bond.auth_asym_id_1 
_pdbx_validate_rmsd_bond.auth_comp_id_1 
_pdbx_validate_rmsd_bond.auth_seq_id_1 
_pdbx_validate_rmsd_bond.PDB_ins_code_1 
_pdbx_validate_rmsd_bond.label_alt_id_1 
_pdbx_validate_rmsd_bond.auth_atom_id_2 
_pdbx_validate_rmsd_bond.auth_asym_id_2 
_pdbx_validate_rmsd_bond.auth_comp_id_2 
_pdbx_validate_rmsd_bond.auth_seq_id_2 
_pdbx_validate_rmsd_bond.PDB_ins_code_2 
_pdbx_validate_rmsd_bond.label_alt_id_2 
_pdbx_validate_rmsd_bond.bond_value 
_pdbx_validate_rmsd_bond.bond_target_value 
_pdbx_validate_rmsd_bond.bond_deviation 
_pdbx_validate_rmsd_bond.bond_standard_deviation 
_pdbx_validate_rmsd_bond.linker_flag 
1 1 "O3'" A DA 18 ? ? "C3'" A DA 18 ? ? 1.382 1.419 -0.037 0.006 N 
2 1 "O3'" A DT 19 ? ? "C3'" A DT 19 ? ? 1.365 1.419 -0.054 0.006 N 
3 1 "O3'" A DT 20 ? ? "C3'" A DT 20 ? ? 1.377 1.419 -0.042 0.006 N 
4 1 "O3'" B DC 4  ? ? "C3'" B DC 4  ? ? 1.374 1.419 -0.045 0.006 N 
5 1 "O3'" B DA 5  ? ? "C3'" B DA 5  ? ? 1.361 1.419 -0.058 0.006 N 
6 1 C2    C DT 7  ? ? O2    C DT 7  ? ? 1.298 1.220 0.078  0.008 N 
7 1 "O3'" C DT 8  ? ? "C3'" C DT 8  ? ? 1.366 1.419 -0.053 0.006 N 
# 
loop_
_pdbx_validate_rmsd_angle.id 
_pdbx_validate_rmsd_angle.PDB_model_num 
_pdbx_validate_rmsd_angle.auth_atom_id_1 
_pdbx_validate_rmsd_angle.auth_asym_id_1 
_pdbx_validate_rmsd_angle.auth_comp_id_1 
_pdbx_validate_rmsd_angle.auth_seq_id_1 
_pdbx_validate_rmsd_angle.PDB_ins_code_1 
_pdbx_validate_rmsd_angle.label_alt_id_1 
_pdbx_validate_rmsd_angle.auth_atom_id_2 
_pdbx_validate_rmsd_angle.auth_asym_id_2 
_pdbx_validate_rmsd_angle.auth_comp_id_2 
_pdbx_validate_rmsd_angle.auth_seq_id_2 
_pdbx_validate_rmsd_angle.PDB_ins_code_2 
_pdbx_validate_rmsd_angle.label_alt_id_2 
_pdbx_validate_rmsd_angle.auth_atom_id_3 
_pdbx_validate_rmsd_angle.auth_asym_id_3 
_pdbx_validate_rmsd_angle.auth_comp_id_3 
_pdbx_validate_rmsd_angle.auth_seq_id_3 
_pdbx_validate_rmsd_angle.PDB_ins_code_3 
_pdbx_validate_rmsd_angle.label_alt_id_3 
_pdbx_validate_rmsd_angle.angle_value 
_pdbx_validate_rmsd_angle.angle_target_value 
_pdbx_validate_rmsd_angle.angle_deviation 
_pdbx_validate_rmsd_angle.angle_standard_deviation 
_pdbx_validate_rmsd_angle.linker_flag 
1 1 "O4'" A DA 2  ? ? "C1'" A DA 2  ? ? N9    A DA 2  ? ? 110.11 108.30 1.81  0.30 N 
2 1 "C3'" A DG 11 ? ? "C2'" A DG 11 ? ? "C1'" A DG 11 ? ? 97.59  102.40 -4.81 0.80 N 
3 1 "O4'" B DA 5  ? ? "C1'" B DA 5  ? ? N9    B DA 5  ? ? 110.46 108.30 2.16  0.30 N 
4 1 N3    C DT 7  ? ? C4    C DT 7  ? ? O4    C DT 7  ? ? 123.66 119.90 3.76  0.60 N 
5 1 "O4'" D DG 10 ? ? "C4'" D DG 10 ? ? "C3'" D DG 10 ? ? 102.01 104.50 -2.49 0.40 N 
# 
loop_
_pdbx_unobs_or_zero_occ_atoms.id 
_pdbx_unobs_or_zero_occ_atoms.PDB_model_num 
_pdbx_unobs_or_zero_occ_atoms.polymer_flag 
_pdbx_unobs_or_zero_occ_atoms.occupancy_flag 
_pdbx_unobs_or_zero_occ_atoms.auth_asym_id 
_pdbx_unobs_or_zero_occ_atoms.auth_comp_id 
_pdbx_unobs_or_zero_occ_atoms.auth_seq_id 
_pdbx_unobs_or_zero_occ_atoms.PDB_ins_code 
_pdbx_unobs_or_zero_occ_atoms.auth_atom_id 
_pdbx_unobs_or_zero_occ_atoms.label_alt_id 
_pdbx_unobs_or_zero_occ_atoms.label_asym_id 
_pdbx_unobs_or_zero_occ_atoms.label_comp_id 
_pdbx_unobs_or_zero_occ_atoms.label_seq_id 
_pdbx_unobs_or_zero_occ_atoms.label_atom_id 
1  1 N 1 A CAC 101 ? O1 ? E CAC 1 O1 
2  1 N 1 A CAC 101 ? O2 ? E CAC 1 O2 
3  1 N 1 A CAC 101 ? C1 ? E CAC 1 C1 
4  1 N 1 A CAC 101 ? C2 ? E CAC 1 C2 
5  1 N 1 A CAC 102 ? O1 ? F CAC 1 O1 
6  1 N 1 A CAC 102 ? O2 ? F CAC 1 O2 
7  1 N 1 A CAC 102 ? C1 ? F CAC 1 C1 
8  1 N 1 A CAC 102 ? C2 ? F CAC 1 C2 
9  1 N 1 A CAC 103 ? O1 ? G CAC 1 O1 
10 1 N 1 A CAC 103 ? O2 ? G CAC 1 O2 
11 1 N 1 A CAC 103 ? C1 ? G CAC 1 C1 
12 1 N 1 A CAC 103 ? C2 ? G CAC 1 C2 
13 1 N 1 D CAC 101 ? O1 ? K CAC 1 O1 
14 1 N 1 D CAC 101 ? O2 ? K CAC 1 O2 
15 1 N 1 D CAC 101 ? C1 ? K CAC 1 C1 
16 1 N 1 D CAC 101 ? C2 ? K CAC 1 C2 
# 
loop_
_chem_comp_atom.comp_id 
_chem_comp_atom.atom_id 
_chem_comp_atom.type_symbol 
_chem_comp_atom.pdbx_aromatic_flag 
_chem_comp_atom.pdbx_stereo_config 
_chem_comp_atom.pdbx_ordinal 
CAC AS     AS N N 1   
CAC O1     O  N N 2   
CAC O2     O  N N 3   
CAC C1     C  N N 4   
CAC C2     C  N N 5   
CAC H11    H  N N 6   
CAC H12    H  N N 7   
CAC H13    H  N N 8   
CAC H21    H  N N 9   
CAC H22    H  N N 10  
CAC H23    H  N N 11  
DA  OP3    O  N N 12  
DA  P      P  N N 13  
DA  OP1    O  N N 14  
DA  OP2    O  N N 15  
DA  "O5'"  O  N N 16  
DA  "C5'"  C  N N 17  
DA  "C4'"  C  N R 18  
DA  "O4'"  O  N N 19  
DA  "C3'"  C  N S 20  
DA  "O3'"  O  N N 21  
DA  "C2'"  C  N N 22  
DA  "C1'"  C  N R 23  
DA  N9     N  Y N 24  
DA  C8     C  Y N 25  
DA  N7     N  Y N 26  
DA  C5     C  Y N 27  
DA  C6     C  Y N 28  
DA  N6     N  N N 29  
DA  N1     N  Y N 30  
DA  C2     C  Y N 31  
DA  N3     N  Y N 32  
DA  C4     C  Y N 33  
DA  HOP3   H  N N 34  
DA  HOP2   H  N N 35  
DA  "H5'"  H  N N 36  
DA  "H5''" H  N N 37  
DA  "H4'"  H  N N 38  
DA  "H3'"  H  N N 39  
DA  "HO3'" H  N N 40  
DA  "H2'"  H  N N 41  
DA  "H2''" H  N N 42  
DA  "H1'"  H  N N 43  
DA  H8     H  N N 44  
DA  H61    H  N N 45  
DA  H62    H  N N 46  
DA  H2     H  N N 47  
DAP N1     N  Y N 48  
DAP C2     C  Y N 49  
DAP C3     C  Y N 50  
DAP C4     C  Y N 51  
DAP C5     C  Y N 52  
DAP C6     C  Y N 53  
DAP C7     C  Y N 54  
DAP C8     C  Y N 55  
DAP C9     C  Y N 56  
DAP C10    C  N N 57  
DAP N2     N  N N 58  
DAP N3     N  N N 59  
DAP "C1'"  C  Y N 60  
DAP "C2'"  C  Y N 61  
DAP "C3'"  C  Y N 62  
DAP "C4'"  C  Y N 63  
DAP "C5'"  C  Y N 64  
DAP "C6'"  C  Y N 65  
DAP C11    C  N N 66  
DAP N4     N  N N 67  
DAP N5     N  N N 68  
DAP HN1    H  N N 69  
DAP H3     H  N N 70  
DAP H4     H  N N 71  
DAP H5     H  N N 72  
DAP H7     H  N N 73  
DAP HN2    H  N N 74  
DAP HN31   H  N N 75  
DAP HN32   H  N N 76  
DAP "H2'"  H  N N 77  
DAP "H3'"  H  N N 78  
DAP "H5'"  H  N N 79  
DAP "H6'"  H  N N 80  
DAP HN4    H  N N 81  
DAP HN51   H  N N 82  
DAP HN52   H  N N 83  
DC  OP3    O  N N 84  
DC  P      P  N N 85  
DC  OP1    O  N N 86  
DC  OP2    O  N N 87  
DC  "O5'"  O  N N 88  
DC  "C5'"  C  N N 89  
DC  "C4'"  C  N R 90  
DC  "O4'"  O  N N 91  
DC  "C3'"  C  N S 92  
DC  "O3'"  O  N N 93  
DC  "C2'"  C  N N 94  
DC  "C1'"  C  N R 95  
DC  N1     N  N N 96  
DC  C2     C  N N 97  
DC  O2     O  N N 98  
DC  N3     N  N N 99  
DC  C4     C  N N 100 
DC  N4     N  N N 101 
DC  C5     C  N N 102 
DC  C6     C  N N 103 
DC  HOP3   H  N N 104 
DC  HOP2   H  N N 105 
DC  "H5'"  H  N N 106 
DC  "H5''" H  N N 107 
DC  "H4'"  H  N N 108 
DC  "H3'"  H  N N 109 
DC  "HO3'" H  N N 110 
DC  "H2'"  H  N N 111 
DC  "H2''" H  N N 112 
DC  "H1'"  H  N N 113 
DC  H41    H  N N 114 
DC  H42    H  N N 115 
DC  H5     H  N N 116 
DC  H6     H  N N 117 
DG  OP3    O  N N 118 
DG  P      P  N N 119 
DG  OP1    O  N N 120 
DG  OP2    O  N N 121 
DG  "O5'"  O  N N 122 
DG  "C5'"  C  N N 123 
DG  "C4'"  C  N R 124 
DG  "O4'"  O  N N 125 
DG  "C3'"  C  N S 126 
DG  "O3'"  O  N N 127 
DG  "C2'"  C  N N 128 
DG  "C1'"  C  N R 129 
DG  N9     N  Y N 130 
DG  C8     C  Y N 131 
DG  N7     N  Y N 132 
DG  C5     C  Y N 133 
DG  C6     C  N N 134 
DG  O6     O  N N 135 
DG  N1     N  N N 136 
DG  C2     C  N N 137 
DG  N2     N  N N 138 
DG  N3     N  N N 139 
DG  C4     C  Y N 140 
DG  HOP3   H  N N 141 
DG  HOP2   H  N N 142 
DG  "H5'"  H  N N 143 
DG  "H5''" H  N N 144 
DG  "H4'"  H  N N 145 
DG  "H3'"  H  N N 146 
DG  "HO3'" H  N N 147 
DG  "H2'"  H  N N 148 
DG  "H2''" H  N N 149 
DG  "H1'"  H  N N 150 
DG  H8     H  N N 151 
DG  H1     H  N N 152 
DG  H21    H  N N 153 
DG  H22    H  N N 154 
DT  OP3    O  N N 155 
DT  P      P  N N 156 
DT  OP1    O  N N 157 
DT  OP2    O  N N 158 
DT  "O5'"  O  N N 159 
DT  "C5'"  C  N N 160 
DT  "C4'"  C  N R 161 
DT  "O4'"  O  N N 162 
DT  "C3'"  C  N S 163 
DT  "O3'"  O  N N 164 
DT  "C2'"  C  N N 165 
DT  "C1'"  C  N R 166 
DT  N1     N  N N 167 
DT  C2     C  N N 168 
DT  O2     O  N N 169 
DT  N3     N  N N 170 
DT  C4     C  N N 171 
DT  O4     O  N N 172 
DT  C5     C  N N 173 
DT  C7     C  N N 174 
DT  C6     C  N N 175 
DT  HOP3   H  N N 176 
DT  HOP2   H  N N 177 
DT  "H5'"  H  N N 178 
DT  "H5''" H  N N 179 
DT  "H4'"  H  N N 180 
DT  "H3'"  H  N N 181 
DT  "HO3'" H  N N 182 
DT  "H2'"  H  N N 183 
DT  "H2''" H  N N 184 
DT  "H1'"  H  N N 185 
DT  H3     H  N N 186 
DT  H71    H  N N 187 
DT  H72    H  N N 188 
DT  H73    H  N N 189 
DT  H6     H  N N 190 
HOH O      O  N N 191 
HOH H1     H  N N 192 
HOH H2     H  N N 193 
MG  MG     MG N N 194 
# 
loop_
_chem_comp_bond.comp_id 
_chem_comp_bond.atom_id_1 
_chem_comp_bond.atom_id_2 
_chem_comp_bond.value_order 
_chem_comp_bond.pdbx_aromatic_flag 
_chem_comp_bond.pdbx_stereo_config 
_chem_comp_bond.pdbx_ordinal 
CAC AS    O1     doub N N 1   
CAC AS    O2     sing N N 2   
CAC AS    C1     sing N N 3   
CAC AS    C2     sing N N 4   
CAC C1    H11    sing N N 5   
CAC C1    H12    sing N N 6   
CAC C1    H13    sing N N 7   
CAC C2    H21    sing N N 8   
CAC C2    H22    sing N N 9   
CAC C2    H23    sing N N 10  
DA  OP3   P      sing N N 11  
DA  OP3   HOP3   sing N N 12  
DA  P     OP1    doub N N 13  
DA  P     OP2    sing N N 14  
DA  P     "O5'"  sing N N 15  
DA  OP2   HOP2   sing N N 16  
DA  "O5'" "C5'"  sing N N 17  
DA  "C5'" "C4'"  sing N N 18  
DA  "C5'" "H5'"  sing N N 19  
DA  "C5'" "H5''" sing N N 20  
DA  "C4'" "O4'"  sing N N 21  
DA  "C4'" "C3'"  sing N N 22  
DA  "C4'" "H4'"  sing N N 23  
DA  "O4'" "C1'"  sing N N 24  
DA  "C3'" "O3'"  sing N N 25  
DA  "C3'" "C2'"  sing N N 26  
DA  "C3'" "H3'"  sing N N 27  
DA  "O3'" "HO3'" sing N N 28  
DA  "C2'" "C1'"  sing N N 29  
DA  "C2'" "H2'"  sing N N 30  
DA  "C2'" "H2''" sing N N 31  
DA  "C1'" N9     sing N N 32  
DA  "C1'" "H1'"  sing N N 33  
DA  N9    C8     sing Y N 34  
DA  N9    C4     sing Y N 35  
DA  C8    N7     doub Y N 36  
DA  C8    H8     sing N N 37  
DA  N7    C5     sing Y N 38  
DA  C5    C6     sing Y N 39  
DA  C5    C4     doub Y N 40  
DA  C6    N6     sing N N 41  
DA  C6    N1     doub Y N 42  
DA  N6    H61    sing N N 43  
DA  N6    H62    sing N N 44  
DA  N1    C2     sing Y N 45  
DA  C2    N3     doub Y N 46  
DA  C2    H2     sing N N 47  
DA  N3    C4     sing Y N 48  
DAP N1    C2     sing Y N 49  
DAP N1    C8     sing Y N 50  
DAP N1    HN1    sing N N 51  
DAP C2    C3     doub Y N 52  
DAP C2    "C1'"  sing Y N 53  
DAP C3    C9     sing Y N 54  
DAP C3    H3     sing N N 55  
DAP C4    C5     doub Y N 56  
DAP C4    C9     sing Y N 57  
DAP C4    H4     sing N N 58  
DAP C5    C6     sing Y N 59  
DAP C5    H5     sing N N 60  
DAP C6    C7     doub Y N 61  
DAP C6    C10    sing N N 62  
DAP C7    C8     sing Y N 63  
DAP C7    H7     sing N N 64  
DAP C8    C9     doub Y N 65  
DAP C10   N2     doub N N 66  
DAP C10   N3     sing N N 67  
DAP N2    HN2    sing N N 68  
DAP N3    HN31   sing N N 69  
DAP N3    HN32   sing N N 70  
DAP "C1'" "C2'"  doub Y N 71  
DAP "C1'" "C6'"  sing Y N 72  
DAP "C2'" "C3'"  sing Y N 73  
DAP "C2'" "H2'"  sing N N 74  
DAP "C3'" "C4'"  doub Y N 75  
DAP "C3'" "H3'"  sing N N 76  
DAP "C4'" "C5'"  sing Y N 77  
DAP "C4'" C11    sing N N 78  
DAP "C5'" "C6'"  doub Y N 79  
DAP "C5'" "H5'"  sing N N 80  
DAP "C6'" "H6'"  sing N N 81  
DAP C11   N4     doub N N 82  
DAP C11   N5     sing N N 83  
DAP N4    HN4    sing N N 84  
DAP N5    HN51   sing N N 85  
DAP N5    HN52   sing N N 86  
DC  OP3   P      sing N N 87  
DC  OP3   HOP3   sing N N 88  
DC  P     OP1    doub N N 89  
DC  P     OP2    sing N N 90  
DC  P     "O5'"  sing N N 91  
DC  OP2   HOP2   sing N N 92  
DC  "O5'" "C5'"  sing N N 93  
DC  "C5'" "C4'"  sing N N 94  
DC  "C5'" "H5'"  sing N N 95  
DC  "C5'" "H5''" sing N N 96  
DC  "C4'" "O4'"  sing N N 97  
DC  "C4'" "C3'"  sing N N 98  
DC  "C4'" "H4'"  sing N N 99  
DC  "O4'" "C1'"  sing N N 100 
DC  "C3'" "O3'"  sing N N 101 
DC  "C3'" "C2'"  sing N N 102 
DC  "C3'" "H3'"  sing N N 103 
DC  "O3'" "HO3'" sing N N 104 
DC  "C2'" "C1'"  sing N N 105 
DC  "C2'" "H2'"  sing N N 106 
DC  "C2'" "H2''" sing N N 107 
DC  "C1'" N1     sing N N 108 
DC  "C1'" "H1'"  sing N N 109 
DC  N1    C2     sing N N 110 
DC  N1    C6     sing N N 111 
DC  C2    O2     doub N N 112 
DC  C2    N3     sing N N 113 
DC  N3    C4     doub N N 114 
DC  C4    N4     sing N N 115 
DC  C4    C5     sing N N 116 
DC  N4    H41    sing N N 117 
DC  N4    H42    sing N N 118 
DC  C5    C6     doub N N 119 
DC  C5    H5     sing N N 120 
DC  C6    H6     sing N N 121 
DG  OP3   P      sing N N 122 
DG  OP3   HOP3   sing N N 123 
DG  P     OP1    doub N N 124 
DG  P     OP2    sing N N 125 
DG  P     "O5'"  sing N N 126 
DG  OP2   HOP2   sing N N 127 
DG  "O5'" "C5'"  sing N N 128 
DG  "C5'" "C4'"  sing N N 129 
DG  "C5'" "H5'"  sing N N 130 
DG  "C5'" "H5''" sing N N 131 
DG  "C4'" "O4'"  sing N N 132 
DG  "C4'" "C3'"  sing N N 133 
DG  "C4'" "H4'"  sing N N 134 
DG  "O4'" "C1'"  sing N N 135 
DG  "C3'" "O3'"  sing N N 136 
DG  "C3'" "C2'"  sing N N 137 
DG  "C3'" "H3'"  sing N N 138 
DG  "O3'" "HO3'" sing N N 139 
DG  "C2'" "C1'"  sing N N 140 
DG  "C2'" "H2'"  sing N N 141 
DG  "C2'" "H2''" sing N N 142 
DG  "C1'" N9     sing N N 143 
DG  "C1'" "H1'"  sing N N 144 
DG  N9    C8     sing Y N 145 
DG  N9    C4     sing Y N 146 
DG  C8    N7     doub Y N 147 
DG  C8    H8     sing N N 148 
DG  N7    C5     sing Y N 149 
DG  C5    C6     sing N N 150 
DG  C5    C4     doub Y N 151 
DG  C6    O6     doub N N 152 
DG  C6    N1     sing N N 153 
DG  N1    C2     sing N N 154 
DG  N1    H1     sing N N 155 
DG  C2    N2     sing N N 156 
DG  C2    N3     doub N N 157 
DG  N2    H21    sing N N 158 
DG  N2    H22    sing N N 159 
DG  N3    C4     sing N N 160 
DT  OP3   P      sing N N 161 
DT  OP3   HOP3   sing N N 162 
DT  P     OP1    doub N N 163 
DT  P     OP2    sing N N 164 
DT  P     "O5'"  sing N N 165 
DT  OP2   HOP2   sing N N 166 
DT  "O5'" "C5'"  sing N N 167 
DT  "C5'" "C4'"  sing N N 168 
DT  "C5'" "H5'"  sing N N 169 
DT  "C5'" "H5''" sing N N 170 
DT  "C4'" "O4'"  sing N N 171 
DT  "C4'" "C3'"  sing N N 172 
DT  "C4'" "H4'"  sing N N 173 
DT  "O4'" "C1'"  sing N N 174 
DT  "C3'" "O3'"  sing N N 175 
DT  "C3'" "C2'"  sing N N 176 
DT  "C3'" "H3'"  sing N N 177 
DT  "O3'" "HO3'" sing N N 178 
DT  "C2'" "C1'"  sing N N 179 
DT  "C2'" "H2'"  sing N N 180 
DT  "C2'" "H2''" sing N N 181 
DT  "C1'" N1     sing N N 182 
DT  "C1'" "H1'"  sing N N 183 
DT  N1    C2     sing N N 184 
DT  N1    C6     sing N N 185 
DT  C2    O2     doub N N 186 
DT  C2    N3     sing N N 187 
DT  N3    C4     sing N N 188 
DT  N3    H3     sing N N 189 
DT  C4    O4     doub N N 190 
DT  C4    C5     sing N N 191 
DT  C5    C7     sing N N 192 
DT  C5    C6     doub N N 193 
DT  C7    H71    sing N N 194 
DT  C7    H72    sing N N 195 
DT  C7    H73    sing N N 196 
DT  C6    H6     sing N N 197 
HOH O     H1     sing N N 198 
HOH O     H2     sing N N 199 
# 
loop_
_ndb_struct_conf_na.entry_id 
_ndb_struct_conf_na.feature 
8TDT 'double helix'        
8TDT 'a-form double helix' 
8TDT 'b-form double helix' 
# 
loop_
_ndb_struct_na_base_pair.model_number 
_ndb_struct_na_base_pair.i_label_asym_id 
_ndb_struct_na_base_pair.i_label_comp_id 
_ndb_struct_na_base_pair.i_label_seq_id 
_ndb_struct_na_base_pair.i_symmetry 
_ndb_struct_na_base_pair.j_label_asym_id 
_ndb_struct_na_base_pair.j_label_comp_id 
_ndb_struct_na_base_pair.j_label_seq_id 
_ndb_struct_na_base_pair.j_symmetry 
_ndb_struct_na_base_pair.shear 
_ndb_struct_na_base_pair.stretch 
_ndb_struct_na_base_pair.stagger 
_ndb_struct_na_base_pair.buckle 
_ndb_struct_na_base_pair.propeller 
_ndb_struct_na_base_pair.opening 
_ndb_struct_na_base_pair.pair_number 
_ndb_struct_na_base_pair.pair_name 
_ndb_struct_na_base_pair.i_auth_asym_id 
_ndb_struct_na_base_pair.i_auth_seq_id 
_ndb_struct_na_base_pair.i_PDB_ins_code 
_ndb_struct_na_base_pair.j_auth_asym_id 
_ndb_struct_na_base_pair.j_auth_seq_id 
_ndb_struct_na_base_pair.j_PDB_ins_code 
_ndb_struct_na_base_pair.hbond_type_28 
_ndb_struct_na_base_pair.hbond_type_12 
1 A DG 3  1_555 D DC 7 1_555 -0.201 -0.170 0.535  1.465  -15.388 -5.126 1  A_DG3:DC16_D A 3  ? D 16 ? 19 1 
1 A DC 4  1_555 D DG 6 1_555 0.214  -0.115 0.242  -3.251 -10.302 0.899  2  A_DC4:DG15_D A 4  ? D 15 ? 19 1 
1 A DA 5  1_555 D DT 5 1_555 0.169  -0.060 0.648  -1.170 -12.250 -5.778 3  A_DA5:DT14_D A 5  ? D 14 ? 20 1 
1 A DG 6  1_555 D DC 4 1_555 -0.112 -0.328 0.679  0.191  -11.536 -2.379 4  A_DG6:DC13_D A 6  ? D 13 ? 19 1 
1 A DA 7  1_555 D DT 3 1_555 0.050  -0.163 0.415  1.019  -7.316  -0.884 5  A_DA7:DT12_D A 7  ? D 12 ? 20 1 
1 A DC 8  1_555 D DG 2 1_555 0.285  -0.215 0.102  13.979 -5.542  0.570  6  A_DC8:DG11_D A 8  ? D 11 ? 19 1 
1 A DC 9  1_555 D DG 1 1_555 0.163  -0.214 0.006  -0.495 -4.273  -0.218 7  A_DC9:DG10_D A 9  ? D 10 ? 19 1 
1 A DT 10 1_555 B DA 6 1_555 -0.252 0.037  0.384  -6.030 -1.817  3.916  8  A_DT10:DA5_B A 10 ? B 5  ? 20 1 
1 A DG 11 1_555 B DC 5 1_555 -0.159 -0.162 0.282  6.183  0.084   1.531  9  A_DG11:DC4_B A 11 ? B 4  ? 19 1 
1 A DA 12 1_555 B DT 4 1_555 0.339  -0.110 0.427  0.906  -5.683  -5.644 10 A_DA12:DT3_B A 12 ? B 3  ? 20 1 
1 A DC 13 1_555 B DG 3 1_555 0.119  -0.199 0.236  -4.483 -6.164  -4.051 11 A_DC13:DG2_B A 13 ? B 2  ? 19 1 
1 A DG 14 1_555 B DC 2 1_555 -0.164 -0.093 0.382  8.213  -8.336  -1.925 12 A_DG14:DC1_B A 14 ? B 1  ? 19 1 
1 A DG 15 1_555 B DC 1 1_555 -0.063 -0.171 0.316  6.709  -12.452 0.944  13 A_DG15:DC0_B A 15 ? B 0  ? 19 1 
1 A DA 16 1_555 C DT 8 1_555 0.118  -0.111 0.668  8.412  -9.519  2.307  14 A_DA16:DT8_C A 16 ? C 8  ? 20 1 
1 A DA 17 1_555 C DT 7 1_555 0.503  -0.169 0.176  2.396  -19.587 -2.302 15 A_DA17:DT7_C A 17 ? C 7  ? 20 1 
1 A DA 18 1_555 C DT 6 1_555 -0.121 -0.327 -0.103 -4.771 -9.304  -1.507 16 A_DA18:DT6_C A 18 ? C 6  ? 20 1 
1 A DT 19 1_555 C DA 5 1_555 -0.041 -0.324 -0.296 -1.331 -11.965 5.104  17 A_DT19:DA5_C A 19 ? C 5  ? 20 1 
1 A DT 20 1_555 C DA 4 1_555 -0.029 -0.020 -0.456 -0.172 -20.322 4.654  18 A_DT20:DA4_C A 20 ? C 4  ? 20 1 
1 A DA 21 1_555 C DT 3 1_555 0.078  -0.050 -0.476 -5.302 -16.690 5.172  19 A_DA21:DT3_C A 21 ? C 3  ? 20 1 
# 
loop_
_ndb_struct_na_base_pair_step.model_number 
_ndb_struct_na_base_pair_step.i_label_asym_id_1 
_ndb_struct_na_base_pair_step.i_label_comp_id_1 
_ndb_struct_na_base_pair_step.i_label_seq_id_1 
_ndb_struct_na_base_pair_step.i_symmetry_1 
_ndb_struct_na_base_pair_step.j_label_asym_id_1 
_ndb_struct_na_base_pair_step.j_label_comp_id_1 
_ndb_struct_na_base_pair_step.j_label_seq_id_1 
_ndb_struct_na_base_pair_step.j_symmetry_1 
_ndb_struct_na_base_pair_step.i_label_asym_id_2 
_ndb_struct_na_base_pair_step.i_label_comp_id_2 
_ndb_struct_na_base_pair_step.i_label_seq_id_2 
_ndb_struct_na_base_pair_step.i_symmetry_2 
_ndb_struct_na_base_pair_step.j_label_asym_id_2 
_ndb_struct_na_base_pair_step.j_label_comp_id_2 
_ndb_struct_na_base_pair_step.j_label_seq_id_2 
_ndb_struct_na_base_pair_step.j_symmetry_2 
_ndb_struct_na_base_pair_step.shift 
_ndb_struct_na_base_pair_step.slide 
_ndb_struct_na_base_pair_step.rise 
_ndb_struct_na_base_pair_step.tilt 
_ndb_struct_na_base_pair_step.roll 
_ndb_struct_na_base_pair_step.twist 
_ndb_struct_na_base_pair_step.x_displacement 
_ndb_struct_na_base_pair_step.y_displacement 
_ndb_struct_na_base_pair_step.helical_rise 
_ndb_struct_na_base_pair_step.inclination 
_ndb_struct_na_base_pair_step.tip 
_ndb_struct_na_base_pair_step.helical_twist 
_ndb_struct_na_base_pair_step.step_number 
_ndb_struct_na_base_pair_step.step_name 
_ndb_struct_na_base_pair_step.i_auth_asym_id_1 
_ndb_struct_na_base_pair_step.i_auth_seq_id_1 
_ndb_struct_na_base_pair_step.i_PDB_ins_code_1 
_ndb_struct_na_base_pair_step.j_auth_asym_id_1 
_ndb_struct_na_base_pair_step.j_auth_seq_id_1 
_ndb_struct_na_base_pair_step.j_PDB_ins_code_1 
_ndb_struct_na_base_pair_step.i_auth_asym_id_2 
_ndb_struct_na_base_pair_step.i_auth_seq_id_2 
_ndb_struct_na_base_pair_step.i_PDB_ins_code_2 
_ndb_struct_na_base_pair_step.j_auth_asym_id_2 
_ndb_struct_na_base_pair_step.j_auth_seq_id_2 
_ndb_struct_na_base_pair_step.j_PDB_ins_code_2 
1 A DG 3  1_555 D DC 7 1_555 A DC 4  1_555 D DG 6 1_555 -0.054 -0.750 3.485 3.063  -2.896 37.560 -0.757 0.507  3.516 -4.480 -4.738 
37.787 1  AA_DG3DC4:DG15DC16_DD A 3  ? D 16 ? A 4  ? D 15 ? 
1 A DC 4  1_555 D DG 6 1_555 A DA 5  1_555 D DT 5 1_555 -0.488 0.362  3.265 -4.324 3.066  33.767 0.125  0.138  3.319 5.238  7.387  
34.169 2  AA_DC4DA5:DT14DG15_DD A 4  ? D 15 ? A 5  ? D 14 ? 
1 A DA 5  1_555 D DT 5 1_555 A DG 6  1_555 D DC 4 1_555 0.361  -0.888 3.276 -1.415 1.459  30.895 -1.943 -0.947 3.212 2.736  2.653  
30.960 3  AA_DA5DG6:DC13DT14_DD A 5  ? D 14 ? A 6  ? D 13 ? 
1 A DG 6  1_555 D DC 4 1_555 A DA 7  1_555 D DT 3 1_555 0.286  -0.699 3.267 0.446  -1.235 34.278 -0.991 -0.415 3.293 -2.094 -0.757 
34.302 4  AA_DG6DA7:DT12DC13_DD A 6  ? D 13 ? A 7  ? D 12 ? 
1 A DA 7  1_555 D DT 3 1_555 A DC 8  1_555 D DG 2 1_555 0.398  -0.614 3.002 1.293  3.123  35.028 -1.439 -0.482 2.950 5.174  -2.141 
35.186 5  AA_DA7DC8:DG11DT12_DD A 7  ? D 12 ? A 8  ? D 11 ? 
1 A DC 8  1_555 D DG 2 1_555 A DC 9  1_555 D DG 1 1_555 -0.475 -2.032 3.551 -4.524 4.342  33.284 -4.230 0.045  3.302 7.497  7.812  
33.853 6  AA_DC8DC9:DG10DG11_DD A 8  ? D 11 ? A 9  ? D 10 ? 
1 A DC 9  1_555 D DG 1 1_555 A DT 10 1_555 B DA 6 1_555 -0.892 -1.431 3.547 -1.904 -3.489 25.984 -2.094 1.386  3.758 -7.703 4.204  
26.282 7  AA_DC9DT10:DA5DG10_BD A 9  ? D 10 ? A 10 ? B 5  ? 
1 A DT 10 1_555 B DA 6 1_555 A DG 11 1_555 B DC 5 1_555 0.049  0.986  3.158 1.150  3.657  26.757 1.193  0.183  3.260 7.850  -2.469 
27.025 8  AA_DT10DG11:DC4DA5_BB A 10 ? B 5  ? A 11 ? B 4  ? 
1 A DG 11 1_555 B DC 5 1_555 A DA 12 1_555 B DT 4 1_555 -0.853 0.233  3.486 -3.486 6.112  40.292 -0.393 0.807  3.542 8.792  5.014  
40.877 9  AA_DG11DA12:DT3DC4_BB A 11 ? B 4  ? A 12 ? B 3  ? 
1 A DA 12 1_555 B DT 4 1_555 A DC 13 1_555 B DG 3 1_555 0.615  -1.116 3.353 1.358  1.066  32.568 -2.177 -0.854 3.338 1.899  -2.419 
32.613 10 AA_DA12DC13:DG2DT3_BB A 12 ? B 3  ? A 13 ? B 2  ? 
1 A DC 13 1_555 B DG 3 1_555 A DG 14 1_555 B DC 2 1_555 -0.360 0.246  3.109 -2.116 3.912  31.302 -0.243 0.284  3.132 7.205  3.898  
31.608 11 AA_DC13DG14:DC1DG2_BB A 13 ? B 2  ? A 14 ? B 1  ? 
1 A DG 14 1_555 B DC 2 1_555 A DG 15 1_555 B DC 1 1_555 0.340  -0.831 3.298 -3.291 4.619  34.939 -2.040 -1.038 3.122 7.631  5.436  
35.382 12 AA_DG14DG15:DC0DC1_BB A 14 ? B 1  ? A 15 ? B 0  ? 
1 A DG 15 1_555 B DC 1 1_555 A DA 16 1_555 C DT 8 1_555 -0.600 -0.638 3.136 -3.789 -2.236 33.011 -0.749 0.432  3.218 -3.914 6.631  
33.295 13 AA_DG15DA16:DT8DC0_CB A 15 ? B 0  ? A 16 ? C 8  ? 
1 A DA 16 1_555 C DT 8 1_555 A DA 17 1_555 C DT 7 1_555 -1.004 0.062  3.462 -1.586 -4.072 37.808 0.646  1.326  3.475 -6.258 2.438  
38.050 14 AA_DA16DA17:DT7DT8_CC A 16 ? C 8  ? A 17 ? C 7  ? 
1 A DA 17 1_555 C DT 7 1_555 A DA 18 1_555 C DT 6 1_555 0.225  -0.663 3.258 -2.432 2.328  36.723 -1.359 -0.682 3.191 3.686  3.851  
36.872 15 AA_DA17DA18:DT6DT7_CC A 17 ? C 7  ? A 18 ? C 6  ? 
1 A DA 18 1_555 C DT 6 1_555 A DT 19 1_555 C DA 5 1_555 0.263  -0.707 3.105 1.401  0.779  33.962 -1.328 -0.238 3.096 1.333  -2.397 
33.998 16 AA_DA18DT19:DA5DT6_CC A 18 ? C 6  ? A 19 ? C 5  ? 
1 A DT 19 1_555 C DA 5 1_555 A DT 20 1_555 C DA 4 1_555 -0.218 -0.006 3.225 3.639  0.726  32.317 -0.135 1.014  3.182 1.299  -6.512 
32.523 17 AA_DT19DT20:DA4DA5_CC A 19 ? C 5  ? A 20 ? C 4  ? 
1 A DT 20 1_555 C DA 4 1_555 A DA 21 1_555 C DT 3 1_555 0.044  2.063  3.510 -0.208 2.731  43.337 2.500  -0.081 3.627 3.693  0.281  
43.420 18 AA_DT20DA21:DT3DA4_CC A 20 ? C 4  ? A 21 ? C 3  ? 
# 
loop_
_pdbx_audit_support.funding_organization 
_pdbx_audit_support.country 
_pdbx_audit_support.grant_number 
_pdbx_audit_support.ordinal 
'National Science Foundation (NSF, United States)'                                         'United States' 1360635     1 
'National Institutes of Health/National Institute of General Medical Sciences (NIH/NIGMS)' 'United States' R01GM104960 2 
'National Science Foundation (NSF, United States)'                                         'United States' NSF2004250  3 
# 
loop_
_pdbx_entity_nonpoly.entity_id 
_pdbx_entity_nonpoly.name 
_pdbx_entity_nonpoly.comp_id 
5 'CACODYLATE ION'                       CAC 
6 'MAGNESIUM ION'                        MG  
7 '6-AMIDINE-2-(4-AMIDINO-PHENYL)INDOLE' DAP 
8 water                                  HOH 
# 
_pdbx_initial_refinement_model.id               1 
_pdbx_initial_refinement_model.entity_id_list   ? 
_pdbx_initial_refinement_model.type             'experimental model' 
_pdbx_initial_refinement_model.source_name      PDB 
_pdbx_initial_refinement_model.accession_code   5VY6 
_pdbx_initial_refinement_model.details          ? 
# 
